data_5LAZ
# 
_entry.id   5LAZ 
# 
_audit_conform.dict_name       mmcif_pdbx.dic 
_audit_conform.dict_version    5.391 
_audit_conform.dict_location   http://mmcif.pdb.org/dictionaries/ascii/mmcif_pdbx.dic 
# 
loop_
_database_2.database_id 
_database_2.database_code 
_database_2.pdbx_database_accession 
_database_2.pdbx_DOI 
PDB   5LAZ         pdb_00005laz 10.2210/pdb5laz/pdb 
WWPDB D_1200000456 ?            ?                   
# 
loop_
_pdbx_audit_revision_history.ordinal 
_pdbx_audit_revision_history.data_content_type 
_pdbx_audit_revision_history.major_revision 
_pdbx_audit_revision_history.minor_revision 
_pdbx_audit_revision_history.revision_date 
1 'Structure model' 1 0 2016-11-02 
2 'Structure model' 1 1 2016-12-21 
3 'Structure model' 1 2 2019-06-12 
4 'Structure model' 1 3 2024-05-08 
# 
_pdbx_audit_revision_details.ordinal             1 
_pdbx_audit_revision_details.revision_ordinal    1 
_pdbx_audit_revision_details.data_content_type   'Structure model' 
_pdbx_audit_revision_details.provider            repository 
_pdbx_audit_revision_details.type                'Initial release' 
_pdbx_audit_revision_details.description         ? 
_pdbx_audit_revision_details.details             ? 
# 
loop_
_pdbx_audit_revision_group.ordinal 
_pdbx_audit_revision_group.revision_ordinal 
_pdbx_audit_revision_group.data_content_type 
_pdbx_audit_revision_group.group 
1 2 'Structure model' 'Database references' 
2 3 'Structure model' Advisory              
3 3 'Structure model' 'Data collection'     
4 3 'Structure model' 'Structure summary'   
5 4 'Structure model' Advisory              
6 4 'Structure model' 'Data collection'     
7 4 'Structure model' 'Database references' 
# 
loop_
_pdbx_audit_revision_category.ordinal 
_pdbx_audit_revision_category.revision_ordinal 
_pdbx_audit_revision_category.data_content_type 
_pdbx_audit_revision_category.category 
1 3 'Structure model' audit_author                 
2 3 'Structure model' database_PDB_rev             
3 3 'Structure model' database_PDB_rev_record      
4 3 'Structure model' pdbx_unobs_or_zero_occ_atoms 
5 4 'Structure model' chem_comp_atom               
6 4 'Structure model' chem_comp_bond               
7 4 'Structure model' database_2                   
8 4 'Structure model' diffrn_radiation_wavelength  
9 4 'Structure model' pdbx_unobs_or_zero_occ_atoms 
# 
loop_
_pdbx_audit_revision_item.ordinal 
_pdbx_audit_revision_item.revision_ordinal 
_pdbx_audit_revision_item.data_content_type 
_pdbx_audit_revision_item.item 
1 3 'Structure model' '_audit_author.name'                  
2 4 'Structure model' '_database_2.pdbx_DOI'                
3 4 'Structure model' '_database_2.pdbx_database_accession' 
# 
_pdbx_database_status.status_code                     REL 
_pdbx_database_status.status_code_sf                  REL 
_pdbx_database_status.status_code_mr                  ? 
_pdbx_database_status.entry_id                        5LAZ 
_pdbx_database_status.recvd_initial_deposition_date   2016-06-15 
_pdbx_database_status.SG_entry                        N 
_pdbx_database_status.deposit_site                    PDBE 
_pdbx_database_status.process_site                    PDBE 
_pdbx_database_status.status_code_cs                  ? 
_pdbx_database_status.methods_development_category    ? 
_pdbx_database_status.pdb_format_compatible           Y 
_pdbx_database_status.status_code_nmr_data            ? 
# 
loop_
_audit_author.name 
_audit_author.pdbx_ordinal 
'Kessler, D.' 1 
'Gollner, A.' 2 
# 
_citation.abstract                  ? 
_citation.abstract_id_CAS           ? 
_citation.book_id_ISBN              ? 
_citation.book_publisher            ? 
_citation.book_publisher_city       ? 
_citation.book_title                ? 
_citation.coordinate_linkage        ? 
_citation.country                   US 
_citation.database_id_Medline       ? 
_citation.details                   ? 
_citation.id                        primary 
_citation.journal_abbrev            'J. Med. Chem.' 
_citation.journal_id_ASTM           JMCMAR 
_citation.journal_id_CSD            0151 
_citation.journal_id_ISSN           1520-4804 
_citation.journal_full              ? 
_citation.journal_issue             ? 
_citation.journal_volume            59 
_citation.language                  ? 
_citation.page_first                10147 
_citation.page_last                 10162 
_citation.title                     
;Discovery of Novel Spiro[3H-indole-3,2'-pyrrolidin]-2(1H)-one Compounds as Chemically Stable and Orally Active Inhibitors of the MDM2-p53 Interaction.
;
_citation.year                      2016 
_citation.database_id_CSD           ? 
_citation.pdbx_database_id_DOI      10.1021/acs.jmedchem.6b00900 
_citation.pdbx_database_id_PubMed   27775892 
_citation.unpublished_flag          ? 
# 
loop_
_citation_author.citation_id 
_citation_author.name 
_citation_author.ordinal 
_citation_author.identifier_ORCID 
primary 'Gollner, A.'            1  ? 
primary 'Rudolph, D.'            2  ? 
primary 'Arnhof, H.'             3  ? 
primary 'Bauer, M.'              4  ? 
primary 'Blake, S.M.'            5  ? 
primary 'Boehmelt, G.'           6  ? 
primary 'Cockroft, X.L.'         7  ? 
primary 'Dahmann, G.'            8  ? 
primary 'Ettmayer, P.'           9  ? 
primary 'Gerstberger, T.'        10 ? 
primary 'Karolyi-Oezguer, J.'    11 ? 
primary 'Kessler, D.'            12 ? 
primary 'Kofink, C.'             13 ? 
primary 'Ramharter, J.'          14 ? 
primary 'Rinnenthal, J.'         15 ? 
primary 'Savchenko, A.'          16 ? 
primary 'Schnitzer, R.'          17 ? 
primary 'Weinstabl, H.'          18 ? 
primary 'Weyer-Czernilofsky, U.' 19 ? 
primary 'Wunberg, T.'            20 ? 
primary 'McConnell, D.B.'        21 ? 
# 
loop_
_entity.id 
_entity.type 
_entity.src_method 
_entity.pdbx_description 
_entity.formula_weight 
_entity.pdbx_number_of_molecules 
_entity.pdbx_ec 
_entity.pdbx_mutation 
_entity.pdbx_fragment 
_entity.details 
1 polymer     nat 'E3 ubiquitin-protein ligase Mdm2' 11011.923 1  6.3.2.- ? ? ? 
2 non-polymer syn 
;4-[(2~{R},3~{a}~{S},5~{S},6~{S},6~{a}~{S})-6'-chloranyl-6-(3-chloranyl-2-fluoranyl-phenyl)-4-(cyclopropylmethyl)-2'-oxidanylidene-spiro[1,2,3,3~{a},6,6~{a}-hexahydropyrrolo[3,2-b]pyrrole-5,3'-1~{H}-indole]-2-yl]benzoic acid
;
566.450   1  ?       ? ? ? 
3 non-polymer syn 'ZINC ION' 65.409    1  ?       ? ? ? 
4 non-polymer syn 'SULFATE ION' 96.063    1  ?       ? ? ? 
5 water       nat water 18.015    35 ?       ? ? ? 
# 
_entity_name_com.entity_id   1 
_entity_name_com.name        'Double minute 2 protein,Hdm2,Oncoprotein Mdm2,p53-binding protein Mdm2' 
# 
_entity_poly.entity_id                      1 
_entity_poly.type                           'polypeptide(L)' 
_entity_poly.nstd_linkage                   no 
_entity_poly.nstd_monomer                   no 
_entity_poly.pdbx_seq_one_letter_code       
;QIPASEQETLVRPKPLLLKLLKSVGAQKDTYTMKEVLFYLGQYIMTKRLYDEKQQHIVYCSNDLLGDLFGVPSFSVKEHR
KIYTMIYRNLVVVN
;
_entity_poly.pdbx_seq_one_letter_code_can   
;QIPASEQETLVRPKPLLLKLLKSVGAQKDTYTMKEVLFYLGQYIMTKRLYDEKQQHIVYCSNDLLGDLFGVPSFSVKEHR
KIYTMIYRNLVVVN
;
_entity_poly.pdbx_strand_id                 A 
_entity_poly.pdbx_target_identifier         ? 
# 
loop_
_pdbx_entity_nonpoly.entity_id 
_pdbx_entity_nonpoly.name 
_pdbx_entity_nonpoly.comp_id 
2 
;4-[(2~{R},3~{a}~{S},5~{S},6~{S},6~{a}~{S})-6'-chloranyl-6-(3-chloranyl-2-fluoranyl-phenyl)-4-(cyclopropylmethyl)-2'-oxidanylidene-spiro[1,2,3,3~{a},6,6~{a}-hexahydropyrrolo[3,2-b]pyrrole-5,3'-1~{H}-indole]-2-yl]benzoic acid
;
6ST 
3 'ZINC ION' ZN  
4 'SULFATE ION' SO4 
5 water HOH 
# 
loop_
_entity_poly_seq.entity_id 
_entity_poly_seq.num 
_entity_poly_seq.mon_id 
_entity_poly_seq.hetero 
1 1  GLN n 
1 2  ILE n 
1 3  PRO n 
1 4  ALA n 
1 5  SER n 
1 6  GLU n 
1 7  GLN n 
1 8  GLU n 
1 9  THR n 
1 10 LEU n 
1 11 VAL n 
1 12 ARG n 
1 13 PRO n 
1 14 LYS n 
1 15 PRO n 
1 16 LEU n 
1 17 LEU n 
1 18 LEU n 
1 19 LYS n 
1 20 LEU n 
1 21 LEU n 
1 22 LYS n 
1 23 SER n 
1 24 VAL n 
1 25 GLY n 
1 26 ALA n 
1 27 GLN n 
1 28 LYS n 
1 29 ASP n 
1 30 THR n 
1 31 TYR n 
1 32 THR n 
1 33 MET n 
1 34 LYS n 
1 35 GLU n 
1 36 VAL n 
1 37 LEU n 
1 38 PHE n 
1 39 TYR n 
1 40 LEU n 
1 41 GLY n 
1 42 GLN n 
1 43 TYR n 
1 44 ILE n 
1 45 MET n 
1 46 THR n 
1 47 LYS n 
1 48 ARG n 
1 49 LEU n 
1 50 TYR n 
1 51 ASP n 
1 52 GLU n 
1 53 LYS n 
1 54 GLN n 
1 55 GLN n 
1 56 HIS n 
1 57 ILE n 
1 58 VAL n 
1 59 TYR n 
1 60 CYS n 
1 61 SER n 
1 62 ASN n 
1 63 ASP n 
1 64 LEU n 
1 65 LEU n 
1 66 GLY n 
1 67 ASP n 
1 68 LEU n 
1 69 PHE n 
1 70 GLY n 
1 71 VAL n 
1 72 PRO n 
1 73 SER n 
1 74 PHE n 
1 75 SER n 
1 76 VAL n 
1 77 LYS n 
1 78 GLU n 
1 79 HIS n 
1 80 ARG n 
1 81 LYS n 
1 82 ILE n 
1 83 TYR n 
1 84 THR n 
1 85 MET n 
1 86 ILE n 
1 87 TYR n 
1 88 ARG n 
1 89 ASN n 
1 90 LEU n 
1 91 VAL n 
1 92 VAL n 
1 93 VAL n 
1 94 ASN n 
# 
_entity_src_nat.entity_id                  1 
_entity_src_nat.pdbx_src_id                1 
_entity_src_nat.pdbx_alt_source_flag       sample 
_entity_src_nat.pdbx_beg_seq_num           1 
_entity_src_nat.pdbx_end_seq_num           94 
_entity_src_nat.common_name                Human 
_entity_src_nat.pdbx_organism_scientific   'Homo sapiens' 
_entity_src_nat.pdbx_ncbi_taxonomy_id      9606 
_entity_src_nat.genus                      ? 
_entity_src_nat.species                    ? 
_entity_src_nat.strain                     ? 
_entity_src_nat.tissue                     ? 
_entity_src_nat.tissue_fraction            ? 
_entity_src_nat.pdbx_secretion             ? 
_entity_src_nat.pdbx_fragment              ? 
_entity_src_nat.pdbx_variant               ? 
_entity_src_nat.pdbx_cell_line             ? 
_entity_src_nat.pdbx_atcc                  ? 
_entity_src_nat.pdbx_cellular_location     ? 
_entity_src_nat.pdbx_organ                 ? 
_entity_src_nat.pdbx_organelle             ? 
_entity_src_nat.pdbx_cell                  ? 
_entity_src_nat.pdbx_plasmid_name          ? 
_entity_src_nat.pdbx_plasmid_details       ? 
_entity_src_nat.details                    EXTERNAL 
# 
loop_
_chem_comp.id 
_chem_comp.type 
_chem_comp.mon_nstd_flag 
_chem_comp.name 
_chem_comp.pdbx_synonyms 
_chem_comp.formula 
_chem_comp.formula_weight 
6ST non-polymer         . 
;4-[(2~{R},3~{a}~{S},5~{S},6~{S},6~{a}~{S})-6'-chloranyl-6-(3-chloranyl-2-fluoranyl-phenyl)-4-(cyclopropylmethyl)-2'-oxidanylidene-spiro[1,2,3,3~{a},6,6~{a}-hexahydropyrrolo[3,2-b]pyrrole-5,3'-1~{H}-indole]-2-yl]benzoic acid
;
? 'C30 H26 Cl2 F N3 O3' 566.450 
ALA 'L-peptide linking' y ALANINE ? 'C3 H7 N O2'          89.093  
ARG 'L-peptide linking' y ARGININE ? 'C6 H15 N4 O2 1'      175.209 
ASN 'L-peptide linking' y ASPARAGINE ? 'C4 H8 N2 O3'         132.118 
ASP 'L-peptide linking' y 'ASPARTIC ACID' ? 'C4 H7 N O4'          133.103 
CYS 'L-peptide linking' y CYSTEINE ? 'C3 H7 N O2 S'        121.158 
GLN 'L-peptide linking' y GLUTAMINE ? 'C5 H10 N2 O3'        146.144 
GLU 'L-peptide linking' y 'GLUTAMIC ACID' ? 'C5 H9 N O4'          147.129 
GLY 'peptide linking'   y GLYCINE ? 'C2 H5 N O2'          75.067  
HIS 'L-peptide linking' y HISTIDINE ? 'C6 H10 N3 O2 1'      156.162 
HOH non-polymer         . WATER ? 'H2 O'                18.015  
ILE 'L-peptide linking' y ISOLEUCINE ? 'C6 H13 N O2'         131.173 
LEU 'L-peptide linking' y LEUCINE ? 'C6 H13 N O2'         131.173 
LYS 'L-peptide linking' y LYSINE ? 'C6 H15 N2 O2 1'      147.195 
MET 'L-peptide linking' y METHIONINE ? 'C5 H11 N O2 S'       149.211 
PHE 'L-peptide linking' y PHENYLALANINE ? 'C9 H11 N O2'         165.189 
PRO 'L-peptide linking' y PROLINE ? 'C5 H9 N O2'          115.130 
SER 'L-peptide linking' y SERINE ? 'C3 H7 N O3'          105.093 
SO4 non-polymer         . 'SULFATE ION' ? 'O4 S -2'             96.063  
THR 'L-peptide linking' y THREONINE ? 'C4 H9 N O3'          119.119 
TYR 'L-peptide linking' y TYROSINE ? 'C9 H11 N O3'         181.189 
VAL 'L-peptide linking' y VALINE ? 'C5 H11 N O2'         117.146 
ZN  non-polymer         . 'ZINC ION' ? 'Zn 2'                65.409  
# 
loop_
_pdbx_poly_seq_scheme.asym_id 
_pdbx_poly_seq_scheme.entity_id 
_pdbx_poly_seq_scheme.seq_id 
_pdbx_poly_seq_scheme.mon_id 
_pdbx_poly_seq_scheme.ndb_seq_num 
_pdbx_poly_seq_scheme.pdb_seq_num 
_pdbx_poly_seq_scheme.auth_seq_num 
_pdbx_poly_seq_scheme.pdb_mon_id 
_pdbx_poly_seq_scheme.auth_mon_id 
_pdbx_poly_seq_scheme.pdb_strand_id 
_pdbx_poly_seq_scheme.pdb_ins_code 
_pdbx_poly_seq_scheme.hetero 
A 1 1  GLN 1  18  18  GLN GLN A . n 
A 1 2  ILE 2  19  19  ILE ILE A . n 
A 1 3  PRO 3  20  20  PRO PRO A . n 
A 1 4  ALA 4  21  21  ALA ALA A . n 
A 1 5  SER 5  22  22  SER SER A . n 
A 1 6  GLU 6  23  23  GLU GLU A . n 
A 1 7  GLN 7  24  24  GLN GLN A . n 
A 1 8  GLU 8  25  25  GLU GLU A . n 
A 1 9  THR 9  26  26  THR THR A . n 
A 1 10 LEU 10 27  27  LEU LEU A . n 
A 1 11 VAL 11 28  28  VAL VAL A . n 
A 1 12 ARG 12 29  29  ARG ARG A . n 
A 1 13 PRO 13 30  30  PRO PRO A . n 
A 1 14 LYS 14 31  31  LYS LYS A . n 
A 1 15 PRO 15 32  32  PRO PRO A . n 
A 1 16 LEU 16 33  33  LEU LEU A . n 
A 1 17 LEU 17 34  34  LEU LEU A . n 
A 1 18 LEU 18 35  35  LEU LEU A . n 
A 1 19 LYS 19 36  36  LYS LYS A . n 
A 1 20 LEU 20 37  37  LEU LEU A . n 
A 1 21 LEU 21 38  38  LEU LEU A . n 
A 1 22 LYS 22 39  39  LYS LYS A . n 
A 1 23 SER 23 40  40  SER SER A . n 
A 1 24 VAL 24 41  41  VAL VAL A . n 
A 1 25 GLY 25 42  42  GLY GLY A . n 
A 1 26 ALA 26 43  43  ALA ALA A . n 
A 1 27 GLN 27 44  44  GLN GLN A . n 
A 1 28 LYS 28 45  45  LYS LYS A . n 
A 1 29 ASP 29 46  46  ASP ASP A . n 
A 1 30 THR 30 47  47  THR THR A . n 
A 1 31 TYR 31 48  48  TYR TYR A . n 
A 1 32 THR 32 49  49  THR THR A . n 
A 1 33 MET 33 50  50  MET MET A . n 
A 1 34 LYS 34 51  51  LYS LYS A . n 
A 1 35 GLU 35 52  52  GLU GLU A . n 
A 1 36 VAL 36 53  53  VAL VAL A . n 
A 1 37 LEU 37 54  54  LEU LEU A . n 
A 1 38 PHE 38 55  55  PHE PHE A . n 
A 1 39 TYR 39 56  56  TYR TYR A . n 
A 1 40 LEU 40 57  57  LEU LEU A . n 
A 1 41 GLY 41 58  58  GLY GLY A . n 
A 1 42 GLN 42 59  59  GLN GLN A . n 
A 1 43 TYR 43 60  60  TYR TYR A . n 
A 1 44 ILE 44 61  61  ILE ILE A . n 
A 1 45 MET 45 62  62  MET MET A . n 
A 1 46 THR 46 63  63  THR THR A . n 
A 1 47 LYS 47 64  64  LYS LYS A . n 
A 1 48 ARG 48 65  65  ARG ARG A . n 
A 1 49 LEU 49 66  66  LEU LEU A . n 
A 1 50 TYR 50 67  67  TYR TYR A . n 
A 1 51 ASP 51 68  68  ASP ASP A . n 
A 1 52 GLU 52 69  69  GLU GLU A . n 
A 1 53 LYS 53 70  70  LYS LYS A . n 
A 1 54 GLN 54 71  71  GLN GLN A . n 
A 1 55 GLN 55 72  72  GLN GLN A . n 
A 1 56 HIS 56 73  73  HIS HIS A . n 
A 1 57 ILE 57 74  74  ILE ILE A . n 
A 1 58 VAL 58 75  75  VAL VAL A . n 
A 1 59 TYR 59 76  76  TYR TYR A . n 
A 1 60 CYS 60 77  77  CYS CYS A . n 
A 1 61 SER 61 78  78  SER SER A . n 
A 1 62 ASN 62 79  79  ASN ASN A . n 
A 1 63 ASP 63 80  80  ASP ASP A . n 
A 1 64 LEU 64 81  81  LEU LEU A . n 
A 1 65 LEU 65 82  82  LEU LEU A . n 
A 1 66 GLY 66 83  83  GLY GLY A . n 
A 1 67 ASP 67 84  84  ASP ASP A . n 
A 1 68 LEU 68 85  85  LEU LEU A . n 
A 1 69 PHE 69 86  86  PHE PHE A . n 
A 1 70 GLY 70 87  87  GLY GLY A . n 
A 1 71 VAL 71 88  88  VAL VAL A . n 
A 1 72 PRO 72 89  89  PRO PRO A . n 
A 1 73 SER 73 90  90  SER SER A . n 
A 1 74 PHE 74 91  91  PHE PHE A . n 
A 1 75 SER 75 92  92  SER SER A . n 
A 1 76 VAL 76 93  93  VAL VAL A . n 
A 1 77 LYS 77 94  94  LYS LYS A . n 
A 1 78 GLU 78 95  95  GLU GLU A . n 
A 1 79 HIS 79 96  96  HIS HIS A . n 
A 1 80 ARG 80 97  97  ARG ARG A . n 
A 1 81 LYS 81 98  98  LYS LYS A . n 
A 1 82 ILE 82 99  99  ILE ILE A . n 
A 1 83 TYR 83 100 100 TYR TYR A . n 
A 1 84 THR 84 101 101 THR THR A . n 
A 1 85 MET 85 102 102 MET MET A . n 
A 1 86 ILE 86 103 103 ILE ILE A . n 
A 1 87 TYR 87 104 104 TYR TYR A . n 
A 1 88 ARG 88 105 105 ARG ARG A . n 
A 1 89 ASN 89 106 106 ASN ASN A . n 
A 1 90 LEU 90 107 107 LEU LEU A . n 
A 1 91 VAL 91 108 108 VAL VAL A . n 
A 1 92 VAL 92 109 109 VAL VAL A . n 
A 1 93 VAL 93 110 110 VAL VAL A . n 
A 1 94 ASN 94 111 111 ASN ASN A . n 
# 
loop_
_pdbx_nonpoly_scheme.asym_id 
_pdbx_nonpoly_scheme.entity_id 
_pdbx_nonpoly_scheme.mon_id 
_pdbx_nonpoly_scheme.ndb_seq_num 
_pdbx_nonpoly_scheme.pdb_seq_num 
_pdbx_nonpoly_scheme.auth_seq_num 
_pdbx_nonpoly_scheme.pdb_mon_id 
_pdbx_nonpoly_scheme.auth_mon_id 
_pdbx_nonpoly_scheme.pdb_strand_id 
_pdbx_nonpoly_scheme.pdb_ins_code 
B 2 6ST 1  201 1  6ST INX A . 
C 3 ZN  1  202 1  ZN  ZN  A . 
D 4 SO4 1  203 2  SO4 SO4 A . 
E 5 HOH 1  301 29 HOH HOH A . 
E 5 HOH 2  302 38 HOH HOH A . 
E 5 HOH 3  303 33 HOH HOH A . 
E 5 HOH 4  304 2  HOH HOH A . 
E 5 HOH 5  305 31 HOH HOH A . 
E 5 HOH 6  306 8  HOH HOH A . 
E 5 HOH 7  307 25 HOH HOH A . 
E 5 HOH 8  308 10 HOH HOH A . 
E 5 HOH 9  309 28 HOH HOH A . 
E 5 HOH 10 310 12 HOH HOH A . 
E 5 HOH 11 311 30 HOH HOH A . 
E 5 HOH 12 312 14 HOH HOH A . 
E 5 HOH 13 313 7  HOH HOH A . 
E 5 HOH 14 314 11 HOH HOH A . 
E 5 HOH 15 315 3  HOH HOH A . 
E 5 HOH 16 316 35 HOH HOH A . 
E 5 HOH 17 317 21 HOH HOH A . 
E 5 HOH 18 318 37 HOH HOH A . 
E 5 HOH 19 319 6  HOH HOH A . 
E 5 HOH 20 320 13 HOH HOH A . 
E 5 HOH 21 321 22 HOH HOH A . 
E 5 HOH 22 322 4  HOH HOH A . 
E 5 HOH 23 323 15 HOH HOH A . 
E 5 HOH 24 324 26 HOH HOH A . 
E 5 HOH 25 325 32 HOH HOH A . 
E 5 HOH 26 326 19 HOH HOH A . 
E 5 HOH 27 327 18 HOH HOH A . 
E 5 HOH 28 328 9  HOH HOH A . 
E 5 HOH 29 329 39 HOH HOH A . 
E 5 HOH 30 330 16 HOH HOH A . 
E 5 HOH 31 331 1  HOH HOH A . 
E 5 HOH 32 332 17 HOH HOH A . 
E 5 HOH 33 333 5  HOH HOH A . 
E 5 HOH 34 334 24 HOH HOH A . 
E 5 HOH 35 335 27 HOH HOH A . 
# 
loop_
_pdbx_unobs_or_zero_occ_atoms.id 
_pdbx_unobs_or_zero_occ_atoms.PDB_model_num 
_pdbx_unobs_or_zero_occ_atoms.polymer_flag 
_pdbx_unobs_or_zero_occ_atoms.occupancy_flag 
_pdbx_unobs_or_zero_occ_atoms.auth_asym_id 
_pdbx_unobs_or_zero_occ_atoms.auth_comp_id 
_pdbx_unobs_or_zero_occ_atoms.auth_seq_id 
_pdbx_unobs_or_zero_occ_atoms.PDB_ins_code 
_pdbx_unobs_or_zero_occ_atoms.auth_atom_id 
_pdbx_unobs_or_zero_occ_atoms.label_alt_id 
_pdbx_unobs_or_zero_occ_atoms.label_asym_id 
_pdbx_unobs_or_zero_occ_atoms.label_comp_id 
_pdbx_unobs_or_zero_occ_atoms.label_seq_id 
_pdbx_unobs_or_zero_occ_atoms.label_atom_id 
1  1 Y 0 A GLN 18 ? CG  ? A GLN 1  CG  
2  1 Y 0 A GLN 18 ? CD  ? A GLN 1  CD  
3  1 Y 0 A GLN 18 ? OE1 ? A GLN 1  OE1 
4  1 Y 0 A GLN 18 ? NE2 ? A GLN 1  NE2 
5  1 Y 0 A ARG 29 ? CD  ? A ARG 12 CD  
6  1 Y 0 A ARG 29 ? NE  ? A ARG 12 NE  
7  1 Y 0 A ARG 29 ? CZ  ? A ARG 12 CZ  
8  1 Y 0 A ARG 29 ? NH1 ? A ARG 12 NH1 
9  1 Y 0 A ARG 29 ? NH2 ? A ARG 12 NH2 
10 1 Y 0 A LYS 39 ? CD  ? A LYS 22 CD  
11 1 Y 0 A LYS 39 ? CE  ? A LYS 22 CE  
12 1 Y 0 A LYS 39 ? NZ  ? A LYS 22 NZ  
13 1 Y 0 A GLU 69 ? CG  ? A GLU 52 CG  
14 1 Y 0 A GLU 69 ? CD  ? A GLU 52 CD  
15 1 Y 0 A GLU 69 ? OE1 ? A GLU 52 OE1 
16 1 Y 0 A GLU 69 ? OE2 ? A GLU 52 OE2 
17 1 Y 0 A LYS 70 ? CG  ? A LYS 53 CG  
18 1 Y 0 A LYS 70 ? CD  ? A LYS 53 CD  
19 1 Y 0 A LYS 70 ? CE  ? A LYS 53 CE  
20 1 Y 0 A LYS 70 ? NZ  ? A LYS 53 NZ  
21 1 Y 0 A GLN 72 ? CG  ? A GLN 55 CG  
22 1 Y 0 A GLN 72 ? CD  ? A GLN 55 CD  
23 1 Y 0 A GLN 72 ? OE1 ? A GLN 55 OE1 
24 1 Y 0 A GLN 72 ? NE2 ? A GLN 55 NE2 
25 1 Y 0 A ARG 97 ? CZ  ? A ARG 80 CZ  
26 1 Y 0 A ARG 97 ? NH1 ? A ARG 80 NH1 
27 1 Y 0 A ARG 97 ? NH2 ? A ARG 80 NH2 
28 1 Y 0 A LYS 98 ? CE  ? A LYS 81 CE  
29 1 Y 0 A LYS 98 ? NZ  ? A LYS 81 NZ  
# 
loop_
_software.citation_id 
_software.classification 
_software.compiler_name 
_software.compiler_version 
_software.contact_author 
_software.contact_author_email 
_software.date 
_software.description 
_software.dependencies 
_software.hardware 
_software.language 
_software.location 
_software.mods 
_software.name 
_software.os 
_software.os_version 
_software.type 
_software.version 
_software.pdbx_ordinal 
? refinement        ? ? ? ? ? ? ? ? ? ? ? REFMAC      ? ? ? 5.6.0117 1 
? 'data extraction' ? ? ? ? ? ? ? ? ? ? ? PDB_EXTRACT ? ? ? 3.20     2 
? 'data reduction'  ? ? ? ? ? ? ? ? ? ? ? XDS         ? ? ? .        3 
? 'data scaling'    ? ? ? ? ? ? ? ? ? ? ? XSCALE      ? ? ? .        4 
? phasing           ? ? ? ? ? ? ? ? ? ? ? REFMAC      ? ? ? .        5 
# 
_cell.angle_alpha                  90.000 
_cell.angle_alpha_esd              ? 
_cell.angle_beta                   90.000 
_cell.angle_beta_esd               ? 
_cell.angle_gamma                  120.000 
_cell.angle_gamma_esd              ? 
_cell.entry_id                     5LAZ 
_cell.details                      ? 
_cell.formula_units_Z              ? 
_cell.length_a                     55.839 
_cell.length_a_esd                 ? 
_cell.length_b                     55.839 
_cell.length_b_esd                 ? 
_cell.length_c                     105.739 
_cell.length_c_esd                 ? 
_cell.volume                       ? 
_cell.volume_esd                   ? 
_cell.Z_PDB                        12 
_cell.reciprocal_angle_alpha       ? 
_cell.reciprocal_angle_beta        ? 
_cell.reciprocal_angle_gamma       ? 
_cell.reciprocal_angle_alpha_esd   ? 
_cell.reciprocal_angle_beta_esd    ? 
_cell.reciprocal_angle_gamma_esd   ? 
_cell.reciprocal_length_a          ? 
_cell.reciprocal_length_b          ? 
_cell.reciprocal_length_c          ? 
_cell.reciprocal_length_a_esd      ? 
_cell.reciprocal_length_b_esd      ? 
_cell.reciprocal_length_c_esd      ? 
_cell.pdbx_unique_axis             ? 
# 
_symmetry.entry_id                         5LAZ 
_symmetry.cell_setting                     ? 
_symmetry.Int_Tables_number                178 
_symmetry.space_group_name_Hall            ? 
_symmetry.space_group_name_H-M             'P 61 2 2' 
_symmetry.pdbx_full_space_group_name_H-M   ? 
# 
_exptl.absorpt_coefficient_mu     ? 
_exptl.absorpt_correction_T_max   ? 
_exptl.absorpt_correction_T_min   ? 
_exptl.absorpt_correction_type    ? 
_exptl.absorpt_process_details    ? 
_exptl.entry_id                   5LAZ 
_exptl.crystals_number            1 
_exptl.details                    ? 
_exptl.method                     'X-RAY DIFFRACTION' 
_exptl.method_details             ? 
# 
_exptl_crystal.colour                      ? 
_exptl_crystal.density_diffrn              ? 
_exptl_crystal.density_Matthews            2.250 
_exptl_crystal.density_method              ? 
_exptl_crystal.density_percent_sol         45.370 
_exptl_crystal.description                 ? 
_exptl_crystal.F_000                       ? 
_exptl_crystal.id                          1 
_exptl_crystal.preparation                 ? 
_exptl_crystal.size_max                    ? 
_exptl_crystal.size_mid                    ? 
_exptl_crystal.size_min                    ? 
_exptl_crystal.size_rad                    ? 
_exptl_crystal.colour_lustre               ? 
_exptl_crystal.colour_modifier             ? 
_exptl_crystal.colour_primary              ? 
_exptl_crystal.density_meas                ? 
_exptl_crystal.density_meas_esd            ? 
_exptl_crystal.density_meas_gt             ? 
_exptl_crystal.density_meas_lt             ? 
_exptl_crystal.density_meas_temp           ? 
_exptl_crystal.density_meas_temp_esd       ? 
_exptl_crystal.density_meas_temp_gt        ? 
_exptl_crystal.density_meas_temp_lt        ? 
_exptl_crystal.pdbx_crystal_image_url      ? 
_exptl_crystal.pdbx_crystal_image_format   ? 
_exptl_crystal.pdbx_mosaicity              ? 
_exptl_crystal.pdbx_mosaicity_esd          ? 
# 
_exptl_crystal_grow.apparatus       ? 
_exptl_crystal_grow.atmosphere      ? 
_exptl_crystal_grow.crystal_id      1 
_exptl_crystal_grow.details         ? 
_exptl_crystal_grow.method          'VAPOR DIFFUSION, HANGING DROP' 
_exptl_crystal_grow.method_ref      ? 
_exptl_crystal_grow.pH              4.6 
_exptl_crystal_grow.pressure        ? 
_exptl_crystal_grow.pressure_esd    ? 
_exptl_crystal_grow.seeding         ? 
_exptl_crystal_grow.seeding_ref     ? 
_exptl_crystal_grow.temp            293 
_exptl_crystal_grow.temp_details    ? 
_exptl_crystal_grow.temp_esd        ? 
_exptl_crystal_grow.time            ? 
_exptl_crystal_grow.pdbx_details    'RESERVOIR SOLUTION : NULL' 
_exptl_crystal_grow.pdbx_pH_range   ? 
# 
_diffrn.ambient_environment    ? 
_diffrn.ambient_temp           100.0 
_diffrn.ambient_temp_details   ? 
_diffrn.ambient_temp_esd       ? 
_diffrn.crystal_id             1 
_diffrn.crystal_support        ? 
_diffrn.crystal_treatment      ? 
_diffrn.details                ? 
_diffrn.id                     1 
_diffrn.ambient_pressure       ? 
_diffrn.ambient_pressure_esd   ? 
_diffrn.ambient_pressure_gt    ? 
_diffrn.ambient_pressure_lt    ? 
_diffrn.ambient_temp_gt        ? 
_diffrn.ambient_temp_lt        ? 
# 
_diffrn_detector.details                      ? 
_diffrn_detector.detector                     PIXEL 
_diffrn_detector.diffrn_id                    1 
_diffrn_detector.type                         'DECTRIS PILATUS 6M' 
_diffrn_detector.area_resol_mean              ? 
_diffrn_detector.dtime                        ? 
_diffrn_detector.pdbx_frames_total            ? 
_diffrn_detector.pdbx_collection_time_total   ? 
_diffrn_detector.pdbx_collection_date         2013-11-10 
# 
_diffrn_radiation.collimation                      ? 
_diffrn_radiation.diffrn_id                        1 
_diffrn_radiation.filter_edge                      ? 
_diffrn_radiation.inhomogeneity                    ? 
_diffrn_radiation.monochromator                    ? 
_diffrn_radiation.polarisn_norm                    ? 
_diffrn_radiation.polarisn_ratio                   ? 
_diffrn_radiation.probe                            ? 
_diffrn_radiation.type                             ? 
_diffrn_radiation.xray_symbol                      ? 
_diffrn_radiation.wavelength_id                    1 
_diffrn_radiation.pdbx_monochromatic_or_laue_m_l   M 
_diffrn_radiation.pdbx_wavelength_list             ? 
_diffrn_radiation.pdbx_wavelength                  ? 
_diffrn_radiation.pdbx_diffrn_protocol             'SINGLE WAVELENGTH' 
_diffrn_radiation.pdbx_analyzer                    ? 
_diffrn_radiation.pdbx_scattering_type             x-ray 
# 
_diffrn_radiation_wavelength.id           1 
_diffrn_radiation_wavelength.wavelength   1.03 
_diffrn_radiation_wavelength.wt           1.0 
# 
_diffrn_source.current                     ? 
_diffrn_source.details                     ? 
_diffrn_source.diffrn_id                   1 
_diffrn_source.power                       ? 
_diffrn_source.size                        ? 
_diffrn_source.source                      SYNCHROTRON 
_diffrn_source.target                      ? 
_diffrn_source.type                        'ESRF BEAMLINE ID23-1' 
_diffrn_source.voltage                     ? 
_diffrn_source.take-off_angle              ? 
_diffrn_source.pdbx_wavelength_list        1.03 
_diffrn_source.pdbx_wavelength             ? 
_diffrn_source.pdbx_synchrotron_beamline   ID23-1 
_diffrn_source.pdbx_synchrotron_site       ESRF 
# 
_reflns.B_iso_Wilson_estimate            ? 
_reflns.entry_id                         5LAZ 
_reflns.data_reduction_details           ? 
_reflns.data_reduction_method            ? 
_reflns.d_resolution_high                1.660 
_reflns.d_resolution_low                 48.360 
_reflns.details                          ? 
_reflns.limit_h_max                      ? 
_reflns.limit_h_min                      ? 
_reflns.limit_k_max                      ? 
_reflns.limit_k_min                      ? 
_reflns.limit_l_max                      ? 
_reflns.limit_l_min                      ? 
_reflns.number_all                       ? 
_reflns.number_obs                       12144 
_reflns.observed_criterion               ? 
_reflns.observed_criterion_F_max         ? 
_reflns.observed_criterion_F_min         ? 
_reflns.observed_criterion_I_max         ? 
_reflns.observed_criterion_I_min         ? 
_reflns.observed_criterion_sigma_F       ? 
_reflns.observed_criterion_sigma_I       0.000 
_reflns.percent_possible_obs             100.000 
_reflns.R_free_details                   ? 
_reflns.Rmerge_F_all                     ? 
_reflns.Rmerge_F_obs                     ? 
_reflns.Friedel_coverage                 ? 
_reflns.number_gt                        ? 
_reflns.threshold_expression             ? 
_reflns.pdbx_redundancy                  11.400 
_reflns.pdbx_Rmerge_I_obs                ? 
_reflns.pdbx_Rmerge_I_all                ? 
_reflns.pdbx_Rsym_value                  0.111 
_reflns.pdbx_netI_over_av_sigmaI         ? 
_reflns.pdbx_netI_over_sigmaI            13.1 
_reflns.pdbx_res_netI_over_av_sigmaI_2   ? 
_reflns.pdbx_res_netI_over_sigmaI_2      ? 
_reflns.pdbx_chi_squared                 ? 
_reflns.pdbx_scaling_rejects             ? 
_reflns.pdbx_d_res_high_opt              ? 
_reflns.pdbx_d_res_low_opt               ? 
_reflns.pdbx_d_res_opt_method            ? 
_reflns.phase_calculation_details        ? 
_reflns.pdbx_Rrim_I_all                  ? 
_reflns.pdbx_Rpim_I_all                  ? 
_reflns.pdbx_d_opt                       ? 
_reflns.pdbx_number_measured_all         ? 
_reflns.pdbx_diffrn_id                   1 
_reflns.pdbx_ordinal                     1 
_reflns.pdbx_CC_half                     ? 
_reflns.pdbx_R_split                     ? 
# 
_reflns_shell.d_res_high                  1.660 
_reflns_shell.d_res_low                   1.910 
_reflns_shell.meanI_over_sigI_all         ? 
_reflns_shell.meanI_over_sigI_obs         5.39 
_reflns_shell.number_measured_all         ? 
_reflns_shell.number_measured_obs         ? 
_reflns_shell.number_possible             ? 
_reflns_shell.number_unique_all           ? 
_reflns_shell.number_unique_obs           ? 
_reflns_shell.percent_possible_all        100.000 
_reflns_shell.percent_possible_obs        ? 
_reflns_shell.Rmerge_F_all                ? 
_reflns_shell.Rmerge_F_obs                ? 
_reflns_shell.Rmerge_I_all                ? 
_reflns_shell.Rmerge_I_obs                ? 
_reflns_shell.meanI_over_sigI_gt          ? 
_reflns_shell.meanI_over_uI_all           ? 
_reflns_shell.meanI_over_uI_gt            ? 
_reflns_shell.number_measured_gt          ? 
_reflns_shell.number_unique_gt            ? 
_reflns_shell.percent_possible_gt         ? 
_reflns_shell.Rmerge_F_gt                 ? 
_reflns_shell.Rmerge_I_gt                 ? 
_reflns_shell.pdbx_redundancy             11.700 
_reflns_shell.pdbx_Rsym_value             0.433 
_reflns_shell.pdbx_chi_squared            ? 
_reflns_shell.pdbx_netI_over_sigmaI_all   ? 
_reflns_shell.pdbx_netI_over_sigmaI_obs   ? 
_reflns_shell.pdbx_Rrim_I_all             ? 
_reflns_shell.pdbx_Rpim_I_all             ? 
_reflns_shell.pdbx_rejects                ? 
_reflns_shell.pdbx_ordinal                1 
_reflns_shell.pdbx_diffrn_id              1 
_reflns_shell.pdbx_CC_half                ? 
_reflns_shell.pdbx_R_split                ? 
# 
_refine.aniso_B[1][1]                            0.1100 
_refine.aniso_B[1][2]                            0.0600 
_refine.aniso_B[1][3]                            0.0000 
_refine.aniso_B[2][2]                            0.1100 
_refine.aniso_B[2][3]                            0.0000 
_refine.aniso_B[3][3]                            -0.1700 
_refine.B_iso_max                                107.950 
_refine.B_iso_mean                               16.2490 
_refine.B_iso_min                                6.990 
_refine.correlation_coeff_Fo_to_Fc               0.9610 
_refine.correlation_coeff_Fo_to_Fc_free          0.9560 
_refine.details                                  'HYDROGENS HAVE BEEN ADDED IN THE RIDING POSITIONS U VALUES      : RESIDUAL ONLY' 
_refine.diff_density_max                         ? 
_refine.diff_density_max_esd                     ? 
_refine.diff_density_min                         ? 
_refine.diff_density_min_esd                     ? 
_refine.diff_density_rms                         ? 
_refine.diff_density_rms_esd                     ? 
_refine.entry_id                                 5LAZ 
_refine.pdbx_refine_id                           'X-RAY DIFFRACTION' 
_refine.ls_abs_structure_details                 ? 
_refine.ls_abs_structure_Flack                   ? 
_refine.ls_abs_structure_Flack_esd               ? 
_refine.ls_abs_structure_Rogers                  ? 
_refine.ls_abs_structure_Rogers_esd              ? 
_refine.ls_d_res_high                            1.6600 
_refine.ls_d_res_low                             48.3600 
_refine.ls_extinction_coef                       ? 
_refine.ls_extinction_coef_esd                   ? 
_refine.ls_extinction_expression                 ? 
_refine.ls_extinction_method                     ? 
_refine.ls_goodness_of_fit_all                   ? 
_refine.ls_goodness_of_fit_all_esd               ? 
_refine.ls_goodness_of_fit_obs                   ? 
_refine.ls_goodness_of_fit_obs_esd               ? 
_refine.ls_hydrogen_treatment                    ? 
_refine.ls_matrix_type                           ? 
_refine.ls_number_constraints                    ? 
_refine.ls_number_parameters                     ? 
_refine.ls_number_reflns_all                     ? 
_refine.ls_number_reflns_obs                     10913 
_refine.ls_number_reflns_R_free                  1230 
_refine.ls_number_reflns_R_work                  ? 
_refine.ls_number_restraints                     ? 
_refine.ls_percent_reflns_obs                    99.9500 
_refine.ls_percent_reflns_R_free                 10.1000 
_refine.ls_R_factor_all                          ? 
_refine.ls_R_factor_obs                          0.1833 
_refine.ls_R_factor_R_free                       0.2049 
_refine.ls_R_factor_R_free_error                 ? 
_refine.ls_R_factor_R_free_error_details         ? 
_refine.ls_R_factor_R_work                       0.1809 
_refine.ls_R_Fsqd_factor_obs                     ? 
_refine.ls_R_I_factor_obs                        ? 
_refine.ls_redundancy_reflns_all                 ? 
_refine.ls_redundancy_reflns_obs                 ? 
_refine.ls_restrained_S_all                      ? 
_refine.ls_restrained_S_obs                      ? 
_refine.ls_shift_over_esd_max                    ? 
_refine.ls_shift_over_esd_mean                   ? 
_refine.ls_structure_factor_coef                 ? 
_refine.ls_weighting_details                     ? 
_refine.ls_weighting_scheme                      ? 
_refine.ls_wR_factor_all                         ? 
_refine.ls_wR_factor_obs                         ? 
_refine.ls_wR_factor_R_free                      ? 
_refine.ls_wR_factor_R_work                      ? 
_refine.occupancy_max                            ? 
_refine.occupancy_min                            ? 
_refine.solvent_model_details                    ? 
_refine.solvent_model_param_bsol                 ? 
_refine.solvent_model_param_ksol                 ? 
_refine.ls_R_factor_gt                           ? 
_refine.ls_goodness_of_fit_gt                    ? 
_refine.ls_goodness_of_fit_ref                   ? 
_refine.ls_shift_over_su_max                     ? 
_refine.ls_shift_over_su_max_lt                  ? 
_refine.ls_shift_over_su_mean                    ? 
_refine.ls_shift_over_su_mean_lt                 ? 
_refine.pdbx_ls_sigma_I                          ? 
_refine.pdbx_ls_sigma_F                          0.000 
_refine.pdbx_ls_sigma_Fsqd                       ? 
_refine.pdbx_data_cutoff_high_absF               ? 
_refine.pdbx_data_cutoff_high_rms_absF           ? 
_refine.pdbx_data_cutoff_low_absF                ? 
_refine.pdbx_isotropic_thermal_model             ? 
_refine.pdbx_ls_cross_valid_method               THROUGHOUT 
_refine.pdbx_method_to_determine_struct          'MOLECULAR REPLACEMENT' 
_refine.pdbx_starting_model                      ? 
_refine.pdbx_stereochemistry_target_values       ? 
_refine.pdbx_R_Free_selection_details            RANDOM 
_refine.pdbx_stereochem_target_val_spec_case     ? 
_refine.pdbx_overall_ESU_R                       0.1070 
_refine.pdbx_overall_ESU_R_Free                  0.1000 
_refine.pdbx_solvent_vdw_probe_radii             1.2000 
_refine.pdbx_solvent_ion_probe_radii             0.8000 
_refine.pdbx_solvent_shrinkage_radii             0.8000 
_refine.pdbx_real_space_R                        ? 
_refine.pdbx_density_correlation                 ? 
_refine.pdbx_pd_number_of_powder_patterns        ? 
_refine.pdbx_pd_number_of_points                 ? 
_refine.pdbx_pd_meas_number_of_points            ? 
_refine.pdbx_pd_proc_ls_prof_R_factor            ? 
_refine.pdbx_pd_proc_ls_prof_wR_factor           ? 
_refine.pdbx_pd_Marquardt_correlation_coeff      ? 
_refine.pdbx_pd_Fsqrd_R_factor                   ? 
_refine.pdbx_pd_ls_matrix_band_width             ? 
_refine.pdbx_overall_phase_error                 ? 
_refine.pdbx_overall_SU_R_free_Cruickshank_DPI   ? 
_refine.pdbx_overall_SU_R_free_Blow_DPI          ? 
_refine.pdbx_overall_SU_R_Blow_DPI               ? 
_refine.pdbx_TLS_residual_ADP_flag               ? 
_refine.pdbx_diffrn_id                           1 
_refine.overall_SU_B                             3.9030 
_refine.overall_SU_ML                            0.0620 
_refine.overall_SU_R_Cruickshank_DPI             ? 
_refine.overall_SU_R_free                        ? 
_refine.overall_FOM_free_R_set                   ? 
_refine.overall_FOM_work_R_set                   ? 
_refine.pdbx_average_fsc_overall                 ? 
_refine.pdbx_average_fsc_work                    ? 
_refine.pdbx_average_fsc_free                    ? 
# 
_refine_hist.cycle_id                         final 
_refine_hist.pdbx_refine_id                   'X-RAY DIFFRACTION' 
_refine_hist.d_res_high                       1.6600 
_refine_hist.d_res_low                        48.3600 
_refine_hist.pdbx_number_atoms_ligand         45 
_refine_hist.number_atoms_solvent             35 
_refine_hist.number_atoms_total               853 
_refine_hist.pdbx_number_residues_total       94 
_refine_hist.pdbx_B_iso_mean_ligand           18.13 
_refine_hist.pdbx_B_iso_mean_solvent          39.49 
_refine_hist.pdbx_number_atoms_protein        773 
_refine_hist.pdbx_number_atoms_nucleic_acid   0 
# 
loop_
_refine_ls_restr.pdbx_refine_id 
_refine_ls_restr.criterion 
_refine_ls_restr.dev_ideal 
_refine_ls_restr.dev_ideal_target 
_refine_ls_restr.number 
_refine_ls_restr.rejects 
_refine_ls_restr.type 
_refine_ls_restr.weight 
_refine_ls_restr.pdbx_restraint_function 
'X-RAY DIFFRACTION' ? 0.014  0.020  865  ? r_bond_refined_d       ? ? 
'X-RAY DIFFRACTION' ? 0.020  0.020  577  ? r_bond_other_d         ? ? 
'X-RAY DIFFRACTION' ? 1.549  2.058  1190 ? r_angle_refined_deg    ? ? 
'X-RAY DIFFRACTION' ? 1.123  3.000  1412 ? r_angle_other_deg      ? ? 
'X-RAY DIFFRACTION' ? 5.395  5.000  104  ? r_dihedral_angle_1_deg ? ? 
'X-RAY DIFFRACTION' ? 46.073 24.333 30   ? r_dihedral_angle_2_deg ? ? 
'X-RAY DIFFRACTION' ? 14.042 15.000 149  ? r_dihedral_angle_3_deg ? ? 
'X-RAY DIFFRACTION' ? 15.278 15.000 2    ? r_dihedral_angle_4_deg ? ? 
'X-RAY DIFFRACTION' ? 0.097  0.200  138  ? r_chiral_restr         ? ? 
'X-RAY DIFFRACTION' ? 0.008  0.021  934  ? r_gen_planes_refined   ? ? 
'X-RAY DIFFRACTION' ? 0.001  0.020  170  ? r_gen_planes_other     ? ? 
# 
_refine_ls_shell.pdbx_refine_id                   'X-RAY DIFFRACTION' 
_refine_ls_shell.d_res_high                       1.6600 
_refine_ls_shell.d_res_low                        1.7030 
_refine_ls_shell.number_reflns_all                744 
_refine_ls_shell.number_reflns_obs                ? 
_refine_ls_shell.number_reflns_R_free             79 
_refine_ls_shell.number_reflns_R_work             665 
_refine_ls_shell.percent_reflns_obs               100.0000 
_refine_ls_shell.percent_reflns_R_free            ? 
_refine_ls_shell.R_factor_all                     ? 
_refine_ls_shell.R_factor_obs                     ? 
_refine_ls_shell.R_factor_R_free                  0.2570 
_refine_ls_shell.R_factor_R_free_error            ? 
_refine_ls_shell.R_factor_R_work                  0.2320 
_refine_ls_shell.redundancy_reflns_all            ? 
_refine_ls_shell.redundancy_reflns_obs            ? 
_refine_ls_shell.wR_factor_all                    ? 
_refine_ls_shell.wR_factor_obs                    ? 
_refine_ls_shell.wR_factor_R_free                 ? 
_refine_ls_shell.wR_factor_R_work                 ? 
_refine_ls_shell.pdbx_total_number_of_bins_used   20 
_refine_ls_shell.pdbx_phase_error                 ? 
_refine_ls_shell.pdbx_fsc_work                    ? 
_refine_ls_shell.pdbx_fsc_free                    ? 
# 
_struct.entry_id                     5LAZ 
_struct.title                        
;Novel Spiro[3H-indole-3,2 -pyrrolidin]-2(1H)-one Inhibitors of the MDM2-p53 Interaction: HDM2 (MDM2) IN COMPLEX WITH COMPOUND BI-0252
;
_struct.pdbx_model_details           ? 
_struct.pdbx_formula_weight          ? 
_struct.pdbx_formula_weight_method   ? 
_struct.pdbx_model_type_details      ? 
_struct.pdbx_CASP_flag               N 
# 
_struct_keywords.entry_id        5LAZ 
_struct_keywords.text            'VIENNA, PPI, MDM2, HDM2, BI, LIGASE' 
_struct_keywords.pdbx_keywords   LIGASE 
# 
loop_
_struct_asym.id 
_struct_asym.pdbx_blank_PDB_chainid_flag 
_struct_asym.pdbx_modified 
_struct_asym.entity_id 
_struct_asym.details 
A N N 1 ? 
B N N 2 ? 
C N N 3 ? 
D N N 4 ? 
E N N 5 ? 
# 
_struct_ref.id                         1 
_struct_ref.db_name                    UNP 
_struct_ref.db_code                    MDM2_HUMAN 
_struct_ref.pdbx_db_accession          Q00987 
_struct_ref.pdbx_db_isoform            ? 
_struct_ref.entity_id                  1 
_struct_ref.pdbx_seq_one_letter_code   
;QIPASEQETLVRPKPLLLKLLKSVGAQKDTYTMKEVLFYLGQYIMTKRLYDEKQQHIVYCSNDLLGDLFGVPSFSVKEHR
KIYTMIYRNLVVVN
;
_struct_ref.pdbx_align_begin           18 
# 
_struct_ref_seq.align_id                      1 
_struct_ref_seq.ref_id                        1 
_struct_ref_seq.pdbx_PDB_id_code              5LAZ 
_struct_ref_seq.pdbx_strand_id                A 
_struct_ref_seq.seq_align_beg                 1 
_struct_ref_seq.pdbx_seq_align_beg_ins_code   ? 
_struct_ref_seq.seq_align_end                 94 
_struct_ref_seq.pdbx_seq_align_end_ins_code   ? 
_struct_ref_seq.pdbx_db_accession             Q00987 
_struct_ref_seq.db_align_beg                  18 
_struct_ref_seq.pdbx_db_align_beg_ins_code    ? 
_struct_ref_seq.db_align_end                  111 
_struct_ref_seq.pdbx_db_align_end_ins_code    ? 
_struct_ref_seq.pdbx_auth_seq_align_beg       18 
_struct_ref_seq.pdbx_auth_seq_align_end       111 
# 
_pdbx_struct_assembly.id                   1 
_pdbx_struct_assembly.details              software_defined_assembly 
_pdbx_struct_assembly.method_details       PISA 
_pdbx_struct_assembly.oligomeric_details   monomeric 
_pdbx_struct_assembly.oligomeric_count     1 
# 
loop_
_pdbx_struct_assembly_prop.biol_id 
_pdbx_struct_assembly_prop.type 
_pdbx_struct_assembly_prop.value 
_pdbx_struct_assembly_prop.details 
1 'ABSA (A^2)' 170  ? 
1 MORE         -22  ? 
1 'SSA (A^2)'  6060 ? 
# 
_pdbx_struct_assembly_gen.assembly_id       1 
_pdbx_struct_assembly_gen.oper_expression   1 
_pdbx_struct_assembly_gen.asym_id_list      A,B,C,D,E 
# 
_pdbx_struct_oper_list.id                   1 
_pdbx_struct_oper_list.type                 'identity operation' 
_pdbx_struct_oper_list.name                 1_555 
_pdbx_struct_oper_list.symmetry_operation   x,y,z 
_pdbx_struct_oper_list.matrix[1][1]         1.0000000000 
_pdbx_struct_oper_list.matrix[1][2]         0.0000000000 
_pdbx_struct_oper_list.matrix[1][3]         0.0000000000 
_pdbx_struct_oper_list.vector[1]            0.0000000000 
_pdbx_struct_oper_list.matrix[2][1]         0.0000000000 
_pdbx_struct_oper_list.matrix[2][2]         1.0000000000 
_pdbx_struct_oper_list.matrix[2][3]         0.0000000000 
_pdbx_struct_oper_list.vector[2]            0.0000000000 
_pdbx_struct_oper_list.matrix[3][1]         0.0000000000 
_pdbx_struct_oper_list.matrix[3][2]         0.0000000000 
_pdbx_struct_oper_list.matrix[3][3]         1.0000000000 
_pdbx_struct_oper_list.vector[3]            0.0000000000 
# 
loop_
_struct_conf.conf_type_id 
_struct_conf.id 
_struct_conf.pdbx_PDB_helix_id 
_struct_conf.beg_label_comp_id 
_struct_conf.beg_label_asym_id 
_struct_conf.beg_label_seq_id 
_struct_conf.pdbx_beg_PDB_ins_code 
_struct_conf.end_label_comp_id 
_struct_conf.end_label_asym_id 
_struct_conf.end_label_seq_id 
_struct_conf.pdbx_end_PDB_ins_code 
_struct_conf.beg_auth_comp_id 
_struct_conf.beg_auth_asym_id 
_struct_conf.beg_auth_seq_id 
_struct_conf.end_auth_comp_id 
_struct_conf.end_auth_asym_id 
_struct_conf.end_auth_seq_id 
_struct_conf.pdbx_PDB_helix_class 
_struct_conf.details 
_struct_conf.pdbx_PDB_helix_length 
HELX_P HELX_P1 AA1 PRO A 3  ? GLU A 8  ? PRO A 20 GLU A 25  5 ? 6  
HELX_P HELX_P2 AA2 LYS A 14 ? SER A 23 ? LYS A 31 SER A 40  1 ? 10 
HELX_P HELX_P3 AA3 MET A 33 ? LYS A 47 ? MET A 50 LYS A 64  1 ? 15 
HELX_P HELX_P4 AA4 ASP A 63 ? GLY A 70 ? ASP A 80 GLY A 87  1 ? 8  
HELX_P HELX_P5 AA5 GLU A 78 ? ARG A 88 ? GLU A 95 ARG A 105 1 ? 11 
# 
_struct_conf_type.id          HELX_P 
_struct_conf_type.criteria    ? 
_struct_conf_type.reference   ? 
# 
loop_
_struct_conn.id 
_struct_conn.conn_type_id 
_struct_conn.pdbx_leaving_atom_flag 
_struct_conn.pdbx_PDB_id 
_struct_conn.ptnr1_label_asym_id 
_struct_conn.ptnr1_label_comp_id 
_struct_conn.ptnr1_label_seq_id 
_struct_conn.ptnr1_label_atom_id 
_struct_conn.pdbx_ptnr1_label_alt_id 
_struct_conn.pdbx_ptnr1_PDB_ins_code 
_struct_conn.pdbx_ptnr1_standard_comp_id 
_struct_conn.ptnr1_symmetry 
_struct_conn.ptnr2_label_asym_id 
_struct_conn.ptnr2_label_comp_id 
_struct_conn.ptnr2_label_seq_id 
_struct_conn.ptnr2_label_atom_id 
_struct_conn.pdbx_ptnr2_label_alt_id 
_struct_conn.pdbx_ptnr2_PDB_ins_code 
_struct_conn.ptnr1_auth_asym_id 
_struct_conn.ptnr1_auth_comp_id 
_struct_conn.ptnr1_auth_seq_id 
_struct_conn.ptnr2_auth_asym_id 
_struct_conn.ptnr2_auth_comp_id 
_struct_conn.ptnr2_auth_seq_id 
_struct_conn.ptnr2_symmetry 
_struct_conn.pdbx_ptnr3_label_atom_id 
_struct_conn.pdbx_ptnr3_label_seq_id 
_struct_conn.pdbx_ptnr3_label_comp_id 
_struct_conn.pdbx_ptnr3_label_asym_id 
_struct_conn.pdbx_ptnr3_label_alt_id 
_struct_conn.pdbx_ptnr3_PDB_ins_code 
_struct_conn.details 
_struct_conn.pdbx_dist_value 
_struct_conn.pdbx_value_order 
_struct_conn.pdbx_role 
metalc1 metalc ? ? C ZN . ZN ? ? ? 1_555 E HOH . O ? ? A ZN 202 A HOH 303 1_555  ? ? ? ? ? ? ? 2.263 ? ? 
metalc2 metalc ? ? C ZN . ZN ? ? ? 1_555 E HOH . O ? ? A ZN 202 A HOH 303 10_554 ? ? ? ? ? ? ? 2.234 ? ? 
# 
_struct_conn_type.id          metalc 
_struct_conn_type.criteria    ? 
_struct_conn_type.reference   ? 
# 
_pdbx_struct_conn_angle.id                    1 
_pdbx_struct_conn_angle.ptnr1_label_atom_id   O 
_pdbx_struct_conn_angle.ptnr1_label_alt_id    ? 
_pdbx_struct_conn_angle.ptnr1_label_asym_id   E 
_pdbx_struct_conn_angle.ptnr1_label_comp_id   HOH 
_pdbx_struct_conn_angle.ptnr1_label_seq_id    . 
_pdbx_struct_conn_angle.ptnr1_auth_atom_id    ? 
_pdbx_struct_conn_angle.ptnr1_auth_asym_id    A 
_pdbx_struct_conn_angle.ptnr1_auth_comp_id    HOH 
_pdbx_struct_conn_angle.ptnr1_auth_seq_id     303 
_pdbx_struct_conn_angle.ptnr1_PDB_ins_code    ? 
_pdbx_struct_conn_angle.ptnr1_symmetry        1_555 
_pdbx_struct_conn_angle.ptnr2_label_atom_id   ZN 
_pdbx_struct_conn_angle.ptnr2_label_alt_id    ? 
_pdbx_struct_conn_angle.ptnr2_label_asym_id   C 
_pdbx_struct_conn_angle.ptnr2_label_comp_id   ZN 
_pdbx_struct_conn_angle.ptnr2_label_seq_id    . 
_pdbx_struct_conn_angle.ptnr2_auth_atom_id    ? 
_pdbx_struct_conn_angle.ptnr2_auth_asym_id    A 
_pdbx_struct_conn_angle.ptnr2_auth_comp_id    ZN 
_pdbx_struct_conn_angle.ptnr2_auth_seq_id     202 
_pdbx_struct_conn_angle.ptnr2_PDB_ins_code    ? 
_pdbx_struct_conn_angle.ptnr2_symmetry        1_555 
_pdbx_struct_conn_angle.ptnr3_label_atom_id   O 
_pdbx_struct_conn_angle.ptnr3_label_alt_id    ? 
_pdbx_struct_conn_angle.ptnr3_label_asym_id   E 
_pdbx_struct_conn_angle.ptnr3_label_comp_id   HOH 
_pdbx_struct_conn_angle.ptnr3_label_seq_id    . 
_pdbx_struct_conn_angle.ptnr3_auth_atom_id    ? 
_pdbx_struct_conn_angle.ptnr3_auth_asym_id    A 
_pdbx_struct_conn_angle.ptnr3_auth_comp_id    HOH 
_pdbx_struct_conn_angle.ptnr3_auth_seq_id     303 
_pdbx_struct_conn_angle.ptnr3_PDB_ins_code    ? 
_pdbx_struct_conn_angle.ptnr3_symmetry        10_554 
_pdbx_struct_conn_angle.value                 5.1 
_pdbx_struct_conn_angle.value_esd             ? 
# 
loop_
_struct_sheet.id 
_struct_sheet.type 
_struct_sheet.number_strands 
_struct_sheet.details 
AA1 ? 3 ? 
AA2 ? 3 ? 
# 
loop_
_struct_sheet_order.sheet_id 
_struct_sheet_order.range_id_1 
_struct_sheet_order.range_id_2 
_struct_sheet_order.offset 
_struct_sheet_order.sense 
AA1 1 2 ? anti-parallel 
AA1 2 3 ? anti-parallel 
AA2 1 2 ? anti-parallel 
AA2 2 3 ? anti-parallel 
# 
loop_
_struct_sheet_range.sheet_id 
_struct_sheet_range.id 
_struct_sheet_range.beg_label_comp_id 
_struct_sheet_range.beg_label_asym_id 
_struct_sheet_range.beg_label_seq_id 
_struct_sheet_range.pdbx_beg_PDB_ins_code 
_struct_sheet_range.end_label_comp_id 
_struct_sheet_range.end_label_asym_id 
_struct_sheet_range.end_label_seq_id 
_struct_sheet_range.pdbx_end_PDB_ins_code 
_struct_sheet_range.beg_auth_comp_id 
_struct_sheet_range.beg_auth_asym_id 
_struct_sheet_range.beg_auth_seq_id 
_struct_sheet_range.end_auth_comp_id 
_struct_sheet_range.end_auth_asym_id 
_struct_sheet_range.end_auth_seq_id 
AA1 1 TYR A 31 ? THR A 32 ? TYR A 48  THR A 49  
AA1 2 LEU A 10 ? PRO A 13 ? LEU A 27  PRO A 30  
AA1 3 LEU A 90 ? VAL A 92 ? LEU A 107 VAL A 109 
AA2 1 TYR A 50 ? ASP A 51 ? TYR A 67  ASP A 68  
AA2 2 ILE A 57 ? TYR A 59 ? ILE A 74  TYR A 76  
AA2 3 SER A 73 ? SER A 75 ? SER A 90  SER A 92  
# 
loop_
_pdbx_struct_sheet_hbond.sheet_id 
_pdbx_struct_sheet_hbond.range_id_1 
_pdbx_struct_sheet_hbond.range_id_2 
_pdbx_struct_sheet_hbond.range_1_label_atom_id 
_pdbx_struct_sheet_hbond.range_1_label_comp_id 
_pdbx_struct_sheet_hbond.range_1_label_asym_id 
_pdbx_struct_sheet_hbond.range_1_label_seq_id 
_pdbx_struct_sheet_hbond.range_1_PDB_ins_code 
_pdbx_struct_sheet_hbond.range_1_auth_atom_id 
_pdbx_struct_sheet_hbond.range_1_auth_comp_id 
_pdbx_struct_sheet_hbond.range_1_auth_asym_id 
_pdbx_struct_sheet_hbond.range_1_auth_seq_id 
_pdbx_struct_sheet_hbond.range_2_label_atom_id 
_pdbx_struct_sheet_hbond.range_2_label_comp_id 
_pdbx_struct_sheet_hbond.range_2_label_asym_id 
_pdbx_struct_sheet_hbond.range_2_label_seq_id 
_pdbx_struct_sheet_hbond.range_2_PDB_ins_code 
_pdbx_struct_sheet_hbond.range_2_auth_atom_id 
_pdbx_struct_sheet_hbond.range_2_auth_comp_id 
_pdbx_struct_sheet_hbond.range_2_auth_asym_id 
_pdbx_struct_sheet_hbond.range_2_auth_seq_id 
AA1 1 2 O TYR A 31 ? O TYR A 48 N VAL A 11 ? N VAL A 28  
AA1 2 3 N ARG A 12 ? N ARG A 29 O VAL A 91 ? O VAL A 108 
AA2 1 2 N ASP A 51 ? N ASP A 68 O ILE A 57 ? O ILE A 74  
AA2 2 3 N VAL A 58 ? N VAL A 75 O PHE A 74 ? O PHE A 91  
# 
loop_
_struct_site.id 
_struct_site.pdbx_evidence_code 
_struct_site.pdbx_auth_asym_id 
_struct_site.pdbx_auth_comp_id 
_struct_site.pdbx_auth_seq_id 
_struct_site.pdbx_auth_ins_code 
_struct_site.pdbx_num_residues 
_struct_site.details 
AC1 Software A 6ST 201 ? 11 'binding site for residue 6ST A 201' 
AC2 Software A ZN  202 ? 5  'binding site for residue ZN A 202'  
AC3 Software A SO4 203 ? 7  'binding site for residue SO4 A 203' 
# 
loop_
_struct_site_gen.id 
_struct_site_gen.site_id 
_struct_site_gen.pdbx_num_res 
_struct_site_gen.label_comp_id 
_struct_site_gen.label_asym_id 
_struct_site_gen.label_seq_id 
_struct_site_gen.pdbx_auth_ins_code 
_struct_site_gen.auth_comp_id 
_struct_site_gen.auth_asym_id 
_struct_site_gen.auth_seq_id 
_struct_site_gen.label_atom_id 
_struct_site_gen.label_alt_id 
_struct_site_gen.symmetry 
_struct_site_gen.details 
1  AC1 11 LEU A 37 ? LEU A 54  . ? 1_555  ? 
2  AC1 11 ILE A 44 ? ILE A 61  . ? 1_555  ? 
3  AC1 11 MET A 45 ? MET A 62  . ? 1_555  ? 
4  AC1 11 PHE A 69 ? PHE A 86  . ? 1_555  ? 
5  AC1 11 VAL A 76 ? VAL A 93  . ? 1_555  ? 
6  AC1 11 LYS A 77 ? LYS A 94  . ? 1_555  ? 
7  AC1 11 LYS A 77 ? LYS A 94  . ? 10_554 ? 
8  AC1 11 HIS A 79 ? HIS A 96  . ? 1_555  ? 
9  AC1 11 ILE A 82 ? ILE A 99  . ? 1_555  ? 
10 AC1 11 TYR A 83 ? TYR A 100 . ? 1_555  ? 
11 AC1 11 HOH E .  ? HOH A 327 . ? 1_555  ? 
12 AC2 5  HIS A 56 ? HIS A 73  . ? 10_554 ? 
13 AC2 5  HIS A 56 ? HIS A 73  . ? 1_555  ? 
14 AC2 5  LYS A 77 ? LYS A 94  . ? 10_554 ? 
15 AC2 5  HOH E .  ? HOH A 303 . ? 10_554 ? 
16 AC2 5  HOH E .  ? HOH A 303 . ? 1_555  ? 
17 AC3 7  PRO A 3  ? PRO A 20  . ? 1_555  ? 
18 AC3 7  ALA A 4  ? ALA A 21  . ? 1_555  ? 
19 AC3 7  LYS A 34 ? LYS A 51  . ? 8_555  ? 
20 AC3 7  LYS A 34 ? LYS A 51  . ? 5_554  ? 
21 AC3 7  HOH E .  ? HOH A 305 . ? 10_554 ? 
22 AC3 7  HOH E .  ? HOH A 305 . ? 1_555  ? 
23 AC3 7  HOH E .  ? HOH A 312 . ? 1_555  ? 
# 
_pdbx_validate_torsion.id              1 
_pdbx_validate_torsion.PDB_model_num   1 
_pdbx_validate_torsion.auth_comp_id    GLN 
_pdbx_validate_torsion.auth_asym_id    A 
_pdbx_validate_torsion.auth_seq_id     71 
_pdbx_validate_torsion.PDB_ins_code    ? 
_pdbx_validate_torsion.label_alt_id    ? 
_pdbx_validate_torsion.phi             -175.32 
_pdbx_validate_torsion.psi             58.31 
# 
loop_
_pdbx_struct_special_symmetry.id 
_pdbx_struct_special_symmetry.PDB_model_num 
_pdbx_struct_special_symmetry.auth_asym_id 
_pdbx_struct_special_symmetry.auth_comp_id 
_pdbx_struct_special_symmetry.auth_seq_id 
_pdbx_struct_special_symmetry.PDB_ins_code 
_pdbx_struct_special_symmetry.label_asym_id 
_pdbx_struct_special_symmetry.label_comp_id 
_pdbx_struct_special_symmetry.label_seq_id 
1 1 A HOH 303 ? E HOH . 
2 1 A HOH 331 ? E HOH . 
# 
loop_
_chem_comp_atom.comp_id 
_chem_comp_atom.atom_id 
_chem_comp_atom.type_symbol 
_chem_comp_atom.pdbx_aromatic_flag 
_chem_comp_atom.pdbx_stereo_config 
_chem_comp_atom.pdbx_ordinal 
6ST C2   C  N N 1   
6ST C4   C  Y N 2   
6ST C5   C  Y N 3   
6ST C6   C  Y N 4   
6ST C7   C  Y N 5   
6ST C8   C  Y N 6   
6ST C12  C  N N 7   
6ST C15  C  N S 8   
6ST C18  C  N S 9   
6ST C21  C  Y N 10  
6ST C23  C  Y N 11  
6ST C24  C  Y N 12  
6ST C32  C  Y N 13  
6ST C33  C  Y N 14  
6ST C34  C  Y N 15  
6ST C36  C  Y N 16  
6ST C37  C  Y N 17  
6ST C38  C  Y N 18  
6ST C40  C  N N 19  
6ST O1   O  N N 20  
6ST O3   O  N N 21  
6ST C9   C  Y N 22  
6ST C10  C  N R 23  
6ST C13  C  N S 24  
6ST N17  N  N N 25  
6ST C20  C  Y N 26  
6ST C22  C  Y N 27  
6ST CL2  CL N N 28  
6ST C26  C  Y N 29  
6ST F27  F  N N 30  
6ST C28  C  N S 31  
6ST C29  C  N N 32  
6ST O30  O  N N 33  
6ST N31  N  N N 34  
6ST CL3  CL N N 35  
6ST N39  N  N N 36  
6ST C41  C  N N 37  
6ST C42  C  N N 38  
6ST C43  C  N N 39  
6ST H1   H  N N 40  
6ST H2   H  N N 41  
6ST H3   H  N N 42  
6ST H4   H  N N 43  
6ST H5   H  N N 44  
6ST H6   H  N N 45  
6ST H7   H  N N 46  
6ST H8   H  N N 47  
6ST H9   H  N N 48  
6ST H10  H  N N 49  
6ST H11  H  N N 50  
6ST H12  H  N N 51  
6ST H13  H  N N 52  
6ST H14  H  N N 53  
6ST H15  H  N N 54  
6ST H16  H  N N 55  
6ST H17  H  N N 56  
6ST H18  H  N N 57  
6ST H19  H  N N 58  
6ST H21  H  N N 59  
6ST H22  H  N N 60  
6ST H24  H  N N 61  
6ST H25  H  N N 62  
6ST H26  H  N N 63  
6ST H27  H  N N 64  
6ST H28  H  N N 65  
ALA N    N  N N 66  
ALA CA   C  N S 67  
ALA C    C  N N 68  
ALA O    O  N N 69  
ALA CB   C  N N 70  
ALA OXT  O  N N 71  
ALA H    H  N N 72  
ALA H2   H  N N 73  
ALA HA   H  N N 74  
ALA HB1  H  N N 75  
ALA HB2  H  N N 76  
ALA HB3  H  N N 77  
ALA HXT  H  N N 78  
ARG N    N  N N 79  
ARG CA   C  N S 80  
ARG C    C  N N 81  
ARG O    O  N N 82  
ARG CB   C  N N 83  
ARG CG   C  N N 84  
ARG CD   C  N N 85  
ARG NE   N  N N 86  
ARG CZ   C  N N 87  
ARG NH1  N  N N 88  
ARG NH2  N  N N 89  
ARG OXT  O  N N 90  
ARG H    H  N N 91  
ARG H2   H  N N 92  
ARG HA   H  N N 93  
ARG HB2  H  N N 94  
ARG HB3  H  N N 95  
ARG HG2  H  N N 96  
ARG HG3  H  N N 97  
ARG HD2  H  N N 98  
ARG HD3  H  N N 99  
ARG HE   H  N N 100 
ARG HH11 H  N N 101 
ARG HH12 H  N N 102 
ARG HH21 H  N N 103 
ARG HH22 H  N N 104 
ARG HXT  H  N N 105 
ASN N    N  N N 106 
ASN CA   C  N S 107 
ASN C    C  N N 108 
ASN O    O  N N 109 
ASN CB   C  N N 110 
ASN CG   C  N N 111 
ASN OD1  O  N N 112 
ASN ND2  N  N N 113 
ASN OXT  O  N N 114 
ASN H    H  N N 115 
ASN H2   H  N N 116 
ASN HA   H  N N 117 
ASN HB2  H  N N 118 
ASN HB3  H  N N 119 
ASN HD21 H  N N 120 
ASN HD22 H  N N 121 
ASN HXT  H  N N 122 
ASP N    N  N N 123 
ASP CA   C  N S 124 
ASP C    C  N N 125 
ASP O    O  N N 126 
ASP CB   C  N N 127 
ASP CG   C  N N 128 
ASP OD1  O  N N 129 
ASP OD2  O  N N 130 
ASP OXT  O  N N 131 
ASP H    H  N N 132 
ASP H2   H  N N 133 
ASP HA   H  N N 134 
ASP HB2  H  N N 135 
ASP HB3  H  N N 136 
ASP HD2  H  N N 137 
ASP HXT  H  N N 138 
CYS N    N  N N 139 
CYS CA   C  N R 140 
CYS C    C  N N 141 
CYS O    O  N N 142 
CYS CB   C  N N 143 
CYS SG   S  N N 144 
CYS OXT  O  N N 145 
CYS H    H  N N 146 
CYS H2   H  N N 147 
CYS HA   H  N N 148 
CYS HB2  H  N N 149 
CYS HB3  H  N N 150 
CYS HG   H  N N 151 
CYS HXT  H  N N 152 
GLN N    N  N N 153 
GLN CA   C  N S 154 
GLN C    C  N N 155 
GLN O    O  N N 156 
GLN CB   C  N N 157 
GLN CG   C  N N 158 
GLN CD   C  N N 159 
GLN OE1  O  N N 160 
GLN NE2  N  N N 161 
GLN OXT  O  N N 162 
GLN H    H  N N 163 
GLN H2   H  N N 164 
GLN HA   H  N N 165 
GLN HB2  H  N N 166 
GLN HB3  H  N N 167 
GLN HG2  H  N N 168 
GLN HG3  H  N N 169 
GLN HE21 H  N N 170 
GLN HE22 H  N N 171 
GLN HXT  H  N N 172 
GLU N    N  N N 173 
GLU CA   C  N S 174 
GLU C    C  N N 175 
GLU O    O  N N 176 
GLU CB   C  N N 177 
GLU CG   C  N N 178 
GLU CD   C  N N 179 
GLU OE1  O  N N 180 
GLU OE2  O  N N 181 
GLU OXT  O  N N 182 
GLU H    H  N N 183 
GLU H2   H  N N 184 
GLU HA   H  N N 185 
GLU HB2  H  N N 186 
GLU HB3  H  N N 187 
GLU HG2  H  N N 188 
GLU HG3  H  N N 189 
GLU HE2  H  N N 190 
GLU HXT  H  N N 191 
GLY N    N  N N 192 
GLY CA   C  N N 193 
GLY C    C  N N 194 
GLY O    O  N N 195 
GLY OXT  O  N N 196 
GLY H    H  N N 197 
GLY H2   H  N N 198 
GLY HA2  H  N N 199 
GLY HA3  H  N N 200 
GLY HXT  H  N N 201 
HIS N    N  N N 202 
HIS CA   C  N S 203 
HIS C    C  N N 204 
HIS O    O  N N 205 
HIS CB   C  N N 206 
HIS CG   C  Y N 207 
HIS ND1  N  Y N 208 
HIS CD2  C  Y N 209 
HIS CE1  C  Y N 210 
HIS NE2  N  Y N 211 
HIS OXT  O  N N 212 
HIS H    H  N N 213 
HIS H2   H  N N 214 
HIS HA   H  N N 215 
HIS HB2  H  N N 216 
HIS HB3  H  N N 217 
HIS HD1  H  N N 218 
HIS HD2  H  N N 219 
HIS HE1  H  N N 220 
HIS HE2  H  N N 221 
HIS HXT  H  N N 222 
HOH O    O  N N 223 
HOH H1   H  N N 224 
HOH H2   H  N N 225 
ILE N    N  N N 226 
ILE CA   C  N S 227 
ILE C    C  N N 228 
ILE O    O  N N 229 
ILE CB   C  N S 230 
ILE CG1  C  N N 231 
ILE CG2  C  N N 232 
ILE CD1  C  N N 233 
ILE OXT  O  N N 234 
ILE H    H  N N 235 
ILE H2   H  N N 236 
ILE HA   H  N N 237 
ILE HB   H  N N 238 
ILE HG12 H  N N 239 
ILE HG13 H  N N 240 
ILE HG21 H  N N 241 
ILE HG22 H  N N 242 
ILE HG23 H  N N 243 
ILE HD11 H  N N 244 
ILE HD12 H  N N 245 
ILE HD13 H  N N 246 
ILE HXT  H  N N 247 
LEU N    N  N N 248 
LEU CA   C  N S 249 
LEU C    C  N N 250 
LEU O    O  N N 251 
LEU CB   C  N N 252 
LEU CG   C  N N 253 
LEU CD1  C  N N 254 
LEU CD2  C  N N 255 
LEU OXT  O  N N 256 
LEU H    H  N N 257 
LEU H2   H  N N 258 
LEU HA   H  N N 259 
LEU HB2  H  N N 260 
LEU HB3  H  N N 261 
LEU HG   H  N N 262 
LEU HD11 H  N N 263 
LEU HD12 H  N N 264 
LEU HD13 H  N N 265 
LEU HD21 H  N N 266 
LEU HD22 H  N N 267 
LEU HD23 H  N N 268 
LEU HXT  H  N N 269 
LYS N    N  N N 270 
LYS CA   C  N S 271 
LYS C    C  N N 272 
LYS O    O  N N 273 
LYS CB   C  N N 274 
LYS CG   C  N N 275 
LYS CD   C  N N 276 
LYS CE   C  N N 277 
LYS NZ   N  N N 278 
LYS OXT  O  N N 279 
LYS H    H  N N 280 
LYS H2   H  N N 281 
LYS HA   H  N N 282 
LYS HB2  H  N N 283 
LYS HB3  H  N N 284 
LYS HG2  H  N N 285 
LYS HG3  H  N N 286 
LYS HD2  H  N N 287 
LYS HD3  H  N N 288 
LYS HE2  H  N N 289 
LYS HE3  H  N N 290 
LYS HZ1  H  N N 291 
LYS HZ2  H  N N 292 
LYS HZ3  H  N N 293 
LYS HXT  H  N N 294 
MET N    N  N N 295 
MET CA   C  N S 296 
MET C    C  N N 297 
MET O    O  N N 298 
MET CB   C  N N 299 
MET CG   C  N N 300 
MET SD   S  N N 301 
MET CE   C  N N 302 
MET OXT  O  N N 303 
MET H    H  N N 304 
MET H2   H  N N 305 
MET HA   H  N N 306 
MET HB2  H  N N 307 
MET HB3  H  N N 308 
MET HG2  H  N N 309 
MET HG3  H  N N 310 
MET HE1  H  N N 311 
MET HE2  H  N N 312 
MET HE3  H  N N 313 
MET HXT  H  N N 314 
PHE N    N  N N 315 
PHE CA   C  N S 316 
PHE C    C  N N 317 
PHE O    O  N N 318 
PHE CB   C  N N 319 
PHE CG   C  Y N 320 
PHE CD1  C  Y N 321 
PHE CD2  C  Y N 322 
PHE CE1  C  Y N 323 
PHE CE2  C  Y N 324 
PHE CZ   C  Y N 325 
PHE OXT  O  N N 326 
PHE H    H  N N 327 
PHE H2   H  N N 328 
PHE HA   H  N N 329 
PHE HB2  H  N N 330 
PHE HB3  H  N N 331 
PHE HD1  H  N N 332 
PHE HD2  H  N N 333 
PHE HE1  H  N N 334 
PHE HE2  H  N N 335 
PHE HZ   H  N N 336 
PHE HXT  H  N N 337 
PRO N    N  N N 338 
PRO CA   C  N S 339 
PRO C    C  N N 340 
PRO O    O  N N 341 
PRO CB   C  N N 342 
PRO CG   C  N N 343 
PRO CD   C  N N 344 
PRO OXT  O  N N 345 
PRO H    H  N N 346 
PRO HA   H  N N 347 
PRO HB2  H  N N 348 
PRO HB3  H  N N 349 
PRO HG2  H  N N 350 
PRO HG3  H  N N 351 
PRO HD2  H  N N 352 
PRO HD3  H  N N 353 
PRO HXT  H  N N 354 
SER N    N  N N 355 
SER CA   C  N S 356 
SER C    C  N N 357 
SER O    O  N N 358 
SER CB   C  N N 359 
SER OG   O  N N 360 
SER OXT  O  N N 361 
SER H    H  N N 362 
SER H2   H  N N 363 
SER HA   H  N N 364 
SER HB2  H  N N 365 
SER HB3  H  N N 366 
SER HG   H  N N 367 
SER HXT  H  N N 368 
SO4 S    S  N N 369 
SO4 O1   O  N N 370 
SO4 O2   O  N N 371 
SO4 O3   O  N N 372 
SO4 O4   O  N N 373 
THR N    N  N N 374 
THR CA   C  N S 375 
THR C    C  N N 376 
THR O    O  N N 377 
THR CB   C  N R 378 
THR OG1  O  N N 379 
THR CG2  C  N N 380 
THR OXT  O  N N 381 
THR H    H  N N 382 
THR H2   H  N N 383 
THR HA   H  N N 384 
THR HB   H  N N 385 
THR HG1  H  N N 386 
THR HG21 H  N N 387 
THR HG22 H  N N 388 
THR HG23 H  N N 389 
THR HXT  H  N N 390 
TYR N    N  N N 391 
TYR CA   C  N S 392 
TYR C    C  N N 393 
TYR O    O  N N 394 
TYR CB   C  N N 395 
TYR CG   C  Y N 396 
TYR CD1  C  Y N 397 
TYR CD2  C  Y N 398 
TYR CE1  C  Y N 399 
TYR CE2  C  Y N 400 
TYR CZ   C  Y N 401 
TYR OH   O  N N 402 
TYR OXT  O  N N 403 
TYR H    H  N N 404 
TYR H2   H  N N 405 
TYR HA   H  N N 406 
TYR HB2  H  N N 407 
TYR HB3  H  N N 408 
TYR HD1  H  N N 409 
TYR HD2  H  N N 410 
TYR HE1  H  N N 411 
TYR HE2  H  N N 412 
TYR HH   H  N N 413 
TYR HXT  H  N N 414 
VAL N    N  N N 415 
VAL CA   C  N S 416 
VAL C    C  N N 417 
VAL O    O  N N 418 
VAL CB   C  N N 419 
VAL CG1  C  N N 420 
VAL CG2  C  N N 421 
VAL OXT  O  N N 422 
VAL H    H  N N 423 
VAL H2   H  N N 424 
VAL HA   H  N N 425 
VAL HB   H  N N 426 
VAL HG11 H  N N 427 
VAL HG12 H  N N 428 
VAL HG13 H  N N 429 
VAL HG21 H  N N 430 
VAL HG22 H  N N 431 
VAL HG23 H  N N 432 
VAL HXT  H  N N 433 
ZN  ZN   ZN N N 434 
# 
loop_
_chem_comp_bond.comp_id 
_chem_comp_bond.atom_id_1 
_chem_comp_bond.atom_id_2 
_chem_comp_bond.value_order 
_chem_comp_bond.pdbx_aromatic_flag 
_chem_comp_bond.pdbx_stereo_config 
_chem_comp_bond.pdbx_ordinal 
6ST O3  C2   doub N N 1   
6ST C2  O1   sing N N 2   
6ST C2  C4   sing N N 3   
6ST C9  C4   doub Y N 4   
6ST C9  C8   sing Y N 5   
6ST C4  C5   sing Y N 6   
6ST C8  C7   doub Y N 7   
6ST C5  C6   doub Y N 8   
6ST C7  C6   sing Y N 9   
6ST C7  C10  sing N N 10  
6ST CL2 C24  sing N N 11  
6ST C10 N17  sing N N 12  
6ST C10 C12  sing N N 13  
6ST F27 C26  sing N N 14  
6ST N17 C15  sing N N 15  
6ST C24 C26  doub Y N 16  
6ST C24 C23  sing Y N 17  
6ST C26 C20  sing Y N 18  
6ST C23 C22  doub Y N 19  
6ST C20 C18  sing N N 20  
6ST C20 C21  doub Y N 21  
6ST C12 C13  sing N N 22  
6ST C15 C18  sing N N 23  
6ST C15 C13  sing N N 24  
6ST C18 C28  sing N N 25  
6ST C22 C21  sing Y N 26  
6ST C37 C36  doub Y N 27  
6ST C37 C38  sing Y N 28  
6ST C36 C34  sing Y N 29  
6ST C13 N39  sing N N 30  
6ST N39 C28  sing N N 31  
6ST N39 C40  sing N N 32  
6ST C28 C38  sing N N 33  
6ST C28 C29  sing N N 34  
6ST C38 C32  doub Y N 35  
6ST C34 CL3  sing N N 36  
6ST C34 C33  doub Y N 37  
6ST C43 C41  sing N N 38  
6ST C43 C42  sing N N 39  
6ST C41 C40  sing N N 40  
6ST C41 C42  sing N N 41  
6ST C32 C33  sing Y N 42  
6ST C32 N31  sing N N 43  
6ST C29 O30  doub N N 44  
6ST C29 N31  sing N N 45  
6ST C5  H1   sing N N 46  
6ST C6  H2   sing N N 47  
6ST C8  H3   sing N N 48  
6ST C12 H4   sing N N 49  
6ST C12 H5   sing N N 50  
6ST C15 H6   sing N N 51  
6ST C18 H7   sing N N 52  
6ST C21 H8   sing N N 53  
6ST C23 H9   sing N N 54  
6ST C33 H10  sing N N 55  
6ST C36 H11  sing N N 56  
6ST C37 H12  sing N N 57  
6ST C40 H13  sing N N 58  
6ST C40 H14  sing N N 59  
6ST O1  H15  sing N N 60  
6ST C9  H16  sing N N 61  
6ST C10 H17  sing N N 62  
6ST C13 H18  sing N N 63  
6ST N17 H19  sing N N 64  
6ST C22 H21  sing N N 65  
6ST N31 H22  sing N N 66  
6ST C41 H24  sing N N 67  
6ST C42 H25  sing N N 68  
6ST C42 H26  sing N N 69  
6ST C43 H27  sing N N 70  
6ST C43 H28  sing N N 71  
ALA N   CA   sing N N 72  
ALA N   H    sing N N 73  
ALA N   H2   sing N N 74  
ALA CA  C    sing N N 75  
ALA CA  CB   sing N N 76  
ALA CA  HA   sing N N 77  
ALA C   O    doub N N 78  
ALA C   OXT  sing N N 79  
ALA CB  HB1  sing N N 80  
ALA CB  HB2  sing N N 81  
ALA CB  HB3  sing N N 82  
ALA OXT HXT  sing N N 83  
ARG N   CA   sing N N 84  
ARG N   H    sing N N 85  
ARG N   H2   sing N N 86  
ARG CA  C    sing N N 87  
ARG CA  CB   sing N N 88  
ARG CA  HA   sing N N 89  
ARG C   O    doub N N 90  
ARG C   OXT  sing N N 91  
ARG CB  CG   sing N N 92  
ARG CB  HB2  sing N N 93  
ARG CB  HB3  sing N N 94  
ARG CG  CD   sing N N 95  
ARG CG  HG2  sing N N 96  
ARG CG  HG3  sing N N 97  
ARG CD  NE   sing N N 98  
ARG CD  HD2  sing N N 99  
ARG CD  HD3  sing N N 100 
ARG NE  CZ   sing N N 101 
ARG NE  HE   sing N N 102 
ARG CZ  NH1  sing N N 103 
ARG CZ  NH2  doub N N 104 
ARG NH1 HH11 sing N N 105 
ARG NH1 HH12 sing N N 106 
ARG NH2 HH21 sing N N 107 
ARG NH2 HH22 sing N N 108 
ARG OXT HXT  sing N N 109 
ASN N   CA   sing N N 110 
ASN N   H    sing N N 111 
ASN N   H2   sing N N 112 
ASN CA  C    sing N N 113 
ASN CA  CB   sing N N 114 
ASN CA  HA   sing N N 115 
ASN C   O    doub N N 116 
ASN C   OXT  sing N N 117 
ASN CB  CG   sing N N 118 
ASN CB  HB2  sing N N 119 
ASN CB  HB3  sing N N 120 
ASN CG  OD1  doub N N 121 
ASN CG  ND2  sing N N 122 
ASN ND2 HD21 sing N N 123 
ASN ND2 HD22 sing N N 124 
ASN OXT HXT  sing N N 125 
ASP N   CA   sing N N 126 
ASP N   H    sing N N 127 
ASP N   H2   sing N N 128 
ASP CA  C    sing N N 129 
ASP CA  CB   sing N N 130 
ASP CA  HA   sing N N 131 
ASP C   O    doub N N 132 
ASP C   OXT  sing N N 133 
ASP CB  CG   sing N N 134 
ASP CB  HB2  sing N N 135 
ASP CB  HB3  sing N N 136 
ASP CG  OD1  doub N N 137 
ASP CG  OD2  sing N N 138 
ASP OD2 HD2  sing N N 139 
ASP OXT HXT  sing N N 140 
CYS N   CA   sing N N 141 
CYS N   H    sing N N 142 
CYS N   H2   sing N N 143 
CYS CA  C    sing N N 144 
CYS CA  CB   sing N N 145 
CYS CA  HA   sing N N 146 
CYS C   O    doub N N 147 
CYS C   OXT  sing N N 148 
CYS CB  SG   sing N N 149 
CYS CB  HB2  sing N N 150 
CYS CB  HB3  sing N N 151 
CYS SG  HG   sing N N 152 
CYS OXT HXT  sing N N 153 
GLN N   CA   sing N N 154 
GLN N   H    sing N N 155 
GLN N   H2   sing N N 156 
GLN CA  C    sing N N 157 
GLN CA  CB   sing N N 158 
GLN CA  HA   sing N N 159 
GLN C   O    doub N N 160 
GLN C   OXT  sing N N 161 
GLN CB  CG   sing N N 162 
GLN CB  HB2  sing N N 163 
GLN CB  HB3  sing N N 164 
GLN CG  CD   sing N N 165 
GLN CG  HG2  sing N N 166 
GLN CG  HG3  sing N N 167 
GLN CD  OE1  doub N N 168 
GLN CD  NE2  sing N N 169 
GLN NE2 HE21 sing N N 170 
GLN NE2 HE22 sing N N 171 
GLN OXT HXT  sing N N 172 
GLU N   CA   sing N N 173 
GLU N   H    sing N N 174 
GLU N   H2   sing N N 175 
GLU CA  C    sing N N 176 
GLU CA  CB   sing N N 177 
GLU CA  HA   sing N N 178 
GLU C   O    doub N N 179 
GLU C   OXT  sing N N 180 
GLU CB  CG   sing N N 181 
GLU CB  HB2  sing N N 182 
GLU CB  HB3  sing N N 183 
GLU CG  CD   sing N N 184 
GLU CG  HG2  sing N N 185 
GLU CG  HG3  sing N N 186 
GLU CD  OE1  doub N N 187 
GLU CD  OE2  sing N N 188 
GLU OE2 HE2  sing N N 189 
GLU OXT HXT  sing N N 190 
GLY N   CA   sing N N 191 
GLY N   H    sing N N 192 
GLY N   H2   sing N N 193 
GLY CA  C    sing N N 194 
GLY CA  HA2  sing N N 195 
GLY CA  HA3  sing N N 196 
GLY C   O    doub N N 197 
GLY C   OXT  sing N N 198 
GLY OXT HXT  sing N N 199 
HIS N   CA   sing N N 200 
HIS N   H    sing N N 201 
HIS N   H2   sing N N 202 
HIS CA  C    sing N N 203 
HIS CA  CB   sing N N 204 
HIS CA  HA   sing N N 205 
HIS C   O    doub N N 206 
HIS C   OXT  sing N N 207 
HIS CB  CG   sing N N 208 
HIS CB  HB2  sing N N 209 
HIS CB  HB3  sing N N 210 
HIS CG  ND1  sing Y N 211 
HIS CG  CD2  doub Y N 212 
HIS ND1 CE1  doub Y N 213 
HIS ND1 HD1  sing N N 214 
HIS CD2 NE2  sing Y N 215 
HIS CD2 HD2  sing N N 216 
HIS CE1 NE2  sing Y N 217 
HIS CE1 HE1  sing N N 218 
HIS NE2 HE2  sing N N 219 
HIS OXT HXT  sing N N 220 
HOH O   H1   sing N N 221 
HOH O   H2   sing N N 222 
ILE N   CA   sing N N 223 
ILE N   H    sing N N 224 
ILE N   H2   sing N N 225 
ILE CA  C    sing N N 226 
ILE CA  CB   sing N N 227 
ILE CA  HA   sing N N 228 
ILE C   O    doub N N 229 
ILE C   OXT  sing N N 230 
ILE CB  CG1  sing N N 231 
ILE CB  CG2  sing N N 232 
ILE CB  HB   sing N N 233 
ILE CG1 CD1  sing N N 234 
ILE CG1 HG12 sing N N 235 
ILE CG1 HG13 sing N N 236 
ILE CG2 HG21 sing N N 237 
ILE CG2 HG22 sing N N 238 
ILE CG2 HG23 sing N N 239 
ILE CD1 HD11 sing N N 240 
ILE CD1 HD12 sing N N 241 
ILE CD1 HD13 sing N N 242 
ILE OXT HXT  sing N N 243 
LEU N   CA   sing N N 244 
LEU N   H    sing N N 245 
LEU N   H2   sing N N 246 
LEU CA  C    sing N N 247 
LEU CA  CB   sing N N 248 
LEU CA  HA   sing N N 249 
LEU C   O    doub N N 250 
LEU C   OXT  sing N N 251 
LEU CB  CG   sing N N 252 
LEU CB  HB2  sing N N 253 
LEU CB  HB3  sing N N 254 
LEU CG  CD1  sing N N 255 
LEU CG  CD2  sing N N 256 
LEU CG  HG   sing N N 257 
LEU CD1 HD11 sing N N 258 
LEU CD1 HD12 sing N N 259 
LEU CD1 HD13 sing N N 260 
LEU CD2 HD21 sing N N 261 
LEU CD2 HD22 sing N N 262 
LEU CD2 HD23 sing N N 263 
LEU OXT HXT  sing N N 264 
LYS N   CA   sing N N 265 
LYS N   H    sing N N 266 
LYS N   H2   sing N N 267 
LYS CA  C    sing N N 268 
LYS CA  CB   sing N N 269 
LYS CA  HA   sing N N 270 
LYS C   O    doub N N 271 
LYS C   OXT  sing N N 272 
LYS CB  CG   sing N N 273 
LYS CB  HB2  sing N N 274 
LYS CB  HB3  sing N N 275 
LYS CG  CD   sing N N 276 
LYS CG  HG2  sing N N 277 
LYS CG  HG3  sing N N 278 
LYS CD  CE   sing N N 279 
LYS CD  HD2  sing N N 280 
LYS CD  HD3  sing N N 281 
LYS CE  NZ   sing N N 282 
LYS CE  HE2  sing N N 283 
LYS CE  HE3  sing N N 284 
LYS NZ  HZ1  sing N N 285 
LYS NZ  HZ2  sing N N 286 
LYS NZ  HZ3  sing N N 287 
LYS OXT HXT  sing N N 288 
MET N   CA   sing N N 289 
MET N   H    sing N N 290 
MET N   H2   sing N N 291 
MET CA  C    sing N N 292 
MET CA  CB   sing N N 293 
MET CA  HA   sing N N 294 
MET C   O    doub N N 295 
MET C   OXT  sing N N 296 
MET CB  CG   sing N N 297 
MET CB  HB2  sing N N 298 
MET CB  HB3  sing N N 299 
MET CG  SD   sing N N 300 
MET CG  HG2  sing N N 301 
MET CG  HG3  sing N N 302 
MET SD  CE   sing N N 303 
MET CE  HE1  sing N N 304 
MET CE  HE2  sing N N 305 
MET CE  HE3  sing N N 306 
MET OXT HXT  sing N N 307 
PHE N   CA   sing N N 308 
PHE N   H    sing N N 309 
PHE N   H2   sing N N 310 
PHE CA  C    sing N N 311 
PHE CA  CB   sing N N 312 
PHE CA  HA   sing N N 313 
PHE C   O    doub N N 314 
PHE C   OXT  sing N N 315 
PHE CB  CG   sing N N 316 
PHE CB  HB2  sing N N 317 
PHE CB  HB3  sing N N 318 
PHE CG  CD1  doub Y N 319 
PHE CG  CD2  sing Y N 320 
PHE CD1 CE1  sing Y N 321 
PHE CD1 HD1  sing N N 322 
PHE CD2 CE2  doub Y N 323 
PHE CD2 HD2  sing N N 324 
PHE CE1 CZ   doub Y N 325 
PHE CE1 HE1  sing N N 326 
PHE CE2 CZ   sing Y N 327 
PHE CE2 HE2  sing N N 328 
PHE CZ  HZ   sing N N 329 
PHE OXT HXT  sing N N 330 
PRO N   CA   sing N N 331 
PRO N   CD   sing N N 332 
PRO N   H    sing N N 333 
PRO CA  C    sing N N 334 
PRO CA  CB   sing N N 335 
PRO CA  HA   sing N N 336 
PRO C   O    doub N N 337 
PRO C   OXT  sing N N 338 
PRO CB  CG   sing N N 339 
PRO CB  HB2  sing N N 340 
PRO CB  HB3  sing N N 341 
PRO CG  CD   sing N N 342 
PRO CG  HG2  sing N N 343 
PRO CG  HG3  sing N N 344 
PRO CD  HD2  sing N N 345 
PRO CD  HD3  sing N N 346 
PRO OXT HXT  sing N N 347 
SER N   CA   sing N N 348 
SER N   H    sing N N 349 
SER N   H2   sing N N 350 
SER CA  C    sing N N 351 
SER CA  CB   sing N N 352 
SER CA  HA   sing N N 353 
SER C   O    doub N N 354 
SER C   OXT  sing N N 355 
SER CB  OG   sing N N 356 
SER CB  HB2  sing N N 357 
SER CB  HB3  sing N N 358 
SER OG  HG   sing N N 359 
SER OXT HXT  sing N N 360 
SO4 S   O1   doub N N 361 
SO4 S   O2   doub N N 362 
SO4 S   O3   sing N N 363 
SO4 S   O4   sing N N 364 
THR N   CA   sing N N 365 
THR N   H    sing N N 366 
THR N   H2   sing N N 367 
THR CA  C    sing N N 368 
THR CA  CB   sing N N 369 
THR CA  HA   sing N N 370 
THR C   O    doub N N 371 
THR C   OXT  sing N N 372 
THR CB  OG1  sing N N 373 
THR CB  CG2  sing N N 374 
THR CB  HB   sing N N 375 
THR OG1 HG1  sing N N 376 
THR CG2 HG21 sing N N 377 
THR CG2 HG22 sing N N 378 
THR CG2 HG23 sing N N 379 
THR OXT HXT  sing N N 380 
TYR N   CA   sing N N 381 
TYR N   H    sing N N 382 
TYR N   H2   sing N N 383 
TYR CA  C    sing N N 384 
TYR CA  CB   sing N N 385 
TYR CA  HA   sing N N 386 
TYR C   O    doub N N 387 
TYR C   OXT  sing N N 388 
TYR CB  CG   sing N N 389 
TYR CB  HB2  sing N N 390 
TYR CB  HB3  sing N N 391 
TYR CG  CD1  doub Y N 392 
TYR CG  CD2  sing Y N 393 
TYR CD1 CE1  sing Y N 394 
TYR CD1 HD1  sing N N 395 
TYR CD2 CE2  doub Y N 396 
TYR CD2 HD2  sing N N 397 
TYR CE1 CZ   doub Y N 398 
TYR CE1 HE1  sing N N 399 
TYR CE2 CZ   sing Y N 400 
TYR CE2 HE2  sing N N 401 
TYR CZ  OH   sing N N 402 
TYR OH  HH   sing N N 403 
TYR OXT HXT  sing N N 404 
VAL N   CA   sing N N 405 
VAL N   H    sing N N 406 
VAL N   H2   sing N N 407 
VAL CA  C    sing N N 408 
VAL CA  CB   sing N N 409 
VAL CA  HA   sing N N 410 
VAL C   O    doub N N 411 
VAL C   OXT  sing N N 412 
VAL CB  CG1  sing N N 413 
VAL CB  CG2  sing N N 414 
VAL CB  HB   sing N N 415 
VAL CG1 HG11 sing N N 416 
VAL CG1 HG12 sing N N 417 
VAL CG1 HG13 sing N N 418 
VAL CG2 HG21 sing N N 419 
VAL CG2 HG22 sing N N 420 
VAL CG2 HG23 sing N N 421 
VAL OXT HXT  sing N N 422 
# 
_atom_sites.entry_id                    5LAZ 
_atom_sites.fract_transf_matrix[1][1]   0.00767191 
_atom_sites.fract_transf_matrix[1][2]   -0.01743245 
_atom_sites.fract_transf_matrix[1][3]   -0.00805601 
_atom_sites.fract_transf_matrix[2][1]   0.00787433 
_atom_sites.fract_transf_matrix[2][2]   -0.01453928 
_atom_sites.fract_transf_matrix[2][3]   0.01241875 
_atom_sites.fract_transf_matrix[3][1]   -0.00851926 
_atom_sites.fract_transf_matrix[3][2]   -0.00405285 
_atom_sites.fract_transf_matrix[3][3]   0.00065691 
_atom_sites.fract_transf_vector[1]      0.139438 
_atom_sites.fract_transf_vector[2]      0.349356 
_atom_sites.fract_transf_vector[3]      0.026367 
# 
loop_
_atom_type.symbol 
C  
CL 
F  
N  
O  
S  
ZN 
# 
loop_
_atom_site.group_PDB 
_atom_site.id 
_atom_site.type_symbol 
_atom_site.label_atom_id 
_atom_site.label_alt_id 
_atom_site.label_comp_id 
_atom_site.label_asym_id 
_atom_site.label_entity_id 
_atom_site.label_seq_id 
_atom_site.pdbx_PDB_ins_code 
_atom_site.Cartn_x 
_atom_site.Cartn_y 
_atom_site.Cartn_z 
_atom_site.occupancy 
_atom_site.B_iso_or_equiv 
_atom_site.pdbx_formal_charge 
_atom_site.auth_seq_id 
_atom_site.auth_comp_id 
_atom_site.auth_asym_id 
_atom_site.auth_atom_id 
_atom_site.pdbx_PDB_model_num 
ATOM   1   N  N   . GLN A 1 1  ? 8.594   14.197  -10.268 1.00 50.90  ? 18  GLN A N   1 
ATOM   2   C  CA  . GLN A 1 1  ? 9.341   12.935  -9.977  1.00 47.00  ? 18  GLN A CA  1 
ATOM   3   C  C   . GLN A 1 1  ? 8.524   11.718  -10.411 1.00 43.30  ? 18  GLN A C   1 
ATOM   4   O  O   . GLN A 1 1  ? 8.981   10.903  -11.216 1.00 52.45  ? 18  GLN A O   1 
ATOM   5   C  CB  . GLN A 1 1  ? 9.661   12.836  -8.479  1.00 49.36  ? 18  GLN A CB  1 
ATOM   6   C  CG  . GLN A 1 1  ? 10.836  13.831  -8.167  0.00 54.92  ? 18  GLN A CG  1 
ATOM   7   C  CD  . GLN A 1 1  ? 11.481  13.516  -6.828  0.00 54.78  ? 18  GLN A CD  1 
ATOM   8   O  OE1 . GLN A 1 1  ? 10.885  12.862  -5.969  0.00 54.59  ? 18  GLN A OE1 1 
ATOM   9   N  NE2 . GLN A 1 1  ? 12.709  13.986  -6.641  0.00 54.79  ? 18  GLN A NE2 1 
ATOM   10  N  N   . ILE A 1 2  ? 7.311   11.628  -9.872  1.00 43.42  ? 19  ILE A N   1 
ATOM   11  C  CA  . ILE A 1 2  ? 6.376   10.537  -10.155 1.00 32.28  ? 19  ILE A CA  1 
ATOM   12  C  C   . ILE A 1 2  ? 5.473   10.975  -11.317 1.00 28.93  ? 19  ILE A C   1 
ATOM   13  O  O   . ILE A 1 2  ? 4.878   12.055  -11.251 1.00 26.31  ? 19  ILE A O   1 
ATOM   14  C  CB  . ILE A 1 2  ? 5.472   10.228  -8.948  1.00 31.65  ? 19  ILE A CB  1 
ATOM   15  C  CG1 . ILE A 1 2  ? 6.289   10.011  -7.646  1.00 46.25  ? 19  ILE A CG1 1 
ATOM   16  C  CG2 . ILE A 1 2  ? 4.549   9.056   -9.282  1.00 26.17  ? 19  ILE A CG2 1 
ATOM   17  C  CD1 . ILE A 1 2  ? 6.648   8.579   -7.316  1.00 39.52  ? 19  ILE A CD1 1 
ATOM   18  N  N   . PRO A 1 3  ? 5.402   10.174  -12.403 1.00 18.18  ? 20  PRO A N   1 
ATOM   19  C  CA  . PRO A 1 3  ? 4.510   10.488  -13.514 1.00 16.13  ? 20  PRO A CA  1 
ATOM   20  C  C   . PRO A 1 3  ? 3.047   10.061  -13.267 1.00 14.88  ? 20  PRO A C   1 
ATOM   21  O  O   . PRO A 1 3  ? 2.786   9.095   -12.528 1.00 18.25  ? 20  PRO A O   1 
ATOM   22  C  CB  . PRO A 1 3  ? 5.109   9.702   -14.677 1.00 16.35  ? 20  PRO A CB  1 
ATOM   23  C  CG  . PRO A 1 3  ? 5.731   8.515   -14.020 1.00 17.52  ? 20  PRO A CG  1 
ATOM   24  C  CD  . PRO A 1 3  ? 6.287   9.032   -12.731 1.00 18.85  ? 20  PRO A CD  1 
ATOM   25  N  N   . ALA A 1 4  ? 2.124   10.801  -13.904 1.00 19.07  ? 21  ALA A N   1 
ATOM   26  C  CA  . ALA A 1 4  ? 0.660   10.558  -13.785 1.00 21.72  ? 21  ALA A CA  1 
ATOM   27  C  C   . ALA A 1 4  ? 0.294   9.142   -14.218 1.00 18.10  ? 21  ALA A C   1 
ATOM   28  O  O   . ALA A 1 4  ? -0.606  8.516   -13.650 1.00 21.01  ? 21  ALA A O   1 
ATOM   29  C  CB  . ALA A 1 4  ? -0.123  11.591  -14.627 1.00 22.02  ? 21  ALA A CB  1 
ATOM   30  N  N   . SER A 1 5  ? 1.016   8.626   -15.214 1.00 18.90  ? 22  SER A N   1 
ATOM   31  C  CA  . SER A 1 5  ? 0.765   7.296   -15.766 1.00 15.28  ? 22  SER A CA  1 
ATOM   32  C  C   . SER A 1 5  ? 0.993   6.166   -14.798 1.00 12.69  ? 22  SER A C   1 
ATOM   33  O  O   . SER A 1 5  ? 0.466   5.066   -15.009 1.00 13.85  ? 22  SER A O   1 
ATOM   34  C  CB  . SER A 1 5  ? 1.630   7.053   -17.013 1.00 19.66  ? 22  SER A CB  1 
ATOM   35  O  OG  . SER A 1 5  ? 3.026   7.067   -16.716 1.00 13.60  ? 22  SER A OG  1 
ATOM   36  N  N   . GLU A 1 6  ? 1.763   6.388   -13.722 1.00 15.10  ? 23  GLU A N   1 
ATOM   37  C  CA  . GLU A 1 6  ? 2.033   5.318   -12.789 1.00 14.34  ? 23  GLU A CA  1 
ATOM   38  C  C   . GLU A 1 6  ? 0.740   4.741   -12.198 1.00 14.93  ? 23  GLU A C   1 
ATOM   39  O  O   . GLU A 1 6  ? 0.628   3.515   -11.999 1.00 17.57  ? 23  GLU A O   1 
ATOM   40  C  CB  . GLU A 1 6  ? 3.002   5.799   -11.680 1.00 17.53  ? 23  GLU A CB  1 
ATOM   41  C  CG  . GLU A 1 6  ? 3.169   4.898   -10.469 1.00 18.91  ? 23  GLU A CG  1 
ATOM   42  C  CD  . GLU A 1 6  ? 3.545   3.446   -10.801 1.00 19.53  ? 23  GLU A CD  1 
ATOM   43  O  OE1 . GLU A 1 6  ? 3.983   3.162   -11.900 1.00 26.09  ? 23  GLU A OE1 1 
ATOM   44  O  OE2 . GLU A 1 6  ? 3.362   2.584   -9.933  1.00 33.73  ? 23  GLU A OE2 1 
ATOM   45  N  N   . GLN A 1 7  ? -0.249  5.600   -11.945 1.00 15.59  ? 24  GLN A N   1 
ATOM   46  C  CA  . GLN A 1 7  ? -1.465  5.123   -11.297 1.00 21.30  ? 24  GLN A CA  1 
ATOM   47  C  C   . GLN A 1 7  ? -2.326  4.228   -12.223 1.00 16.89  ? 24  GLN A C   1 
ATOM   48  O  O   . GLN A 1 7  ? -3.239  3.568   -11.738 1.00 16.38  ? 24  GLN A O   1 
ATOM   49  C  CB  . GLN A 1 7  ? -2.252  6.289   -10.729 1.00 25.30  ? 24  GLN A CB  1 
ATOM   50  C  CG  . GLN A 1 7  ? -2.984  7.083   -11.776 1.00 25.10  ? 24  GLN A CG  1 
ATOM   51  C  CD  . GLN A 1 7  ? -3.443  8.446   -11.279 0.50 31.95  ? 24  GLN A CD  1 
ATOM   52  O  OE1 . GLN A 1 7  ? -4.492  8.558   -10.650 0.50 24.76  ? 24  GLN A OE1 1 
ATOM   53  N  NE2 . GLN A 1 7  ? -2.673  9.490   -11.588 0.50 32.95  ? 24  GLN A NE2 1 
ATOM   54  N  N   . GLU A 1 8  ? -2.005  4.183   -13.523 1.00 13.83  ? 25  GLU A N   1 
ATOM   55  C  CA  . GLU A 1 8  ? -2.706  3.349   -14.505 1.00 16.23  ? 25  GLU A CA  1 
ATOM   56  C  C   . GLU A 1 8  ? -2.135  1.934   -14.605 1.00 13.09  ? 25  GLU A C   1 
ATOM   57  O  O   . GLU A 1 8  ? -2.720  1.112   -15.281 1.00 16.16  ? 25  GLU A O   1 
ATOM   58  C  CB  . GLU A 1 8  ? -2.651  3.985   -15.886 1.00 21.79  ? 25  GLU A CB  1 
ATOM   59  C  CG  . GLU A 1 8  ? -3.392  5.289   -15.939 1.00 27.49  ? 25  GLU A CG  1 
ATOM   60  C  CD  . GLU A 1 8  ? -3.211  6.007   -17.257 1.00 36.46  ? 25  GLU A CD  1 
ATOM   61  O  OE1 . GLU A 1 8  ? -3.123  5.374   -18.335 1.00 31.48  ? 25  GLU A OE1 1 
ATOM   62  O  OE2 . GLU A 1 8  ? -3.174  7.238   -17.198 1.00 61.27  ? 25  GLU A OE2 1 
ATOM   63  N  N   . THR A 1 9  ? -1.021  1.659   -13.927 1.00 15.85  ? 26  THR A N   1 
ATOM   64  C  CA  . THR A 1 9  ? -0.386  0.335   -14.006 1.00 12.70  ? 26  THR A CA  1 
ATOM   65  C  C   . THR A 1 9  ? -1.337  -0.727  -13.465 1.00 12.31  ? 26  THR A C   1 
ATOM   66  O  O   . THR A 1 9  ? -1.892  -0.579  -12.390 1.00 13.64  ? 26  THR A O   1 
ATOM   67  C  CB  . THR A 1 9  ? 0.906   0.334   -13.185 1.00 13.66  ? 26  THR A CB  1 
ATOM   68  O  OG1 . THR A 1 9  ? 1.744   1.381   -13.690 1.00 14.25  ? 26  THR A OG1 1 
ATOM   69  C  CG2 . THR A 1 9  ? 1.650   -1.028  -13.247 1.00 13.74  ? 26  THR A CG2 1 
ATOM   70  N  N   . LEU A 1 10 ? -1.485  -1.809  -14.217 1.00 14.82  ? 27  LEU A N   1 
ATOM   71  C  CA  . LEU A 1 10 ? -2.373  -2.913  -13.843 1.00 13.47  ? 27  LEU A CA  1 
ATOM   72  C  C   . LEU A 1 10 ? -1.512  -3.957  -13.123 1.00 10.56  ? 27  LEU A C   1 
ATOM   73  O  O   . LEU A 1 10 ? -0.428  -4.342  -13.661 1.00 9.73   ? 27  LEU A O   1 
ATOM   74  C  CB  . LEU A 1 10 ? -3.048  -3.531  -15.100 1.00 15.15  ? 27  LEU A CB  1 
ATOM   75  C  CG  . LEU A 1 10 ? -4.436  -2.952  -15.383 1.00 32.54  ? 27  LEU A CG  1 
ATOM   76  C  CD1 . LEU A 1 10 ? -5.404  -3.197  -14.221 1.00 22.86  ? 27  LEU A CD1 1 
ATOM   77  C  CD2 . LEU A 1 10 ? -4.357  -1.467  -15.687 1.00 40.50  ? 27  LEU A CD2 1 
ATOM   78  N  N   . VAL A 1 11 ? -1.986  -4.440  -11.967 1.00 10.54  ? 28  VAL A N   1 
ATOM   79  C  CA  . VAL A 1 11 ? -1.204  -5.296  -11.078 1.00 11.71  ? 28  VAL A CA  1 
ATOM   80  C  C   . VAL A 1 11 ? -2.041  -6.470  -10.503 1.00 13.98  ? 28  VAL A C   1 
ATOM   81  O  O   . VAL A 1 11 ? -3.281  -6.387  -10.398 1.00 12.97  ? 28  VAL A O   1 
ATOM   82  C  CB  . VAL A 1 11 ? -0.581  -4.499  -9.909  1.00 14.88  ? 28  VAL A CB  1 
ATOM   83  C  CG1 . VAL A 1 11 ? 0.226   -3.332  -10.449 1.00 13.46  ? 28  VAL A CG1 1 
ATOM   84  C  CG2 . VAL A 1 11 ? -1.670  -3.992  -8.947  1.00 16.73  ? 28  VAL A CG2 1 
ATOM   85  N  N   . ARG A 1 12 ? -1.358  -7.572  -10.249 1.00 13.90  ? 29  ARG A N   1 
ATOM   86  C  CA  . ARG A 1 12 ? -1.900  -8.734  -9.552  1.00 12.94  ? 29  ARG A CA  1 
ATOM   87  C  C   . ARG A 1 12 ? -1.159  -8.817  -8.197  1.00 11.54  ? 29  ARG A C   1 
ATOM   88  O  O   . ARG A 1 12 ? 0.006   -9.199  -8.160  1.00 12.52  ? 29  ARG A O   1 
ATOM   89  C  CB  . ARG A 1 12 ? -1.693  -9.986  -10.400 1.00 13.37  ? 29  ARG A CB  1 
ATOM   90  C  CG  . ARG A 1 12 ? -2.302  -11.237 -9.793  1.00 26.71  ? 29  ARG A CG  1 
ATOM   91  C  CD  . ARG A 1 12 ? -2.083  -12.477 -10.640 0.00 22.20  ? 29  ARG A CD  1 
ATOM   92  N  NE  . ARG A 1 12 ? -0.945  -13.247 -10.145 0.00 22.35  ? 29  ARG A NE  1 
ATOM   93  C  CZ  . ARG A 1 12 ? -1.049  -14.278 -9.311  0.00 22.38  ? 29  ARG A CZ  1 
ATOM   94  N  NH1 . ARG A 1 12 ? -2.237  -14.668 -8.876  0.00 22.25  ? 29  ARG A NH1 1 
ATOM   95  N  NH2 . ARG A 1 12 ? 0.041   -14.919 -8.909  0.00 22.44  ? 29  ARG A NH2 1 
ATOM   96  N  N   . PRO A 1 13 ? -1.837  -8.505  -7.088  1.00 12.88  ? 30  PRO A N   1 
ATOM   97  C  CA  . PRO A 1 13 ? -1.182  -8.651  -5.794  1.00 12.83  ? 30  PRO A CA  1 
ATOM   98  C  C   . PRO A 1 13 ? -0.810  -10.082 -5.418  1.00 10.91  ? 30  PRO A C   1 
ATOM   99  O  O   . PRO A 1 13 ? -1.513  -11.063 -5.717  1.00 12.04  ? 30  PRO A O   1 
ATOM   100 C  CB  . PRO A 1 13 ? -2.238  -8.135  -4.782  1.00 15.80  ? 30  PRO A CB  1 
ATOM   101 C  CG  . PRO A 1 13 ? -3.184  -7.307  -5.587  1.00 23.84  ? 30  PRO A CG  1 
ATOM   102 C  CD  . PRO A 1 13 ? -3.189  -7.939  -6.961  1.00 17.22  ? 30  PRO A CD  1 
ATOM   103 N  N   . LYS A 1 14 ? 0.315   -10.172 -4.709  1.00 11.81  ? 31  LYS A N   1 
ATOM   104 C  CA  . LYS A 1 14 ? 0.762   -11.374 -4.104  1.00 11.95  ? 31  LYS A CA  1 
ATOM   105 C  C   . LYS A 1 14 ? -0.164  -11.651 -2.915  1.00 13.68  ? 31  LYS A C   1 
ATOM   106 O  O   . LYS A 1 14 ? -0.875  -10.747 -2.485  1.00 14.43  ? 31  LYS A O   1 
ATOM   107 C  CB  . LYS A 1 14 ? 2.239   -11.248 -3.658  1.00 12.02  ? 31  LYS A CB  1 
ATOM   108 C  CG  . LYS A 1 14 ? 3.199   -11.076 -4.847  1.00 12.26  ? 31  LYS A CG  1 
ATOM   109 C  CD  . LYS A 1 14 ? 4.642   -10.958 -4.399  1.00 14.65  ? 31  LYS A CD  1 
ATOM   110 C  CE  . LYS A 1 14 ? 5.549   -10.710 -5.610  1.00 15.51  ? 31  LYS A CE  1 
ATOM   111 N  NZ  . LYS A 1 14 ? 6.971   -10.597 -5.204  1.00 19.83  ? 31  LYS A NZ  1 
ATOM   112 N  N   . PRO A 1 15 ? -0.083  -12.853 -2.360  1.00 12.18  ? 32  PRO A N   1 
ATOM   113 C  CA  . PRO A 1 15 ? -1.097  -13.260 -1.371  1.00 17.61  ? 32  PRO A CA  1 
ATOM   114 C  C   . PRO A 1 15 ? -1.270  -12.388 -0.132  1.00 16.57  ? 32  PRO A C   1 
ATOM   115 O  O   . PRO A 1 15 ? -2.416  -12.109 0.243   1.00 16.12  ? 32  PRO A O   1 
ATOM   116 C  CB  . PRO A 1 15 ? -0.647  -14.656 -0.976  1.00 17.86  ? 32  PRO A CB  1 
ATOM   117 C  CG  . PRO A 1 15 ? -0.048  -15.225 -2.228  1.00 19.91  ? 32  PRO A CG  1 
ATOM   118 C  CD  . PRO A 1 15 ? 0.634   -14.051 -2.892  1.00 13.94  ? 32  PRO A CD  1 
ATOM   119 N  N   . LEU A 1 16 ? -0.183  -11.946 0.501   1.00 15.80  ? 33  LEU A N   1 
ATOM   120 C  CA  . LEU A 1 16 ? -0.333  -11.107 1.675   1.00 17.45  ? 33  LEU A CA  1 
ATOM   121 C  C   . LEU A 1 16 ? -0.908  -9.724  1.347   1.00 20.16  ? 33  LEU A C   1 
ATOM   122 O  O   . LEU A 1 16 ? -1.765  -9.208  2.100   1.00 17.07  ? 33  LEU A O   1 
ATOM   123 C  CB  . LEU A 1 16 ? 1.022   -10.981 2.393   1.00 21.36  ? 33  LEU A CB  1 
ATOM   124 C  CG  . LEU A 1 16 ? 0.968   -10.194 3.698   1.00 30.87  ? 33  LEU A CG  1 
ATOM   125 C  CD1 . LEU A 1 16 ? 0.034   -10.983 4.612   1.00 37.09  ? 33  LEU A CD1 1 
ATOM   126 C  CD2 . LEU A 1 16 ? 2.361   -10.026 4.280   1.00 39.47  ? 33  LEU A CD2 1 
ATOM   127 N  N   . LEU A 1 17 ? -0.454  -9.091  0.256   1.00 14.04  ? 34  LEU A N   1 
ATOM   128 C  CA  . LEU A 1 17 ? -1.066  -7.855  -0.196  1.00 14.44  ? 34  LEU A CA  1 
ATOM   129 C  C   . LEU A 1 17 ? -2.556  -8.041  -0.504  1.00 14.67  ? 34  LEU A C   1 
ATOM   130 O  O   . LEU A 1 17 ? -3.392  -7.215  -0.078  1.00 15.18  ? 34  LEU A O   1 
ATOM   131 C  CB  . LEU A 1 17 ? -0.342  -7.225  -1.375  1.00 15.97  ? 34  LEU A CB  1 
ATOM   132 C  CG  . LEU A 1 17 ? -0.994  -5.967  -1.928  1.00 16.33  ? 34  LEU A CG  1 
ATOM   133 C  CD1 . LEU A 1 17 ? -1.054  -4.869  -0.868  1.00 18.56  ? 34  LEU A CD1 1 
ATOM   134 C  CD2 . LEU A 1 17 ? -0.236  -5.444  -3.182  1.00 17.00  ? 34  LEU A CD2 1 
ATOM   135 N  N   . LEU A 1 18 ? -2.896  -9.133  -1.178  1.00 13.07  ? 35  LEU A N   1 
ATOM   136 C  CA  . LEU A 1 18 ? -4.296  -9.423  -1.484  1.00 11.95  ? 35  LEU A CA  1 
ATOM   137 C  C   . LEU A 1 18 ? -5.132  -9.564  -0.217  1.00 17.57  ? 35  LEU A C   1 
ATOM   138 O  O   . LEU A 1 18 ? -6.231  -9.035  -0.157  1.00 15.92  ? 35  LEU A O   1 
ATOM   139 C  CB  . LEU A 1 18 ? -4.424  -10.654 -2.375  1.00 13.04  ? 35  LEU A CB  1 
ATOM   140 C  CG  . LEU A 1 18 ? -5.817  -11.105 -2.761  1.00 18.49  ? 35  LEU A CG  1 
ATOM   141 C  CD1 . LEU A 1 18 ? -6.468  -9.978  -3.564  1.00 24.94  ? 35  LEU A CD1 1 
ATOM   142 C  CD2 . LEU A 1 18 ? -5.708  -12.396 -3.557  1.00 24.28  ? 35  LEU A CD2 1 
ATOM   143 N  N   . LYS A 1 19 ? -4.598  -10.277 0.781   1.00 14.97  ? 36  LYS A N   1 
ATOM   144 C  CA  . LYS A 1 19 ? -5.242  -10.362 2.096   1.00 14.86  ? 36  LYS A CA  1 
ATOM   145 C  C   . LYS A 1 19 ? -5.552  -8.975  2.682   1.00 15.38  ? 36  LYS A C   1 
ATOM   146 O  O   . LYS A 1 19 ? -6.712  -8.739  3.160   1.00 16.56  ? 36  LYS A O   1 
ATOM   147 C  CB  . LYS A 1 19 ? -4.325  -11.172 3.041   1.00 15.99  ? 36  LYS A CB  1 
ATOM   148 C  CG  . LYS A 1 19 ? -4.894  -11.423 4.423   1.00 22.01  ? 36  LYS A CG  1 
ATOM   149 C  CD  . LYS A 1 19 ? -3.880  -12.201 5.264   1.00 32.63  ? 36  LYS A CD  1 
ATOM   150 C  CE  . LYS A 1 19 ? -4.312  -12.274 6.723   1.00 38.84  ? 36  LYS A CE  1 
ATOM   151 N  NZ  . LYS A 1 19 ? -5.682  -12.848 6.832   1.00 34.16  ? 36  LYS A NZ  1 
ATOM   152 N  N   A LEU A 1 20 ? -4.583  -8.065  2.640   0.50 15.26  ? 37  LEU A N   1 
ATOM   153 N  N   B LEU A 1 20 ? -4.586  -8.065  2.672   0.50 15.06  ? 37  LEU A N   1 
ATOM   154 C  CA  A LEU A 1 20 ? -4.783  -6.684  3.141   0.50 17.81  ? 37  LEU A CA  1 
ATOM   155 C  CA  B LEU A 1 20 ? -4.853  -6.705  3.192   0.50 17.60  ? 37  LEU A CA  1 
ATOM   156 C  C   A LEU A 1 20 ? -5.848  -5.920  2.353   0.50 19.01  ? 37  LEU A C   1 
ATOM   157 C  C   B LEU A 1 20 ? -5.915  -5.980  2.364   0.50 18.44  ? 37  LEU A C   1 
ATOM   158 O  O   A LEU A 1 20 ? -6.751  -5.283  2.926   0.50 18.62  ? 37  LEU A O   1 
ATOM   159 O  O   B LEU A 1 20 ? -6.921  -5.476  2.932   0.50 14.62  ? 37  LEU A O   1 
ATOM   160 C  CB  A LEU A 1 20 ? -3.482  -5.909  3.126   0.50 24.56  ? 37  LEU A CB  1 
ATOM   161 C  CB  B LEU A 1 20 ? -3.589  -5.881  3.345   0.50 20.23  ? 37  LEU A CB  1 
ATOM   162 C  CG  A LEU A 1 20 ? -3.488  -4.603  3.909   0.50 22.91  ? 37  LEU A CG  1 
ATOM   163 C  CG  B LEU A 1 20 ? -2.987  -5.853  4.756   0.50 20.42  ? 37  LEU A CG  1 
ATOM   164 C  CD1 A LEU A 1 20 ? -2.063  -4.327  4.368   0.50 21.25  ? 37  LEU A CD1 1 
ATOM   165 C  CD1 B LEU A 1 20 ? -3.075  -7.190  5.465   0.50 23.14  ? 37  LEU A CD1 1 
ATOM   166 C  CD2 A LEU A 1 20 ? -4.069  -3.456  3.118   0.50 23.59  ? 37  LEU A CD2 1 
ATOM   167 C  CD2 B LEU A 1 20 ? -1.555  -5.350  4.678   0.50 26.27  ? 37  LEU A CD2 1 
ATOM   168 N  N   . LEU A 1 21 ? -5.760  -6.017  1.032   1.00 15.54  ? 38  LEU A N   1 
ATOM   169 C  CA  . LEU A 1 21 ? -6.722  -5.401  0.175   1.00 15.78  ? 38  LEU A CA  1 
ATOM   170 C  C   . LEU A 1 21 ? -8.154  -5.877  0.404   1.00 15.77  ? 38  LEU A C   1 
ATOM   171 O  O   . LEU A 1 21 ? -9.098  -5.066  0.387   1.00 14.74  ? 38  LEU A O   1 
ATOM   172 C  CB  . LEU A 1 21 ? -6.330  -5.608  -1.289  1.00 14.63  ? 38  LEU A CB  1 
ATOM   173 C  CG  . LEU A 1 21 ? -5.052  -4.878  -1.717  1.00 16.26  ? 38  LEU A CG  1 
ATOM   174 C  CD1 . LEU A 1 21 ? -4.737  -5.227  -3.178  1.00 14.66  ? 38  LEU A CD1 1 
ATOM   175 C  CD2 . LEU A 1 21 ? -5.151  -3.351  -1.574  1.00 20.70  ? 38  LEU A CD2 1 
ATOM   176 N  N   . LYS A 1 22 ? -8.355  -7.179  0.611   1.00 14.75  ? 39  LYS A N   1 
ATOM   177 C  CA  . LYS A 1 22 ? -9.683  -7.747  0.805   1.00 13.21  ? 39  LYS A CA  1 
ATOM   178 C  C   . LYS A 1 22 ? -10.313 -7.310  2.137   1.00 12.87  ? 39  LYS A C   1 
ATOM   179 O  O   . LYS A 1 22 ? -11.534 -7.400  2.279   1.00 14.54  ? 39  LYS A O   1 
ATOM   180 C  CB  . LYS A 1 22 ? -9.635  -9.269  0.720   1.00 17.11  ? 39  LYS A CB  1 
ATOM   181 C  CG  . LYS A 1 22 ? -9.373  -9.766  -0.693  1.00 21.31  ? 39  LYS A CG  1 
ATOM   182 C  CD  . LYS A 1 22 ? -8.843  -11.211 -0.656  0.00 21.42  ? 39  LYS A CD  1 
ATOM   183 C  CE  . LYS A 1 22 ? -9.805  -12.184 0.008   0.00 22.54  ? 39  LYS A CE  1 
ATOM   184 N  NZ  . LYS A 1 22 ? -9.506  -13.598 -0.355  0.00 22.47  ? 39  LYS A NZ  1 
ATOM   185 N  N   . SER A 1 23 ? -9.500  -6.836  3.074   1.00 16.70  ? 40  SER A N   1 
ATOM   186 C  CA  . SER A 1 23 ? -10.037 -6.313  4.343   1.00 20.36  ? 40  SER A CA  1 
ATOM   187 C  C   . SER A 1 23 ? -10.615 -4.888  4.230   1.00 18.37  ? 40  SER A C   1 
ATOM   188 O  O   . SER A 1 23 ? -11.292 -4.427  5.167   1.00 18.54  ? 40  SER A O   1 
ATOM   189 C  CB  . SER A 1 23 ? -8.970  -6.421  5.481   1.00 21.45  ? 40  SER A CB  1 
ATOM   190 O  OG  . SER A 1 23 ? -8.054  -5.406  5.336   1.00 22.09  ? 40  SER A OG  1 
ATOM   191 N  N   . VAL A 1 24 ? -10.395 -4.208  3.089   1.00 13.79  ? 41  VAL A N   1 
ATOM   192 C  CA  . VAL A 1 24 ? -10.948 -2.876  2.810   1.00 15.80  ? 41  VAL A CA  1 
ATOM   193 C  C   . VAL A 1 24 ? -11.691 -2.721  1.516   1.00 21.85  ? 41  VAL A C   1 
ATOM   194 O  O   . VAL A 1 24 ? -12.379 -1.756  1.332   1.00 24.20  ? 41  VAL A O   1 
ATOM   195 C  CB  . VAL A 1 24 ? -9.863  -1.753  2.828   1.00 19.93  ? 41  VAL A CB  1 
ATOM   196 C  CG1 . VAL A 1 24 ? -9.466  -1.455  4.265   1.00 24.21  ? 41  VAL A CG1 1 
ATOM   197 C  CG2 . VAL A 1 24 ? -8.622  -2.145  2.026   1.00 18.37  ? 41  VAL A CG2 1 
ATOM   198 N  N   . GLY A 1 25 ? -11.536 -3.628  0.567   1.00 19.97  ? 42  GLY A N   1 
ATOM   199 C  CA  . GLY A 1 25 ? -12.170 -3.382  -0.751  1.00 22.17  ? 42  GLY A CA  1 
ATOM   200 C  C   . GLY A 1 25 ? -12.655 -4.671  -1.343  1.00 21.95  ? 42  GLY A C   1 
ATOM   201 O  O   . GLY A 1 25 ? -12.262 -5.714  -0.886  1.00 25.99  ? 42  GLY A O   1 
ATOM   202 N  N   . ALA A 1 26 ? -13.454 -4.584  -2.397  1.00 25.64  ? 43  ALA A N   1 
ATOM   203 C  CA  . ALA A 1 26 ? -13.899 -5.761  -3.156  1.00 30.47  ? 43  ALA A CA  1 
ATOM   204 C  C   . ALA A 1 26 ? -12.721 -6.551  -3.744  1.00 22.69  ? 43  ALA A C   1 
ATOM   205 O  O   . ALA A 1 26 ? -11.713 -5.978  -4.143  1.00 27.55  ? 43  ALA A O   1 
ATOM   206 C  CB  . ALA A 1 26 ? -14.879 -5.360  -4.258  1.00 27.16  ? 43  ALA A CB  1 
ATOM   207 N  N   . GLN A 1 27 ? -12.871 -7.869  -3.760  1.00 23.34  ? 44  GLN A N   1 
ATOM   208 C  CA  . GLN A 1 27 ? -11.847 -8.744  -4.259  1.00 27.64  ? 44  GLN A CA  1 
ATOM   209 C  C   . GLN A 1 27 ? -12.027 -8.809  -5.731  1.00 20.09  ? 44  GLN A C   1 
ATOM   210 O  O   . GLN A 1 27 ? -13.125 -9.040  -6.211  1.00 19.54  ? 44  GLN A O   1 
ATOM   211 C  CB  . GLN A 1 27 ? -11.944 -10.163 -3.701  1.00 45.67  ? 44  GLN A CB  1 
ATOM   212 C  CG  . GLN A 1 27 ? -10.948 -11.128 -4.355  1.00 50.91  ? 44  GLN A CG  1 
ATOM   213 C  CD  . GLN A 1 27 ? -10.595 -12.322 -3.483  1.00 84.40  ? 44  GLN A CD  1 
ATOM   214 O  OE1 . GLN A 1 27 ? -11.377 -12.741 -2.626  1.00 107.95 ? 44  GLN A OE1 1 
ATOM   215 N  NE2 . GLN A 1 27 ? -9.408  -12.882 -3.705  1.00 73.54  ? 44  GLN A NE2 1 
ATOM   216 N  N   . LYS A 1 28 ? -10.934 -8.595  -6.432  1.00 18.12  ? 45  LYS A N   1 
ATOM   217 C  CA  . LYS A 1 28 ? -10.838 -8.953  -7.822  1.00 17.99  ? 45  LYS A CA  1 
ATOM   218 C  C   . LYS A 1 28 ? -9.414  -9.425  -8.093  1.00 23.44  ? 45  LYS A C   1 
ATOM   219 O  O   . LYS A 1 28 ? -8.565  -9.311  -7.229  1.00 29.76  ? 45  LYS A O   1 
ATOM   220 C  CB  . LYS A 1 28 ? -11.235 -7.800  -8.712  1.00 23.41  ? 45  LYS A CB  1 
ATOM   221 C  CG  . LYS A 1 28 ? -10.709 -6.452  -8.345  1.00 21.15  ? 45  LYS A CG  1 
ATOM   222 C  CD  . LYS A 1 28 ? -11.349 -5.453  -9.304  1.00 32.71  ? 45  LYS A CD  1 
ATOM   223 C  CE  . LYS A 1 28 ? -10.951 -4.022  -9.026  1.00 27.77  ? 45  LYS A CE  1 
ATOM   224 N  NZ  . LYS A 1 28 ? -11.078 -3.198  -10.250 1.00 29.97  ? 45  LYS A NZ  1 
ATOM   225 N  N   . ASP A 1 29 ? -9.215  -10.045 -9.252  1.00 32.71  ? 46  ASP A N   1 
ATOM   226 C  CA  . ASP A 1 29 ? -7.897  -10.585 -9.608  1.00 37.81  ? 46  ASP A CA  1 
ATOM   227 C  C   . ASP A 1 29 ? -6.868  -9.453  -9.815  1.00 25.93  ? 46  ASP A C   1 
ATOM   228 O  O   . ASP A 1 29 ? -5.777  -9.508  -9.253  1.00 31.83  ? 46  ASP A O   1 
ATOM   229 C  CB  . ASP A 1 29 ? -7.980  -11.507 -10.841 1.00 49.16  ? 46  ASP A CB  1 
ATOM   230 C  CG  . ASP A 1 29 ? -8.685  -10.860 -12.029 1.00 58.08  ? 46  ASP A CG  1 
ATOM   231 O  OD1 . ASP A 1 29 ? -9.380  -9.833  -11.829 1.00 75.68  ? 46  ASP A OD1 1 
ATOM   232 O  OD2 . ASP A 1 29 ? -8.551  -11.386 -13.158 1.00 87.47  ? 46  ASP A OD2 1 
ATOM   233 N  N   . THR A 1 30 ? -7.271  -8.449  -10.593 1.00 22.79  ? 47  THR A N   1 
ATOM   234 C  CA  . THR A 1 30 ? -6.381  -7.390  -11.078 1.00 24.04  ? 47  THR A CA  1 
ATOM   235 C  C   . THR A 1 30 ? -6.857  -6.055  -10.506 1.00 20.72  ? 47  THR A C   1 
ATOM   236 O  O   . THR A 1 30 ? -8.054  -5.841  -10.385 1.00 23.80  ? 47  THR A O   1 
ATOM   237 C  CB  . THR A 1 30 ? -6.438  -7.326  -12.613 1.00 25.70  ? 47  THR A CB  1 
ATOM   238 O  OG1 . THR A 1 30 ? -6.065  -8.603  -13.140 1.00 32.86  ? 47  THR A OG1 1 
ATOM   239 C  CG2 . THR A 1 30 ? -5.471  -6.296  -13.176 1.00 25.83  ? 47  THR A CG2 1 
ATOM   240 N  N   . TYR A 1 31 ? -5.912  -5.175  -10.195 1.00 15.81  ? 48  TYR A N   1 
ATOM   241 C  CA  . TYR A 1 31 ? -6.192  -3.816  -9.698  1.00 14.70  ? 48  TYR A CA  1 
ATOM   242 C  C   . TYR A 1 31 ? -5.327  -2.848  -10.484 1.00 21.59  ? 48  TYR A C   1 
ATOM   243 O  O   . TYR A 1 31 ? -4.298  -3.253  -11.022 1.00 18.30  ? 48  TYR A O   1 
ATOM   244 C  CB  . TYR A 1 31 ? -5.797  -3.716  -8.227  1.00 14.87  ? 48  TYR A CB  1 
ATOM   245 C  CG  . TYR A 1 31 ? -6.627  -4.584  -7.325  1.00 13.93  ? 48  TYR A CG  1 
ATOM   246 C  CD1 . TYR A 1 31 ? -6.299  -5.922  -7.101  1.00 17.06  ? 48  TYR A CD1 1 
ATOM   247 C  CD2 . TYR A 1 31 ? -7.714  -4.054  -6.641  1.00 19.88  ? 48  TYR A CD2 1 
ATOM   248 C  CE1 . TYR A 1 31 ? -7.065  -6.727  -6.276  1.00 14.43  ? 48  TYR A CE1 1 
ATOM   249 C  CE2 . TYR A 1 31 ? -8.488  -4.862  -5.810  1.00 22.72  ? 48  TYR A CE2 1 
ATOM   250 C  CZ  . TYR A 1 31 ? -8.174  -6.192  -5.628  1.00 23.36  ? 48  TYR A CZ  1 
ATOM   251 O  OH  . TYR A 1 31 ? -8.961  -6.974  -4.788  1.00 20.28  ? 48  TYR A OH  1 
ATOM   252 N  N   . THR A 1 32 ? -5.735  -1.584  -10.558 1.00 14.67  ? 49  THR A N   1 
ATOM   253 C  CA  . THR A 1 32 ? -4.819  -0.510  -10.967 1.00 16.24  ? 49  THR A CA  1 
ATOM   254 C  C   . THR A 1 32 ? -3.982  -0.076  -9.750  1.00 16.62  ? 49  THR A C   1 
ATOM   255 O  O   . THR A 1 32 ? -4.386  -0.290  -8.589  1.00 14.30  ? 49  THR A O   1 
ATOM   256 C  CB  . THR A 1 32 ? -5.563  0.709   -11.500 1.00 16.96  ? 49  THR A CB  1 
ATOM   257 O  OG1 . THR A 1 32 ? -6.373  1.283   -10.454 1.00 14.95  ? 49  THR A OG1 1 
ATOM   258 C  CG2 . THR A 1 32 ? -6.408  0.362   -12.722 1.00 18.62  ? 49  THR A CG2 1 
ATOM   259 N  N   A MET A 1 33 ? -2.837  0.567   -9.986  0.50 13.41  ? 50  MET A N   1 
ATOM   260 N  N   B MET A 1 33 ? -2.852  0.569   -10.018 0.50 14.76  ? 50  MET A N   1 
ATOM   261 C  CA  A MET A 1 33 ? -2.072  1.113   -8.884  0.50 11.87  ? 50  MET A CA  1 
ATOM   262 C  CA  B MET A 1 33 ? -2.052  1.125   -8.964  0.50 13.23  ? 50  MET A CA  1 
ATOM   263 C  C   A MET A 1 33 ? -2.850  2.198   -8.146  0.50 12.18  ? 50  MET A C   1 
ATOM   264 C  C   B MET A 1 33 ? -2.838  2.179   -8.175  0.50 12.89  ? 50  MET A C   1 
ATOM   265 O  O   A MET A 1 33 ? -2.759  2.292   -6.924  0.50 14.66  ? 50  MET A O   1 
ATOM   266 O  O   B MET A 1 33 ? -2.736  2.233   -6.950  0.50 15.24  ? 50  MET A O   1 
ATOM   267 C  CB  A MET A 1 33 ? -0.682  1.596   -9.327  0.50 12.71  ? 50  MET A CB  1 
ATOM   268 C  CB  B MET A 1 33 ? -0.743  1.685   -9.530  0.50 15.96  ? 50  MET A CB  1 
ATOM   269 C  CG  A MET A 1 33 ? 0.289   0.440   -9.476  0.50 11.60  ? 50  MET A CG  1 
ATOM   270 C  CG  B MET A 1 33 ? 0.252   2.072   -8.456  0.50 15.14  ? 50  MET A CG  1 
ATOM   271 S  SD  A MET A 1 33 ? 0.658   -0.389  -7.905  0.50 17.56  ? 50  MET A SD  1 
ATOM   272 S  SD  B MET A 1 33 ? 0.923   0.699   -7.467  0.50 24.48  ? 50  MET A SD  1 
ATOM   273 C  CE  A MET A 1 33 ? 0.763   1.138   -6.958  0.50 13.05  ? 50  MET A CE  1 
ATOM   274 C  CE  B MET A 1 33 ? 2.516   0.357   -8.200  0.50 21.83  ? 50  MET A CE  1 
ATOM   275 N  N   . LYS A 1 34 ? -3.661  2.972   -8.866  1.00 13.98  ? 51  LYS A N   1 
ATOM   276 C  CA  . LYS A 1 34 ? -4.572  3.914   -8.205  1.00 13.16  ? 51  LYS A CA  1 
ATOM   277 C  C   . LYS A 1 34 ? -5.437  3.198   -7.153  1.00 13.62  ? 51  LYS A C   1 
ATOM   278 O  O   . LYS A 1 34 ? -5.571  3.664   -5.999  1.00 13.15  ? 51  LYS A O   1 
ATOM   279 C  CB  . LYS A 1 34 ? -5.503  4.642   -9.205  1.00 15.74  ? 51  LYS A CB  1 
ATOM   280 C  CG  . LYS A 1 34 ? -6.568  5.521   -8.528  1.00 16.90  ? 51  LYS A CG  1 
ATOM   281 C  CD  . LYS A 1 34 ? -7.412  6.254   -9.554  1.00 21.70  ? 51  LYS A CD  1 
ATOM   282 C  CE  . LYS A 1 34 ? -8.559  6.999   -8.900  1.00 26.34  ? 51  LYS A CE  1 
ATOM   283 N  NZ  . LYS A 1 34 ? -9.152  8.036   -9.778  1.00 26.38  ? 51  LYS A NZ  1 
ATOM   284 N  N   . GLU A 1 35 ? -6.036  2.072   -7.525  1.00 14.39  ? 52  GLU A N   1 
ATOM   285 C  CA  . GLU A 1 35 ? -6.804  1.292   -6.536  1.00 13.18  ? 52  GLU A CA  1 
ATOM   286 C  C   . GLU A 1 35 ? -5.965  0.786   -5.371  1.00 13.07  ? 52  GLU A C   1 
ATOM   287 O  O   . GLU A 1 35 ? -6.369  0.900   -4.208  1.00 14.51  ? 52  GLU A O   1 
ATOM   288 C  CB  . GLU A 1 35 ? -7.501  0.117   -7.207  1.00 14.10  ? 52  GLU A CB  1 
ATOM   289 C  CG  . GLU A 1 35 ? -8.621  0.497   -8.139  1.00 14.77  ? 52  GLU A CG  1 
ATOM   290 C  CD  . GLU A 1 35 ? -9.165  -0.721  -8.884  1.00 23.23  ? 52  GLU A CD  1 
ATOM   291 O  OE1 . GLU A 1 35 ? -8.362  -1.493  -9.456  1.00 17.11  ? 52  GLU A OE1 1 
ATOM   292 O  OE2 . GLU A 1 35 ? -10.396 -0.916  -8.877  1.00 22.51  ? 52  GLU A OE2 1 
ATOM   293 N  N   . VAL A 1 36 ? -4.793  0.210   -5.639  1.00 11.93  ? 53  VAL A N   1 
ATOM   294 C  CA  . VAL A 1 36 ? -3.935  -0.308  -4.603  1.00 14.41  ? 53  VAL A CA  1 
ATOM   295 C  C   . VAL A 1 36 ? -3.572  0.818   -3.621  1.00 14.02  ? 53  VAL A C   1 
ATOM   296 O  O   . VAL A 1 36 ? -3.668  0.643   -2.429  1.00 14.62  ? 53  VAL A O   1 
ATOM   297 C  CB  . VAL A 1 36 ? -2.695  -0.990  -5.136  1.00 15.67  ? 53  VAL A CB  1 
ATOM   298 C  CG1 . VAL A 1 36 ? -1.743  -1.339  -4.001  1.00 15.93  ? 53  VAL A CG1 1 
ATOM   299 C  CG2 . VAL A 1 36 ? -3.095  -2.237  -5.952  1.00 16.69  ? 53  VAL A CG2 1 
ATOM   300 N  N   . LEU A 1 37 ? -3.266  2.006   -4.140  1.00 14.24  ? 54  LEU A N   1 
ATOM   301 C  CA  . LEU A 1 37 ? -2.901  3.138   -3.242  1.00 14.11  ? 54  LEU A CA  1 
ATOM   302 C  C   . LEU A 1 37 ? -4.091  3.643   -2.433  1.00 13.49  ? 54  LEU A C   1 
ATOM   303 O  O   . LEU A 1 37 ? -3.946  3.988   -1.253  1.00 15.43  ? 54  LEU A O   1 
ATOM   304 C  CB  . LEU A 1 37 ? -2.287  4.278   -4.032  1.00 13.49  ? 54  LEU A CB  1 
ATOM   305 C  CG  . LEU A 1 37 ? -0.919  4.005   -4.612  1.00 20.00  ? 54  LEU A CG  1 
ATOM   306 C  CD1 . LEU A 1 37 ? -0.717  5.008   -5.784  1.00 22.09  ? 54  LEU A CD1 1 
ATOM   307 C  CD2 . LEU A 1 37 ? 0.079   4.101   -3.502  1.00 18.46  ? 54  LEU A CD2 1 
ATOM   308 N  N   . PHE A 1 38 ? -5.268  3.633   -3.021  1.00 13.78  ? 55  PHE A N   1 
ATOM   309 C  CA  . PHE A 1 38 ? -6.456  4.053   -2.312  1.00 11.92  ? 55  PHE A CA  1 
ATOM   310 C  C   . PHE A 1 38 ? -6.751  3.081   -1.182  1.00 11.43  ? 55  PHE A C   1 
ATOM   311 O  O   . PHE A 1 38 ? -6.994  3.506   -0.055  1.00 14.14  ? 55  PHE A O   1 
ATOM   312 C  CB  . PHE A 1 38 ? -7.664  4.137   -3.221  1.00 12.16  ? 55  PHE A CB  1 
ATOM   313 C  CG  . PHE A 1 38 ? -8.942  4.310   -2.478  1.00 15.15  ? 55  PHE A CG  1 
ATOM   314 C  CD1 . PHE A 1 38 ? -9.256  5.534   -1.935  1.00 17.60  ? 55  PHE A CD1 1 
ATOM   315 C  CD2 . PHE A 1 38 ? -9.808  3.226   -2.280  1.00 15.52  ? 55  PHE A CD2 1 
ATOM   316 C  CE1 . PHE A 1 38 ? -10.430 5.715   -1.233  1.00 17.62  ? 55  PHE A CE1 1 
ATOM   317 C  CE2 . PHE A 1 38 ? -10.993 3.397   -1.584  1.00 16.23  ? 55  PHE A CE2 1 
ATOM   318 C  CZ  . PHE A 1 38 ? -11.308 4.651   -1.059  1.00 18.35  ? 55  PHE A CZ  1 
ATOM   319 N  N   . TYR A 1 39 ? -6.775  1.798   -1.514  1.00 11.75  ? 56  TYR A N   1 
ATOM   320 C  CA  . TYR A 1 39 ? -7.161  0.780   -0.525  1.00 15.19  ? 56  TYR A CA  1 
ATOM   321 C  C   . TYR A 1 39 ? -6.134  0.696   0.602   1.00 15.25  ? 56  TYR A C   1 
ATOM   322 O  O   . TYR A 1 39 ? -6.512  0.659   1.778   1.00 13.49  ? 56  TYR A O   1 
ATOM   323 C  CB  . TYR A 1 39 ? -7.414  -0.586  -1.170  1.00 15.74  ? 56  TYR A CB  1 
ATOM   324 C  CG  . TYR A 1 39 ? -8.682  -0.660  -2.005  1.00 12.71  ? 56  TYR A CG  1 
ATOM   325 C  CD1 . TYR A 1 39 ? -9.915  -0.286  -1.490  1.00 14.19  ? 56  TYR A CD1 1 
ATOM   326 C  CD2 . TYR A 1 39 ? -8.663  -1.150  -3.297  1.00 14.29  ? 56  TYR A CD2 1 
ATOM   327 C  CE1 . TYR A 1 39 ? -11.067 -0.385  -2.229  1.00 13.78  ? 56  TYR A CE1 1 
ATOM   328 C  CE2 . TYR A 1 39 ? -9.816  -1.237  -4.054  1.00 13.37  ? 56  TYR A CE2 1 
ATOM   329 C  CZ  . TYR A 1 39 ? -11.020 -0.838  -3.525  1.00 15.78  ? 56  TYR A CZ  1 
ATOM   330 O  OH  . TYR A 1 39 ? -12.188 -0.931  -4.221  1.00 18.28  ? 56  TYR A OH  1 
ATOM   331 N  N   . LEU A 1 40 ? -4.836  0.752   0.277   1.00 13.34  ? 57  LEU A N   1 
ATOM   332 C  CA  . LEU A 1 40 ? -3.805  0.756   1.339   1.00 13.78  ? 57  LEU A CA  1 
ATOM   333 C  C   . LEU A 1 40 ? -3.935  2.010   2.194   1.00 13.82  ? 57  LEU A C   1 
ATOM   334 O  O   . LEU A 1 40 ? -3.774  1.949   3.407   1.00 13.78  ? 57  LEU A O   1 
ATOM   335 C  CB  . LEU A 1 40 ? -2.403  0.632   0.761   1.00 14.88  ? 57  LEU A CB  1 
ATOM   336 C  CG  . LEU A 1 40 ? -2.049  -0.768  0.250   1.00 16.67  ? 57  LEU A CG  1 
ATOM   337 C  CD1 . LEU A 1 40 ? -0.686  -0.770  -0.408  1.00 19.78  ? 57  LEU A CD1 1 
ATOM   338 C  CD2 . LEU A 1 40 ? -2.019  -1.804  1.379   1.00 20.78  ? 57  LEU A CD2 1 
ATOM   339 N  N   . GLY A 1 41 ? -4.166  3.147   1.581   1.00 12.87  ? 58  GLY A N   1 
ATOM   340 C  CA  . GLY A 1 41 ? -4.426  4.368   2.348   1.00 12.70  ? 58  GLY A CA  1 
ATOM   341 C  C   . GLY A 1 41 ? -5.593  4.213   3.268   1.00 13.12  ? 58  GLY A C   1 
ATOM   342 O  O   . GLY A 1 41 ? -5.571  4.699   4.411   1.00 13.23  ? 58  GLY A O   1 
ATOM   343 N  N   . GLN A 1 42 ? -6.694  3.633   2.779   1.00 13.48  ? 59  GLN A N   1 
ATOM   344 C  CA  . GLN A 1 42 ? -7.849  3.449   3.651   1.00 14.20  ? 59  GLN A CA  1 
ATOM   345 C  C   . GLN A 1 42 ? -7.581  2.449   4.768   1.00 12.86  ? 59  GLN A C   1 
ATOM   346 O  O   . GLN A 1 42 ? -8.076  2.628   5.887   1.00 14.67  ? 59  GLN A O   1 
ATOM   347 C  CB  . GLN A 1 42 ? -9.064  3.008   2.862   1.00 15.18  ? 59  GLN A CB  1 
ATOM   348 C  CG  . GLN A 1 42 ? -9.678  4.121   2.006   1.00 17.28  ? 59  GLN A CG  1 
ATOM   349 C  CD  . GLN A 1 42 ? -10.263 5.275   2.804   1.00 18.23  ? 59  GLN A CD  1 
ATOM   350 O  OE1 . GLN A 1 42 ? -10.850 5.087   3.876   1.00 22.68  ? 59  GLN A OE1 1 
ATOM   351 N  NE2 . GLN A 1 42 ? -10.079 6.493   2.287   1.00 23.46  ? 59  GLN A NE2 1 
ATOM   352 N  N   . TYR A 1 43 ? -6.801  1.429   4.485   1.00 11.36  ? 60  TYR A N   1 
ATOM   353 C  CA  . TYR A 1 43 ? -6.394  0.462   5.509   1.00 13.76  ? 60  TYR A CA  1 
ATOM   354 C  C   . TYR A 1 43 ? -5.631  1.155   6.645   1.00 13.91  ? 60  TYR A C   1 
ATOM   355 O  O   . TYR A 1 43 ? -5.954  1.034   7.825   1.00 13.58  ? 60  TYR A O   1 
ATOM   356 C  CB  . TYR A 1 43 ? -5.537  -0.639  4.871   1.00 13.47  ? 60  TYR A CB  1 
ATOM   357 C  CG  . TYR A 1 43 ? -5.000  -1.645  5.825   1.00 12.68  ? 60  TYR A CG  1 
ATOM   358 C  CD1 . TYR A 1 43 ? -5.708  -2.790  6.124   1.00 13.94  ? 60  TYR A CD1 1 
ATOM   359 C  CD2 . TYR A 1 43 ? -3.725  -1.488  6.394   1.00 14.53  ? 60  TYR A CD2 1 
ATOM   360 C  CE1 . TYR A 1 43 ? -5.224  -3.735  7.024   1.00 14.68  ? 60  TYR A CE1 1 
ATOM   361 C  CE2 . TYR A 1 43 ? -3.250  -2.426  7.282   1.00 13.17  ? 60  TYR A CE2 1 
ATOM   362 C  CZ  . TYR A 1 43 ? -4.005  -3.539  7.592   1.00 15.40  ? 60  TYR A CZ  1 
ATOM   363 O  OH  . TYR A 1 43 ? -3.538  -4.451  8.500   1.00 15.08  ? 60  TYR A OH  1 
ATOM   364 N  N   . ILE A 1 44 ? -4.647  1.941   6.237   1.00 13.79  ? 61  ILE A N   1 
ATOM   365 C  CA  . ILE A 1 44 ? -3.880  2.751   7.173   1.00 12.74  ? 61  ILE A CA  1 
ATOM   366 C  C   . ILE A 1 44 ? -4.738  3.694   7.991   1.00 14.44  ? 61  ILE A C   1 
ATOM   367 O  O   . ILE A 1 44 ? -4.580  3.767   9.224   1.00 14.59  ? 61  ILE A O   1 
ATOM   368 C  CB  . ILE A 1 44 ? -2.793  3.559   6.397   1.00 12.29  ? 61  ILE A CB  1 
ATOM   369 C  CG1 . ILE A 1 44 ? -1.708  2.606   5.887   1.00 13.94  ? 61  ILE A CG1 1 
ATOM   370 C  CG2 . ILE A 1 44 ? -2.204  4.657   7.294   1.00 13.85  ? 61  ILE A CG2 1 
ATOM   371 C  CD1 . ILE A 1 44 ? -0.774  3.194   4.801   1.00 14.18  ? 61  ILE A CD1 1 
ATOM   372 N  N   A MET A 1 45 ? -5.647  4.413   7.343   0.50 13.00  ? 62  MET A N   1 
ATOM   373 N  N   B MET A 1 45 ? -5.673  4.390   7.356   0.50 12.89  ? 62  MET A N   1 
ATOM   374 C  CA  A MET A 1 45 ? -6.448  5.430   8.046   0.50 12.86  ? 62  MET A CA  1 
ATOM   375 C  CA  B MET A 1 45 ? -6.502  5.388   8.068   0.50 12.43  ? 62  MET A CA  1 
ATOM   376 C  C   A MET A 1 45 ? -7.428  4.797   9.016   0.50 12.75  ? 62  MET A C   1 
ATOM   377 C  C   B MET A 1 45 ? -7.579  4.754   8.938   0.50 11.85  ? 62  MET A C   1 
ATOM   378 O  O   A MET A 1 45 ? -7.470  5.164   10.202  0.50 12.78  ? 62  MET A O   1 
ATOM   379 O  O   B MET A 1 45 ? -7.876  5.245   10.041  0.50 12.81  ? 62  MET A O   1 
ATOM   380 C  CB  A MET A 1 45 ? -7.192  6.339   7.054   0.50 14.39  ? 62  MET A CB  1 
ATOM   381 C  CB  B MET A 1 45 ? -7.134  6.377   7.075   0.50 14.74  ? 62  MET A CB  1 
ATOM   382 C  CG  A MET A 1 45 ? -6.272  7.348   6.383   0.50 17.55  ? 62  MET A CG  1 
ATOM   383 C  CG  B MET A 1 45 ? -6.088  7.279   6.439   0.50 18.45  ? 62  MET A CG  1 
ATOM   384 S  SD  A MET A 1 45 ? -5.440  8.406   7.583   0.50 22.32  ? 62  MET A SD  1 
ATOM   385 S  SD  B MET A 1 45 ? -6.741  8.644   5.466   0.50 24.07  ? 62  MET A SD  1 
ATOM   386 C  CE  A MET A 1 45 ? -6.864  9.130   8.408   0.50 26.20  ? 62  MET A CE  1 
ATOM   387 C  CE  B MET A 1 45 ? -7.423  7.831   4.020   0.50 24.31  ? 62  MET A CE  1 
ATOM   388 N  N   A THR A 1 46 ? -8.191  3.828   8.531   0.50 14.73  ? 63  THR A N   1 
ATOM   389 N  N   B THR A 1 46 ? -8.157  3.659   8.463   0.50 12.51  ? 63  THR A N   1 
ATOM   390 C  CA  A THR A 1 46 ? -9.200  3.202   9.380   0.50 12.41  ? 63  THR A CA  1 
ATOM   391 C  CA  B THR A 1 46 ? -9.196  2.991   9.242   0.50 10.42  ? 63  THR A CA  1 
ATOM   392 C  C   A THR A 1 46 ? -8.566  2.553   10.615  0.50 14.62  ? 63  THR A C   1 
ATOM   393 C  C   B THR A 1 46 ? -8.586  2.512   10.560  0.50 13.54  ? 63  THR A C   1 
ATOM   394 O  O   A THR A 1 46 ? -9.119  2.692   11.730  0.50 14.89  ? 63  THR A O   1 
ATOM   395 O  O   B THR A 1 46 ? -9.158  2.743   11.656  0.50 14.15  ? 63  THR A O   1 
ATOM   396 C  CB  A THR A 1 46 ? -10.025 2.178   8.606   0.50 14.25  ? 63  THR A CB  1 
ATOM   397 C  CB  B THR A 1 46 ? -9.779  1.816   8.465   0.50 10.63  ? 63  THR A CB  1 
ATOM   398 O  OG1 A THR A 1 46 ? -9.175  1.144   8.098   0.50 15.89  ? 63  THR A OG1 1 
ATOM   399 O  OG1 B THR A 1 46 ? -10.350 2.336   7.261   0.50 11.69  ? 63  THR A OG1 1 
ATOM   400 C  CG2 A THR A 1 46 ? -10.783 2.878   7.485   0.50 12.52  ? 63  THR A CG2 1 
ATOM   401 C  CG2 B THR A 1 46 ? -10.873 1.083   9.284   0.50 9.07   ? 63  THR A CG2 1 
ATOM   402 N  N   . LYS A 1 47 ? -7.433  1.869   10.418  1.00 13.79  ? 64  LYS A N   1 
ATOM   403 C  CA  . LYS A 1 47 ? -6.667  1.259   11.534  1.00 13.41  ? 64  LYS A CA  1 
ATOM   404 C  C   . LYS A 1 47 ? -5.821  2.200   12.372  1.00 16.27  ? 64  LYS A C   1 
ATOM   405 O  O   . LYS A 1 47 ? -5.212  1.768   13.368  1.00 16.01  ? 64  LYS A O   1 
ATOM   406 C  CB  . LYS A 1 47 ? -5.814  0.108   11.044  1.00 15.03  ? 64  LYS A CB  1 
ATOM   407 C  CG  . LYS A 1 47 ? -6.651  -1.048  10.540  1.00 17.47  ? 64  LYS A CG  1 
ATOM   408 C  CD  . LYS A 1 47 ? -5.833  -2.299  10.337  1.00 15.46  ? 64  LYS A CD  1 
ATOM   409 C  CE  . LYS A 1 47 ? -5.709  -3.135  11.642  1.00 14.56  ? 64  LYS A CE  1 
ATOM   410 N  NZ  . LYS A 1 47 ? -4.848  -4.343  11.437  1.00 14.50  ? 64  LYS A NZ  1 
ATOM   411 N  N   . ARG A 1 48 ? -5.828  3.488   12.030  1.00 13.94  ? 65  ARG A N   1 
ATOM   412 C  CA  . ARG A 1 48 ? -5.151  4.552   12.792  1.00 14.45  ? 65  ARG A CA  1 
ATOM   413 C  C   . ARG A 1 48 ? -3.640  4.266   12.914  1.00 15.91  ? 65  ARG A C   1 
ATOM   414 O  O   . ARG A 1 48 ? -3.015  4.526   13.964  1.00 16.86  ? 65  ARG A O   1 
ATOM   415 C  CB  . ARG A 1 48 ? -5.815  4.824   14.149  1.00 17.67  ? 65  ARG A CB  1 
ATOM   416 C  CG  . ARG A 1 48 ? -7.200  5.450   14.031  1.00 25.37  ? 65  ARG A CG  1 
ATOM   417 C  CD  . ARG A 1 48 ? -7.676  5.849   15.425  1.00 39.16  ? 65  ARG A CD  1 
ATOM   418 N  NE  . ARG A 1 48 ? -9.064  6.340   15.507  1.00 38.58  ? 65  ARG A NE  1 
ATOM   419 C  CZ  . ARG A 1 48 ? -10.149 5.583   15.714  1.00 39.08  ? 65  ARG A CZ  1 
ATOM   420 N  NH1 . ARG A 1 48 ? -10.095 4.258   15.802  1.00 41.15  ? 65  ARG A NH1 1 
ATOM   421 N  NH2 . ARG A 1 48 ? -11.331 6.172   15.789  1.00 38.97  ? 65  ARG A NH2 1 
ATOM   422 N  N   . LEU A 1 49 ? -3.066  3.759   11.831  1.00 14.25  ? 66  LEU A N   1 
ATOM   423 C  CA  . LEU A 1 49 ? -1.624  3.517   11.797  1.00 12.43  ? 66  LEU A CA  1 
ATOM   424 C  C   . LEU A 1 49 ? -0.806  4.790   11.489  1.00 15.97  ? 66  LEU A C   1 
ATOM   425 O  O   . LEU A 1 49 ? 0.398   4.786   11.669  1.00 17.81  ? 66  LEU A O   1 
ATOM   426 C  CB  . LEU A 1 49 ? -1.259  2.428   10.812  1.00 12.55  ? 66  LEU A CB  1 
ATOM   427 C  CG  . LEU A 1 49 ? -1.972  1.075   10.948  1.00 14.30  ? 66  LEU A CG  1 
ATOM   428 C  CD1 . LEU A 1 49 ? -1.467  0.143   9.889   1.00 18.40  ? 66  LEU A CD1 1 
ATOM   429 C  CD2 . LEU A 1 49 ? -1.765  0.486   12.339  1.00 15.88  ? 66  LEU A CD2 1 
ATOM   430 N  N   . TYR A 1 50 ? -1.464  5.867   11.048  1.00 15.25  ? 67  TYR A N   1 
ATOM   431 C  CA  . TYR A 1 50 ? -0.826  7.125   10.571  1.00 18.39  ? 67  TYR A CA  1 
ATOM   432 C  C   . TYR A 1 50 ? -0.861  8.236   11.603  1.00 21.00  ? 67  TYR A C   1 
ATOM   433 O  O   . TYR A 1 50 ? -1.935  8.665   12.051  1.00 23.08  ? 67  TYR A O   1 
ATOM   434 C  CB  . TYR A 1 50 ? -1.528  7.581   9.278   1.00 16.66  ? 67  TYR A CB  1 
ATOM   435 C  CG  . TYR A 1 50 ? -1.072  8.882   8.659   1.00 20.05  ? 67  TYR A CG  1 
ATOM   436 C  CD1 . TYR A 1 50 ? 0.289   9.175   8.508   1.00 23.39  ? 67  TYR A CD1 1 
ATOM   437 C  CD2 . TYR A 1 50 ? -1.999  9.781   8.126   1.00 22.46  ? 67  TYR A CD2 1 
ATOM   438 C  CE1 . TYR A 1 50 ? 0.697   10.347  7.898   1.00 24.51  ? 67  TYR A CE1 1 
ATOM   439 C  CE2 . TYR A 1 50 ? -1.585  10.958  7.516   1.00 25.98  ? 67  TYR A CE2 1 
ATOM   440 C  CZ  . TYR A 1 50 ? -0.231  11.231  7.405   1.00 30.61  ? 67  TYR A CZ  1 
ATOM   441 O  OH  . TYR A 1 50 ? 0.216   12.392  6.793   1.00 32.80  ? 67  TYR A OH  1 
ATOM   442 N  N   . ASP A 1 51 ? 0.329   8.705   11.976  1.00 19.72  ? 68  ASP A N   1 
ATOM   443 C  CA  . ASP A 1 51 ? 0.513   9.812   12.889  1.00 28.68  ? 68  ASP A CA  1 
ATOM   444 C  C   . ASP A 1 51 ? 0.881   11.062  12.069  1.00 31.33  ? 68  ASP A C   1 
ATOM   445 O  O   . ASP A 1 51 ? 2.066   11.356  11.843  1.00 22.56  ? 68  ASP A O   1 
ATOM   446 C  CB  . ASP A 1 51 ? 1.597   9.413   13.917  1.00 30.01  ? 68  ASP A CB  1 
ATOM   447 C  CG  . ASP A 1 51 ? 1.429   10.102  15.245  1.00 47.24  ? 68  ASP A CG  1 
ATOM   448 O  OD1 . ASP A 1 51 ? 0.871   11.210  15.267  1.00 49.05  ? 68  ASP A OD1 1 
ATOM   449 O  OD2 . ASP A 1 51 ? 1.885   9.545   16.264  1.00 37.09  ? 68  ASP A OD2 1 
ATOM   450 N  N   . GLU A 1 52 ? -0.157  11.787  11.638  1.00 24.09  ? 69  GLU A N   1 
ATOM   451 C  CA  . GLU A 1 52 ? -0.036  12.915  10.712  1.00 32.43  ? 69  GLU A CA  1 
ATOM   452 C  C   . GLU A 1 52 ? 0.642   14.107  11.358  1.00 47.04  ? 69  GLU A C   1 
ATOM   453 O  O   . GLU A 1 52 ? 1.622   14.641  10.822  1.00 51.46  ? 69  GLU A O   1 
ATOM   454 C  CB  . GLU A 1 52 ? -1.419  13.345  10.209  1.00 31.24  ? 69  GLU A CB  1 
ATOM   455 C  CG  . GLU A 1 52 ? -1.446  14.443  9.164   0.00 31.53  ? 69  GLU A CG  1 
ATOM   456 C  CD  . GLU A 1 52 ? -2.836  14.741  8.633   0.00 31.29  ? 69  GLU A CD  1 
ATOM   457 O  OE1 . GLU A 1 52 ? -3.561  13.793  8.263   0.00 30.70  ? 69  GLU A OE1 1 
ATOM   458 O  OE2 . GLU A 1 52 ? -3.203  15.934  8.575   0.00 31.20  ? 69  GLU A OE2 1 
ATOM   459 N  N   . LYS A 1 53 ? 0.111   14.513  12.513  1.00 54.96  ? 70  LYS A N   1 
ATOM   460 C  CA  . LYS A 1 53 ? 0.695   15.566  13.340  1.00 51.48  ? 70  LYS A CA  1 
ATOM   461 C  C   . LYS A 1 53 ? 1.840   14.976  14.171  1.00 52.90  ? 70  LYS A C   1 
ATOM   462 O  O   . LYS A 1 53 ? 1.829   15.069  15.400  1.00 60.97  ? 70  LYS A O   1 
ATOM   463 C  CB  . LYS A 1 53 ? -0.378  16.180  14.253  1.00 45.41  ? 70  LYS A CB  1 
ATOM   464 C  CG  . LYS A 1 53 ? -0.150  17.442  14.981  0.00 51.54  ? 70  LYS A CG  1 
ATOM   465 C  CD  . LYS A 1 53 ? -0.760  18.613  14.223  0.00 51.10  ? 70  LYS A CD  1 
ATOM   466 C  CE  . LYS A 1 53 ? -0.616  19.910  15.004  0.00 50.83  ? 70  LYS A CE  1 
ATOM   467 N  NZ  . LYS A 1 53 ? -1.217  21.066  14.284  0.00 50.69  ? 70  LYS A NZ  1 
ATOM   468 N  N   . GLN A 1 54 ? 2.813   14.365  13.485  1.00 51.46  ? 71  GLN A N   1 
ATOM   469 C  CA  . GLN A 1 54 ? 3.973   13.709  14.108  1.00 44.06  ? 71  GLN A CA  1 
ATOM   470 C  C   . GLN A 1 54 ? 4.982   13.195  13.066  1.00 36.29  ? 71  GLN A C   1 
ATOM   471 O  O   . GLN A 1 54 ? 5.296   11.982  12.971  1.00 30.98  ? 71  GLN A O   1 
ATOM   472 C  CB  . GLN A 1 54 ? 3.543   12.547  14.969  1.00 47.39  ? 71  GLN A CB  1 
ATOM   473 C  CG  . GLN A 1 54 ? 4.638   12.049  15.874  1.00 53.76  ? 71  GLN A CG  1 
ATOM   474 C  CD  . GLN A 1 54 ? 4.897   10.561  15.725  1.00 45.91  ? 71  GLN A CD  1 
ATOM   475 O  OE1 . GLN A 1 54 ? 4.409   9.758   16.507  1.00 68.71  ? 71  GLN A OE1 1 
ATOM   476 N  NE2 . GLN A 1 54 ? 5.692   10.200  14.740  1.00 29.82  ? 71  GLN A NE2 1 
ATOM   477 N  N   . GLN A 1 55 ? 5.457   14.136  12.268  1.00 24.47  ? 72  GLN A N   1 
ATOM   478 C  CA  . GLN A 1 55 ? 6.391   13.875  11.191  1.00 31.08  ? 72  GLN A CA  1 
ATOM   479 C  C   . GLN A 1 55 ? 5.799   12.988  10.067  1.00 21.84  ? 72  GLN A C   1 
ATOM   480 O  O   . GLN A 1 55 ? 6.548   12.450  9.268   1.00 28.29  ? 72  GLN A O   1 
ATOM   481 C  CB  . GLN A 1 55 ? 7.724   13.327  11.753  1.00 29.99  ? 72  GLN A CB  1 
ATOM   482 C  CG  . GLN A 1 55 ? 8.456   14.335  12.648  0.00 30.21  ? 72  GLN A CG  1 
ATOM   483 C  CD  . GLN A 1 55 ? 9.719   13.765  13.275  0.00 29.89  ? 72  GLN A CD  1 
ATOM   484 O  OE1 . GLN A 1 55 ? 9.999   14.008  14.448  0.00 29.23  ? 72  GLN A OE1 1 
ATOM   485 N  NE2 . GLN A 1 55 ? 10.487  13.008  12.497  0.00 29.38  ? 72  GLN A NE2 1 
ATOM   486 N  N   . HIS A 1 56 ? 4.458   12.865  9.990   1.00 20.77  ? 73  HIS A N   1 
ATOM   487 C  CA  . HIS A 1 56 ? 3.769   12.229  8.866   1.00 18.89  ? 73  HIS A CA  1 
ATOM   488 C  C   . HIS A 1 56 ? 4.188   10.785  8.678   1.00 21.29  ? 73  HIS A C   1 
ATOM   489 O  O   . HIS A 1 56 ? 4.429   10.335  7.554   1.00 18.08  ? 73  HIS A O   1 
ATOM   490 C  CB  . HIS A 1 56 ? 3.948   13.026  7.563   1.00 19.86  ? 73  HIS A CB  1 
ATOM   491 C  CG  . HIS A 1 56 ? 3.201   14.329  7.540   1.00 25.87  ? 73  HIS A CG  1 
ATOM   492 N  ND1 . HIS A 1 56 ? 1.980   14.452  6.970   1.00 28.83  ? 73  HIS A ND1 1 
ATOM   493 C  CD2 . HIS A 1 56 ? 3.537   15.579  8.037   1.00 25.78  ? 73  HIS A CD2 1 
ATOM   494 C  CE1 . HIS A 1 56 ? 1.568   15.737  7.098   1.00 24.33  ? 73  HIS A CE1 1 
ATOM   495 N  NE2 . HIS A 1 56 ? 2.514   16.413  7.765   1.00 31.11  ? 73  HIS A NE2 1 
ATOM   496 N  N   . ILE A 1 57 ? 4.207   10.040  9.788   1.00 15.96  ? 74  ILE A N   1 
ATOM   497 C  CA  . ILE A 1 57 ? 4.807   8.721   9.844   1.00 14.47  ? 74  ILE A CA  1 
ATOM   498 C  C   . ILE A 1 57 ? 3.651   7.739   10.019  1.00 13.61  ? 74  ILE A C   1 
ATOM   499 O  O   . ILE A 1 57 ? 2.779   7.955   10.833  1.00 14.00  ? 74  ILE A O   1 
ATOM   500 C  CB  . ILE A 1 57 ? 5.808   8.584   11.027  1.00 15.71  ? 74  ILE A CB  1 
ATOM   501 C  CG1 . ILE A 1 57 ? 6.937   9.617   10.961  1.00 20.32  ? 74  ILE A CG1 1 
ATOM   502 C  CG2 . ILE A 1 57 ? 6.359   7.167   11.112  1.00 16.17  ? 74  ILE A CG2 1 
ATOM   503 C  CD1 . ILE A 1 57 ? 7.732   9.664   9.676   1.00 29.93  ? 74  ILE A CD1 1 
ATOM   504 N  N   . VAL A 1 58 ? 3.733   6.660   9.270   1.00 11.65  ? 75  VAL A N   1 
ATOM   505 C  CA  . VAL A 1 58 ? 2.903   5.476   9.462   1.00 11.59  ? 75  VAL A CA  1 
ATOM   506 C  C   . VAL A 1 58 ? 3.726   4.492   10.303  1.00 12.93  ? 75  VAL A C   1 
ATOM   507 O  O   . VAL A 1 58 ? 4.860   4.201   9.969   1.00 12.44  ? 75  VAL A O   1 
ATOM   508 C  CB  . VAL A 1 58 ? 2.491   4.820   8.136   1.00 14.17  ? 75  VAL A CB  1 
ATOM   509 C  CG1 . VAL A 1 58 ? 1.889   3.435   8.349   1.00 14.04  ? 75  VAL A CG1 1 
ATOM   510 C  CG2 . VAL A 1 58 ? 1.481   5.720   7.351   1.00 16.61  ? 75  VAL A CG2 1 
ATOM   511 N  N   . TYR A 1 59 ? 3.101   3.993   11.371  1.00 12.11  ? 76  TYR A N   1 
ATOM   512 C  CA  . TYR A 1 59 ? 3.712   2.990   12.254  1.00 10.88  ? 76  TYR A CA  1 
ATOM   513 C  C   . TYR A 1 59 ? 3.068   1.643   11.990  1.00 13.95  ? 76  TYR A C   1 
ATOM   514 O  O   . TYR A 1 59 ? 1.847   1.519   12.094  1.00 14.73  ? 76  TYR A O   1 
ATOM   515 C  CB  . TYR A 1 59 ? 3.553   3.405   13.689  1.00 11.18  ? 76  TYR A CB  1 
ATOM   516 C  CG  . TYR A 1 59 ? 4.404   4.587   14.028  1.00 12.16  ? 76  TYR A CG  1 
ATOM   517 C  CD1 . TYR A 1 59 ? 5.764   4.436   14.383  1.00 13.41  ? 76  TYR A CD1 1 
ATOM   518 C  CD2 . TYR A 1 59 ? 3.921   5.881   13.926  1.00 11.30  ? 76  TYR A CD2 1 
ATOM   519 C  CE1 . TYR A 1 59 ? 6.573   5.530   14.667  1.00 14.04  ? 76  TYR A CE1 1 
ATOM   520 C  CE2 . TYR A 1 59 ? 4.736   6.974   14.240  1.00 10.23  ? 76  TYR A CE2 1 
ATOM   521 C  CZ  . TYR A 1 59 ? 6.058   6.800   14.608  1.00 9.43   ? 76  TYR A CZ  1 
ATOM   522 O  OH  . TYR A 1 59 ? 6.902   7.848   14.871  1.00 10.73  ? 76  TYR A OH  1 
ATOM   523 N  N   . CYS A 1 60 ? 3.873   0.647   11.633  1.00 13.45  ? 77  CYS A N   1 
ATOM   524 C  CA  . CYS A 1 60 ? 3.313   -0.647  11.160  1.00 13.94  ? 77  CYS A CA  1 
ATOM   525 C  C   . CYS A 1 60 ? 4.004   -1.878  11.754  1.00 15.46  ? 77  CYS A C   1 
ATOM   526 O  O   . CYS A 1 60 ? 3.777   -2.999  11.280  1.00 16.00  ? 77  CYS A O   1 
ATOM   527 C  CB  . CYS A 1 60 ? 3.266   -0.687  9.626   1.00 17.49  ? 77  CYS A CB  1 
ATOM   528 S  SG  . CYS A 1 60 ? 4.761   -0.219  8.809   1.00 17.81  ? 77  CYS A SG  1 
ATOM   529 N  N   . SER A 1 61 ? 4.773   -1.668  12.822  1.00 15.28  ? 78  SER A N   1 
ATOM   530 C  CA  . SER A 1 61 ? 5.580   -2.712  13.491  1.00 15.66  ? 78  SER A CA  1 
ATOM   531 C  C   . SER A 1 61 ? 4.700   -3.811  14.057  1.00 17.23  ? 78  SER A C   1 
ATOM   532 O  O   . SER A 1 61 ? 5.116   -4.983  14.126  1.00 17.87  ? 78  SER A O   1 
ATOM   533 C  CB  . SER A 1 61 ? 6.416   -2.087  14.617  1.00 16.24  ? 78  SER A CB  1 
ATOM   534 O  OG  . SER A 1 61 ? 5.605   -1.589  15.688  1.00 23.29  ? 78  SER A OG  1 
ATOM   535 N  N   . ASN A 1 62 ? 3.505   -3.418  14.459  1.00 13.30  ? 79  ASN A N   1 
ATOM   536 C  CA  . ASN A 1 62 ? 2.508   -4.297  15.071  1.00 12.21  ? 79  ASN A CA  1 
ATOM   537 C  C   . ASN A 1 62 ? 1.403   -4.742  14.168  1.00 12.42  ? 79  ASN A C   1 
ATOM   538 O  O   . ASN A 1 62 ? 0.349   -5.124  14.658  1.00 15.54  ? 79  ASN A O   1 
ATOM   539 C  CB  . ASN A 1 62 ? 1.926   -3.682  16.329  1.00 16.06  ? 79  ASN A CB  1 
ATOM   540 C  CG  . ASN A 1 62 ? 1.111   -2.446  16.058  1.00 16.38  ? 79  ASN A CG  1 
ATOM   541 O  OD1 . ASN A 1 62 ? 0.952   -2.036  14.930  1.00 19.56  ? 79  ASN A OD1 1 
ATOM   542 N  ND2 . ASN A 1 62 ? 0.578   -1.854  17.121  1.00 23.27  ? 79  ASN A ND2 1 
ATOM   543 N  N   . ASP A 1 63 ? 1.631   -4.702  12.864  1.00 12.14  ? 80  ASP A N   1 
ATOM   544 C  CA  . ASP A 1 63 ? 0.549   -4.919  11.902  1.00 11.44  ? 80  ASP A CA  1 
ATOM   545 C  C   . ASP A 1 63 ? 1.107   -5.716  10.729  1.00 13.24  ? 80  ASP A C   1 
ATOM   546 O  O   . ASP A 1 63 ? 2.320   -5.653  10.440  1.00 13.35  ? 80  ASP A O   1 
ATOM   547 C  CB  . ASP A 1 63 ? 0.106   -3.568  11.379  1.00 12.77  ? 80  ASP A CB  1 
ATOM   548 C  CG  . ASP A 1 63 ? -1.218  -3.630  10.678  1.00 14.71  ? 80  ASP A CG  1 
ATOM   549 O  OD1 . ASP A 1 63 ? -2.274  -3.486  11.377  1.00 14.71  ? 80  ASP A OD1 1 
ATOM   550 O  OD2 . ASP A 1 63 ? -1.166  -3.814  9.404   1.00 15.73  ? 80  ASP A OD2 1 
ATOM   551 N  N   . LEU A 1 64 ? 0.218   -6.452  10.026  1.00 13.12  ? 81  LEU A N   1 
ATOM   552 C  CA  . LEU A 1 64 ? 0.652   -7.119  8.796   1.00 15.66  ? 81  LEU A CA  1 
ATOM   553 C  C   . LEU A 1 64 ? 1.239   -6.183  7.761   1.00 14.19  ? 81  LEU A C   1 
ATOM   554 O  O   . LEU A 1 64 ? 2.098   -6.612  6.992   1.00 15.55  ? 81  LEU A O   1 
ATOM   555 C  CB  . LEU A 1 64 ? -0.516  -7.878  8.180   1.00 19.25  ? 81  LEU A CB  1 
ATOM   556 C  CG  . LEU A 1 64 ? -0.311  -8.624  6.867   1.00 30.52  ? 81  LEU A CG  1 
ATOM   557 C  CD1 . LEU A 1 64 ? 0.808   -9.618  7.054   1.00 33.03  ? 81  LEU A CD1 1 
ATOM   558 C  CD2 . LEU A 1 64 ? -1.618  -9.322  6.505   1.00 44.72  ? 81  LEU A CD2 1 
ATOM   559 N  N   . LEU A 1 65 ? 0.846   -4.902  7.728   1.00 13.70  ? 82  LEU A N   1 
ATOM   560 C  CA  . LEU A 1 65 ? 1.449   -3.950  6.810   1.00 13.68  ? 82  LEU A CA  1 
ATOM   561 C  C   . LEU A 1 65 ? 2.993   -3.897  6.990   1.00 14.04  ? 82  LEU A C   1 
ATOM   562 O  O   . LEU A 1 65 ? 3.746   -3.791  6.039   1.00 15.22  ? 82  LEU A O   1 
ATOM   563 C  CB  . LEU A 1 65 ? 0.850   -2.584  6.971   1.00 14.27  ? 82  LEU A CB  1 
ATOM   564 C  CG  . LEU A 1 65 ? 1.429   -1.518  6.040   1.00 16.22  ? 82  LEU A CG  1 
ATOM   565 C  CD1 . LEU A 1 65 ? 1.203   -1.920  4.575   1.00 18.99  ? 82  LEU A CD1 1 
ATOM   566 C  CD2 . LEU A 1 65 ? 0.785   -0.168  6.379   1.00 18.75  ? 82  LEU A CD2 1 
ATOM   567 N  N   . GLY A 1 66 ? 3.472   -4.020  8.229   1.00 13.58  ? 83  GLY A N   1 
ATOM   568 C  CA  . GLY A 1 66 ? 4.910   -4.102  8.485   1.00 14.26  ? 83  GLY A CA  1 
ATOM   569 C  C   . GLY A 1 66 ? 5.601   -5.325  7.911   1.00 13.78  ? 83  GLY A C   1 
ATOM   570 O  O   . GLY A 1 66 ? 6.753   -5.256  7.476   1.00 15.91  ? 83  GLY A O   1 
ATOM   571 N  N   . ASP A 1 67 ? 4.895   -6.463  7.905   1.00 15.18  ? 84  ASP A N   1 
ATOM   572 C  CA  . ASP A 1 67 ? 5.416   -7.680  7.276   1.00 17.05  ? 84  ASP A CA  1 
ATOM   573 C  C   . ASP A 1 67 ? 5.497   -7.505  5.763   1.00 20.57  ? 84  ASP A C   1 
ATOM   574 O  O   . ASP A 1 67 ? 6.472   -7.964  5.138   1.00 19.36  ? 84  ASP A O   1 
ATOM   575 C  CB  . ASP A 1 67 ? 4.567   -8.885  7.639   1.00 19.82  ? 84  ASP A CB  1 
ATOM   576 C  CG  . ASP A 1 67 ? 4.582   -9.137  9.122   1.00 29.42  ? 84  ASP A CG  1 
ATOM   577 O  OD1 . ASP A 1 67 ? 5.685   -9.277  9.668   1.00 36.92  ? 84  ASP A OD1 1 
ATOM   578 O  OD2 . ASP A 1 67 ? 3.515   -9.098  9.754   1.00 36.32  ? 84  ASP A OD2 1 
ATOM   579 N  N   A LEU A 1 68 ? 4.487   -6.853  5.197   0.50 17.16  ? 85  LEU A N   1 
ATOM   580 N  N   B LEU A 1 68 ? 4.488   -6.869  5.185   0.50 19.18  ? 85  LEU A N   1 
ATOM   581 C  CA  A LEU A 1 68 ? 4.389   -6.595  3.750   0.50 18.26  ? 85  LEU A CA  1 
ATOM   582 C  CA  B LEU A 1 68 ? 4.441   -6.633  3.740   0.50 21.44  ? 85  LEU A CA  1 
ATOM   583 C  C   A LEU A 1 68 ? 5.541   -5.711  3.286   0.50 17.61  ? 85  LEU A C   1 
ATOM   584 C  C   B LEU A 1 68 ? 5.593   -5.735  3.305   0.50 19.50  ? 85  LEU A C   1 
ATOM   585 O  O   A LEU A 1 68 ? 6.223   -6.009  2.291   0.50 20.17  ? 85  LEU A O   1 
ATOM   586 O  O   B LEU A 1 68 ? 6.330   -6.055  2.358   0.50 19.43  ? 85  LEU A O   1 
ATOM   587 C  CB  A LEU A 1 68 ? 3.067   -5.877  3.440   0.50 20.08  ? 85  LEU A CB  1 
ATOM   588 C  CB  B LEU A 1 68 ? 3.125   -5.964  3.348   0.50 27.25  ? 85  LEU A CB  1 
ATOM   589 C  CG  A LEU A 1 68 ? 2.625   -5.644  1.987   0.50 19.76  ? 85  LEU A CG  1 
ATOM   590 C  CG  B LEU A 1 68 ? 1.945   -6.893  3.058   0.50 34.77  ? 85  LEU A CG  1 
ATOM   591 C  CD1 A LEU A 1 68 ? 2.111   -6.908  1.321   0.50 23.75  ? 85  LEU A CD1 1 
ATOM   592 C  CD1 B LEU A 1 68 ? 0.755   -6.084  2.575   0.50 30.40  ? 85  LEU A CD1 1 
ATOM   593 C  CD2 A LEU A 1 68 ? 1.561   -4.556  1.917   0.50 22.89  ? 85  LEU A CD2 1 
ATOM   594 C  CD2 B LEU A 1 68 ? 2.346   -7.905  1.998   0.50 31.38  ? 85  LEU A CD2 1 
ATOM   595 N  N   . PHE A 1 69 ? 5.773   -4.631  4.026   1.00 17.69  ? 86  PHE A N   1 
ATOM   596 C  CA  . PHE A 1 69 ? 6.810   -3.672  3.693   1.00 15.43  ? 86  PHE A CA  1 
ATOM   597 C  C   . PHE A 1 69 ? 8.195   -3.904  4.247   1.00 18.55  ? 86  PHE A C   1 
ATOM   598 O  O   . PHE A 1 69 ? 9.156   -3.285  3.765   1.00 22.51  ? 86  PHE A O   1 
ATOM   599 C  CB  . PHE A 1 69 ? 6.306   -2.275  4.070   1.00 16.91  ? 86  PHE A CB  1 
ATOM   600 C  CG  . PHE A 1 69 ? 5.274   -1.697  3.159   1.00 16.76  ? 86  PHE A CG  1 
ATOM   601 C  CD1 . PHE A 1 69 ? 4.731   -2.371  2.048   1.00 16.92  ? 86  PHE A CD1 1 
ATOM   602 C  CD2 . PHE A 1 69 ? 4.839   -0.415  3.400   1.00 17.72  ? 86  PHE A CD2 1 
ATOM   603 C  CE1 . PHE A 1 69 ? 3.779   -1.764  1.288   1.00 15.86  ? 86  PHE A CE1 1 
ATOM   604 C  CE2 . PHE A 1 69 ? 3.893   0.216   2.597   1.00 18.64  ? 86  PHE A CE2 1 
ATOM   605 C  CZ  . PHE A 1 69 ? 3.376   -0.456  1.538   1.00 19.44  ? 86  PHE A CZ  1 
ATOM   606 N  N   . GLY A 1 70 ? 8.348   -4.740  5.271   1.00 16.77  ? 87  GLY A N   1 
ATOM   607 C  CA  . GLY A 1 70 ? 9.643   -5.017  5.840   1.00 19.96  ? 87  GLY A CA  1 
ATOM   608 C  C   . GLY A 1 70 ? 10.256  -3.902  6.688   1.00 18.77  ? 87  GLY A C   1 
ATOM   609 O  O   . GLY A 1 70 ? 11.443  -3.942  6.941   1.00 19.25  ? 87  GLY A O   1 
ATOM   610 N  N   . VAL A 1 71 ? 9.431   -2.952  7.147   1.00 19.91  ? 88  VAL A N   1 
ATOM   611 C  CA  . VAL A 1 71 ? 9.856   -1.821  7.968   1.00 17.51  ? 88  VAL A CA  1 
ATOM   612 C  C   . VAL A 1 71 ? 8.902   -1.680  9.153   1.00 15.16  ? 88  VAL A C   1 
ATOM   613 O  O   . VAL A 1 71 ? 7.711   -2.033  9.040   1.00 16.14  ? 88  VAL A O   1 
ATOM   614 C  CB  . VAL A 1 71 ? 9.895   -0.502  7.150   1.00 19.20  ? 88  VAL A CB  1 
ATOM   615 C  CG1 . VAL A 1 71 ? 10.919  -0.617  6.007   1.00 23.05  ? 88  VAL A CG1 1 
ATOM   616 C  CG2 . VAL A 1 71 ? 8.518   -0.152  6.657   1.00 21.37  ? 88  VAL A CG2 1 
ATOM   617 N  N   . PRO A 1 72 ? 9.397   -1.143  10.297  1.00 15.96  ? 89  PRO A N   1 
ATOM   618 C  CA  . PRO A 1 72 ? 8.528   -0.862  11.442  1.00 16.10  ? 89  PRO A CA  1 
ATOM   619 C  C   . PRO A 1 72 ? 7.692   0.450   11.272  1.00 16.51  ? 89  PRO A C   1 
ATOM   620 O  O   . PRO A 1 72 ? 6.706   0.665   11.978  1.00 14.94  ? 89  PRO A O   1 
ATOM   621 C  CB  . PRO A 1 72 ? 9.522   -0.738  12.597  1.00 18.61  ? 89  PRO A CB  1 
ATOM   622 C  CG  . PRO A 1 72 ? 10.753  -0.177  11.945  1.00 20.39  ? 89  PRO A CG  1 
ATOM   623 C  CD  . PRO A 1 72 ? 10.806  -0.795  10.581  1.00 18.47  ? 89  PRO A CD  1 
ATOM   624 N  N   . SER A 1 73 ? 8.150   1.330   10.368  1.00 14.64  ? 90  SER A N   1 
ATOM   625 C  CA  . SER A 1 73 ? 7.521   2.622   10.106  1.00 15.24  ? 90  SER A CA  1 
ATOM   626 C  C   . SER A 1 73 ? 8.102   3.214   8.827   1.00 16.28  ? 90  SER A C   1 
ATOM   627 O  O   . SER A 1 73 ? 9.176   2.764   8.329   1.00 17.76  ? 90  SER A O   1 
ATOM   628 C  CB  . SER A 1 73 ? 7.726   3.576   11.289  1.00 13.12  ? 90  SER A CB  1 
ATOM   629 O  OG  . SER A 1 73 ? 9.093   3.894   11.496  1.00 14.36  ? 90  SER A OG  1 
ATOM   630 N  N   . PHE A 1 74 ? 7.374   4.193   8.287   1.00 15.37  ? 91  PHE A N   1 
ATOM   631 C  CA  . PHE A 1 74 ? 7.813   4.922   7.112   1.00 14.68  ? 91  PHE A CA  1 
ATOM   632 C  C   . PHE A 1 74 ? 7.115   6.290   7.040   1.00 17.15  ? 91  PHE A C   1 
ATOM   633 O  O   . PHE A 1 74 ? 6.020   6.514   7.556   1.00 13.32  ? 91  PHE A O   1 
ATOM   634 C  CB  . PHE A 1 74 ? 7.631   4.101   5.831   1.00 15.89  ? 91  PHE A CB  1 
ATOM   635 C  CG  . PHE A 1 74 ? 6.209   3.772   5.523   1.00 14.16  ? 91  PHE A CG  1 
ATOM   636 C  CD1 . PHE A 1 74 ? 5.599   2.633   6.017   1.00 15.26  ? 91  PHE A CD1 1 
ATOM   637 C  CD2 . PHE A 1 74 ? 5.456   4.639   4.755   1.00 15.72  ? 91  PHE A CD2 1 
ATOM   638 C  CE1 . PHE A 1 74 ? 4.265   2.348   5.708   1.00 13.03  ? 91  PHE A CE1 1 
ATOM   639 C  CE2 . PHE A 1 74 ? 4.148   4.391   4.472   1.00 14.95  ? 91  PHE A CE2 1 
ATOM   640 C  CZ  . PHE A 1 74 ? 3.524   3.248   4.918   1.00 14.81  ? 91  PHE A CZ  1 
ATOM   641 N  N   . SER A 1 75 ? 7.808   7.226   6.439   1.00 15.73  ? 92  SER A N   1 
ATOM   642 C  CA  . SER A 1 75 ? 7.213   8.536   6.163   1.00 19.61  ? 92  SER A CA  1 
ATOM   643 C  C   . SER A 1 75 ? 6.285   8.435   4.971   1.00 18.16  ? 92  SER A C   1 
ATOM   644 O  O   . SER A 1 75 ? 6.686   7.922   3.921   1.00 15.89  ? 92  SER A O   1 
ATOM   645 C  CB  . SER A 1 75 ? 8.311   9.532   5.840   1.00 19.21  ? 92  SER A CB  1 
ATOM   646 O  OG  . SER A 1 75 ? 7.781   10.752  5.306   1.00 15.89  ? 92  SER A OG  1 
ATOM   647 N  N   . VAL A 1 76 ? 5.069   8.980   5.082   1.00 14.13  ? 93  VAL A N   1 
ATOM   648 C  CA  . VAL A 1 76 ? 4.130   8.971   3.959   1.00 15.47  ? 93  VAL A CA  1 
ATOM   649 C  C   . VAL A 1 76 ? 4.510   9.921   2.820   1.00 17.29  ? 93  VAL A C   1 
ATOM   650 O  O   . VAL A 1 76 ? 3.851   9.879   1.766   1.00 17.31  ? 93  VAL A O   1 
ATOM   651 C  CB  . VAL A 1 76 ? 2.674   9.291   4.359   1.00 16.06  ? 93  VAL A CB  1 
ATOM   652 C  CG1 . VAL A 1 76 ? 2.188   8.278   5.395   1.00 24.07  ? 93  VAL A CG1 1 
ATOM   653 C  CG2 . VAL A 1 76 ? 2.581   10.751  4.847   1.00 14.23  ? 93  VAL A CG2 1 
ATOM   654 N  N   . LYS A 1 77 ? 5.514   10.775  3.051   1.00 12.06  ? 94  LYS A N   1 
ATOM   655 C  CA  . LYS A 1 77 ? 6.018   11.730  2.034   1.00 14.03  ? 94  LYS A CA  1 
ATOM   656 C  C   . LYS A 1 77 ? 6.931   11.046  1.021   1.00 15.66  ? 94  LYS A C   1 
ATOM   657 O  O   . LYS A 1 77 ? 7.217   11.634  -0.011  1.00 16.30  ? 94  LYS A O   1 
ATOM   658 C  CB  . LYS A 1 77 ? 6.823   12.874  2.677   1.00 14.14  ? 94  LYS A CB  1 
ATOM   659 C  CG  . LYS A 1 77 ? 6.065   13.689  3.726   1.00 14.98  ? 94  LYS A CG  1 
ATOM   660 C  CD  . LYS A 1 77 ? 6.827   14.898  4.200   1.00 18.80  ? 94  LYS A CD  1 
ATOM   661 C  CE  . LYS A 1 77 ? 6.027   15.737  5.194   1.00 18.19  ? 94  LYS A CE  1 
ATOM   662 N  NZ  . LYS A 1 77 ? 6.702   17.046  5.507   1.00 16.00  ? 94  LYS A NZ  1 
ATOM   663 N  N   . GLU A 1 78 ? 7.429   9.848   1.337   1.00 17.38  ? 95  GLU A N   1 
ATOM   664 C  CA  . GLU A 1 78 ? 8.458   9.193   0.516   1.00 19.13  ? 95  GLU A CA  1 
ATOM   665 C  C   . GLU A 1 78 ? 7.768   8.301   -0.496  1.00 15.10  ? 95  GLU A C   1 
ATOM   666 O  O   . GLU A 1 78 ? 7.826   7.076   -0.422  1.00 14.57  ? 95  GLU A O   1 
ATOM   667 C  CB  . GLU A 1 78 ? 9.406   8.381   1.407   1.00 22.10  ? 95  GLU A CB  1 
ATOM   668 C  CG  . GLU A 1 78 ? 10.250  9.277   2.309   1.00 30.68  ? 95  GLU A CG  1 
ATOM   669 C  CD  . GLU A 1 78 ? 11.281  8.511   3.114   1.00 40.82  ? 95  GLU A CD  1 
ATOM   670 O  OE1 . GLU A 1 78 ? 11.231  7.265   3.139   1.00 51.55  ? 95  GLU A OE1 1 
ATOM   671 O  OE2 . GLU A 1 78 ? 12.163  9.168   3.710   1.00 73.38  ? 95  GLU A OE2 1 
ATOM   672 N  N   . HIS A 1 79 ? 7.098   8.934   -1.463  1.00 13.57  ? 96  HIS A N   1 
ATOM   673 C  CA  . HIS A 1 79 ? 6.293   8.199   -2.455  1.00 13.53  ? 96  HIS A CA  1 
ATOM   674 C  C   . HIS A 1 79 ? 7.110   7.211   -3.277  1.00 12.20  ? 96  HIS A C   1 
ATOM   675 O  O   . HIS A 1 79 ? 6.674   6.110   -3.507  1.00 13.99  ? 96  HIS A O   1 
ATOM   676 C  CB  . HIS A 1 79 ? 5.568   9.170   -3.377  1.00 14.06  ? 96  HIS A CB  1 
ATOM   677 C  CG  . HIS A 1 79 ? 4.319   9.769   -2.785  1.00 15.50  ? 96  HIS A CG  1 
ATOM   678 N  ND1 . HIS A 1 79 ? 3.390   10.365  -3.551  1.00 15.24  ? 96  HIS A ND1 1 
ATOM   679 C  CD2 . HIS A 1 79 ? 3.862   9.850   -1.473  1.00 16.16  ? 96  HIS A CD2 1 
ATOM   680 C  CE1 . HIS A 1 79 ? 2.366   10.780  -2.772  1.00 18.40  ? 96  HIS A CE1 1 
ATOM   681 N  NE2 . HIS A 1 79 ? 2.672   10.515  -1.501  1.00 14.29  ? 96  HIS A NE2 1 
ATOM   682 N  N   . ARG A 1 80 ? 8.298   7.596   -3.697  1.00 13.71  ? 97  ARG A N   1 
ATOM   683 C  CA  . ARG A 1 80 ? 9.136   6.653   -4.483  1.00 15.02  ? 97  ARG A CA  1 
ATOM   684 C  C   . ARG A 1 80 ? 9.462   5.370   -3.698  1.00 14.16  ? 97  ARG A C   1 
ATOM   685 O  O   . ARG A 1 80 ? 9.322   4.250   -4.241  1.00 16.18  ? 97  ARG A O   1 
ATOM   686 C  CB  . ARG A 1 80 ? 10.403  7.330   -5.002  1.00 20.19  ? 97  ARG A CB  1 
ATOM   687 C  CG  . ARG A 1 80 ? 10.144  8.256   -6.174  1.00 23.24  ? 97  ARG A CG  1 
ATOM   688 C  CD  . ARG A 1 80 ? 11.460  8.643   -6.872  1.00 26.00  ? 97  ARG A CD  1 
ATOM   689 N  NE  . ARG A 1 80 ? 12.379  9.295   -5.946  1.00 34.75  ? 97  ARG A NE  1 
ATOM   690 C  CZ  . ARG A 1 80 ? 13.612  9.792   -6.179  0.00 31.66  ? 97  ARG A CZ  1 
ATOM   691 N  NH1 . ARG A 1 80 ? 14.144  9.627   -7.389  0.00 31.49  ? 97  ARG A NH1 1 
ATOM   692 N  NH2 . ARG A 1 80 ? 14.327  10.409  -5.245  0.00 31.51  ? 97  ARG A NH2 1 
ATOM   693 N  N   . LYS A 1 81 ? 9.807   5.525   -2.402  1.00 15.37  ? 98  LYS A N   1 
ATOM   694 C  CA  . LYS A 1 81 ? 10.019  4.383   -1.509  1.00 18.61  ? 98  LYS A CA  1 
ATOM   695 C  C   . LYS A 1 81 ? 8.758   3.547   -1.323  1.00 16.84  ? 98  LYS A C   1 
ATOM   696 O  O   . LYS A 1 81 ? 8.842   2.328   -1.267  1.00 16.96  ? 98  LYS A O   1 
ATOM   697 C  CB  . LYS A 1 81 ? 10.553  4.804   -0.122  1.00 26.47  ? 98  LYS A CB  1 
ATOM   698 C  CG  . LYS A 1 81 ? 11.096  3.645   0.718   1.00 34.45  ? 98  LYS A CG  1 
ATOM   699 C  CD  . LYS A 1 81 ? 11.265  4.012   2.186   1.00 40.57  ? 98  LYS A CD  1 
ATOM   700 C  CE  . LYS A 1 81 ? 11.664  2.836   3.045   0.00 37.70  ? 98  LYS A CE  1 
ATOM   701 N  NZ  . LYS A 1 81 ? 11.805  3.189   4.485   0.00 37.80  ? 98  LYS A NZ  1 
ATOM   702 N  N   . ILE A 1 82 ? 7.603   4.191   -1.140  1.00 13.24  ? 99  ILE A N   1 
ATOM   703 C  CA  . ILE A 1 82 ? 6.356   3.505   -0.965  1.00 14.37  ? 99  ILE A CA  1 
ATOM   704 C  C   . ILE A 1 82 ? 5.993   2.678   -2.216  1.00 14.31  ? 99  ILE A C   1 
ATOM   705 O  O   . ILE A 1 82 ? 5.597   1.498   -2.125  1.00 16.31  ? 99  ILE A O   1 
ATOM   706 C  CB  . ILE A 1 82 ? 5.229   4.498   -0.575  1.00 12.22  ? 99  ILE A CB  1 
ATOM   707 C  CG1 . ILE A 1 82 ? 5.491   5.015   0.842   1.00 13.98  ? 99  ILE A CG1 1 
ATOM   708 C  CG2 . ILE A 1 82 ? 3.878   3.802   -0.620  1.00 14.06  ? 99  ILE A CG2 1 
ATOM   709 C  CD1 . ILE A 1 82 ? 4.784   6.324   1.215   1.00 13.25  ? 99  ILE A CD1 1 
ATOM   710 N  N   . TYR A 1 83 ? 6.204   3.275   -3.388  1.00 12.43  ? 100 TYR A N   1 
ATOM   711 C  CA  . TYR A 1 83 ? 5.983   2.527   -4.638  1.00 13.98  ? 100 TYR A CA  1 
ATOM   712 C  C   . TYR A 1 83 ? 6.848   1.267   -4.683  1.00 14.01  ? 100 TYR A C   1 
ATOM   713 O  O   . TYR A 1 83 ? 6.357   0.211   -5.055  1.00 14.32  ? 100 TYR A O   1 
ATOM   714 C  CB  . TYR A 1 83 ? 6.246   3.372   -5.889  1.00 15.57  ? 100 TYR A CB  1 
ATOM   715 C  CG  . TYR A 1 83 ? 5.075   4.222   -6.322  1.00 15.27  ? 100 TYR A CG  1 
ATOM   716 C  CD1 . TYR A 1 83 ? 3.878   3.629   -6.657  1.00 18.50  ? 100 TYR A CD1 1 
ATOM   717 C  CD2 . TYR A 1 83 ? 5.172   5.615   -6.389  1.00 21.88  ? 100 TYR A CD2 1 
ATOM   718 C  CE1 . TYR A 1 83 ? 2.803   4.395   -7.070  1.00 20.05  ? 100 TYR A CE1 1 
ATOM   719 C  CE2 . TYR A 1 83 ? 4.081   6.383   -6.802  1.00 23.44  ? 100 TYR A CE2 1 
ATOM   720 C  CZ  . TYR A 1 83 ? 2.909   5.733   -7.118  1.00 19.73  ? 100 TYR A CZ  1 
ATOM   721 O  OH  . TYR A 1 83 ? 1.806   6.462   -7.522  1.00 31.16  ? 100 TYR A OH  1 
ATOM   722 N  N   . THR A 1 84 ? 8.115   1.392   -4.309  1.00 12.68  ? 101 THR A N   1 
ATOM   723 C  CA  . THR A 1 84 ? 9.062   0.247   -4.332  1.00 16.04  ? 101 THR A CA  1 
ATOM   724 C  C   . THR A 1 84 ? 8.549   -0.860  -3.400  1.00 15.21  ? 101 THR A C   1 
ATOM   725 O  O   . THR A 1 84 ? 8.517   -2.013  -3.790  1.00 14.52  ? 101 THR A O   1 
ATOM   726 C  CB  . THR A 1 84 ? 10.465  0.684   -3.953  1.00 11.74  ? 101 THR A CB  1 
ATOM   727 O  OG1 . THR A 1 84 ? 10.939  1.613   -4.929  1.00 13.73  ? 101 THR A OG1 1 
ATOM   728 C  CG2 . THR A 1 84 ? 11.429  -0.481  -3.907  1.00 11.83  ? 101 THR A CG2 1 
ATOM   729 N  N   . MET A 1 85 ? 8.165   -0.489  -2.193  1.00 15.40  ? 102 MET A N   1 
ATOM   730 C  CA  . MET A 1 85 ? 7.638   -1.464  -1.211  1.00 15.79  ? 102 MET A CA  1 
ATOM   731 C  C   . MET A 1 85 ? 6.387   -2.147  -1.693  1.00 14.58  ? 102 MET A C   1 
ATOM   732 O  O   . MET A 1 85 ? 6.220   -3.356  -1.521  1.00 16.66  ? 102 MET A O   1 
ATOM   733 C  CB  . MET A 1 85 ? 7.421   -0.768  0.147   1.00 15.69  ? 102 MET A CB  1 
ATOM   734 C  CG  . MET A 1 85 ? 8.713   -0.369  0.776   1.00 15.35  ? 102 MET A CG  1 
ATOM   735 S  SD  . MET A 1 85 ? 8.583   0.300   2.466   1.00 19.21  ? 102 MET A SD  1 
ATOM   736 C  CE  . MET A 1 85 ? 7.517   1.730   2.249   1.00 18.10  ? 102 MET A CE  1 
ATOM   737 N  N   . ILE A 1 86 ? 5.520   -1.416  -2.365  1.00 14.08  ? 103 ILE A N   1 
ATOM   738 C  CA  . ILE A 1 86 ? 4.314   -1.980  -2.914  1.00 12.54  ? 103 ILE A CA  1 
ATOM   739 C  C   . ILE A 1 86 ? 4.675   -2.881  -4.101  1.00 15.63  ? 103 ILE A C   1 
ATOM   740 O  O   . ILE A 1 86 ? 4.131   -3.999  -4.220  1.00 15.08  ? 103 ILE A O   1 
ATOM   741 C  CB  . ILE A 1 86 ? 3.301   -0.883  -3.342  1.00 14.12  ? 103 ILE A CB  1 
ATOM   742 C  CG1 . ILE A 1 86 ? 2.733   -0.154  -2.142  1.00 18.42  ? 103 ILE A CG1 1 
ATOM   743 C  CG2 . ILE A 1 86 ? 2.131   -1.504  -4.120  1.00 19.15  ? 103 ILE A CG2 1 
ATOM   744 C  CD1 . ILE A 1 86 ? 2.037   1.147   -2.511  1.00 16.59  ? 103 ILE A CD1 1 
ATOM   745 N  N   A TYR A 1 87 ? 5.555   -2.413  -4.987  0.50 12.49  ? 104 TYR A N   1 
ATOM   746 N  N   B TYR A 1 87 ? 5.550   -2.423  -4.990  0.50 13.50  ? 104 TYR A N   1 
ATOM   747 C  CA  A TYR A 1 87 ? 5.914   -3.195  -6.175  0.50 13.48  ? 104 TYR A CA  1 
ATOM   748 C  CA  B TYR A 1 87 ? 5.873   -3.221  -6.173  0.50 15.98  ? 104 TYR A CA  1 
ATOM   749 C  C   A TYR A 1 87 ? 6.404   -4.582  -5.845  0.50 13.23  ? 104 TYR A C   1 
ATOM   750 C  C   B TYR A 1 87 ? 6.413   -4.592  -5.851  0.50 14.35  ? 104 TYR A C   1 
ATOM   751 O  O   A TYR A 1 87 ? 6.158   -5.531  -6.607  0.50 15.84  ? 104 TYR A O   1 
ATOM   752 O  O   B TYR A 1 87 ? 6.208   -5.540  -6.623  0.50 16.12  ? 104 TYR A O   1 
ATOM   753 C  CB  A TYR A 1 87 ? 7.002   -2.511  -6.993  0.50 10.97  ? 104 TYR A CB  1 
ATOM   754 C  CB  B TYR A 1 87 ? 6.886   -2.514  -7.046  0.50 15.82  ? 104 TYR A CB  1 
ATOM   755 C  CG  A TYR A 1 87 ? 6.484   -1.644  -8.118  0.50 11.05  ? 104 TYR A CG  1 
ATOM   756 C  CG  B TYR A 1 87 ? 6.258   -1.729  -8.166  0.50 20.57  ? 104 TYR A CG  1 
ATOM   757 C  CD1 A TYR A 1 87 ? 5.911   -2.208  -9.254  0.50 11.08  ? 104 TYR A CD1 1 
ATOM   758 C  CD1 B TYR A 1 87 ? 6.928   -1.539  -9.367  0.50 27.50  ? 104 TYR A CD1 1 
ATOM   759 C  CD2 A TYR A 1 87 ? 6.646   -0.256  -8.090  0.50 11.29  ? 104 TYR A CD2 1 
ATOM   760 C  CD2 B TYR A 1 87 ? 4.985   -1.196  -8.036  0.50 22.46  ? 104 TYR A CD2 1 
ATOM   761 C  CE1 A TYR A 1 87 ? 5.401   -1.416  -10.258 0.50 11.16  ? 104 TYR A CE1 1 
ATOM   762 C  CE1 B TYR A 1 87 ? 6.351   -0.808  -10.398 0.50 31.82  ? 104 TYR A CE1 1 
ATOM   763 C  CE2 A TYR A 1 87 ? 6.165   0.533   -9.102  0.50 11.84  ? 104 TYR A CE2 1 
ATOM   764 C  CE2 B TYR A 1 87 ? 4.401   -0.471  -9.058  0.50 30.46  ? 104 TYR A CE2 1 
ATOM   765 C  CZ  A TYR A 1 87 ? 5.564   -0.046  -10.198 0.50 13.03  ? 104 TYR A CZ  1 
ATOM   766 C  CZ  B TYR A 1 87 ? 5.084   -0.281  -10.236 0.50 29.14  ? 104 TYR A CZ  1 
ATOM   767 O  OH  A TYR A 1 87 ? 5.131   0.796   -11.218 0.50 16.42  ? 104 TYR A OH  1 
ATOM   768 O  OH  B TYR A 1 87 ? 4.496   0.454   -11.250 0.50 30.57  ? 104 TYR A OH  1 
ATOM   769 N  N   . ARG A 1 88 ? 7.149   -4.689  -4.750  1.00 15.35  ? 105 ARG A N   1 
ATOM   770 C  CA  . ARG A 1 88 ? 7.684   -5.981  -4.336  1.00 18.91  ? 105 ARG A CA  1 
ATOM   771 C  C   . ARG A 1 88 ? 6.605   -6.973  -3.889  1.00 16.87  ? 105 ARG A C   1 
ATOM   772 O  O   . ARG A 1 88 ? 6.941   -8.170  -3.686  1.00 19.31  ? 105 ARG A O   1 
ATOM   773 C  CB  . ARG A 1 88 ? 8.720   -5.772  -3.233  1.00 14.93  ? 105 ARG A CB  1 
ATOM   774 C  CG  . ARG A 1 88 ? 9.978   -5.081  -3.742  1.00 18.17  ? 105 ARG A CG  1 
ATOM   775 C  CD  . ARG A 1 88 ? 10.998  -4.853  -2.651  1.00 20.16  ? 105 ARG A CD  1 
ATOM   776 N  NE  . ARG A 1 88 ? 12.211  -4.169  -3.153  1.00 16.27  ? 105 ARG A NE  1 
ATOM   777 C  CZ  . ARG A 1 88 ? 13.045  -3.495  -2.357  1.00 21.42  ? 105 ARG A CZ  1 
ATOM   778 N  NH1 . ARG A 1 88 ? 12.808  -3.452  -1.026  1.00 25.24  ? 105 ARG A NH1 1 
ATOM   779 N  NH2 . ARG A 1 88 ? 14.113  -2.876  -2.856  1.00 16.88  ? 105 ARG A NH2 1 
ATOM   780 N  N   . ASN A 1 89 ? 5.375   -6.508  -3.708  1.00 14.72  ? 106 ASN A N   1 
ATOM   781 C  CA  . ASN A 1 89 ? 4.275   -7.318  -3.246  1.00 14.26  ? 106 ASN A CA  1 
ATOM   782 C  C   . ASN A 1 89 ? 3.216   -7.547  -4.353  1.00 12.95  ? 106 ASN A C   1 
ATOM   783 O  O   . ASN A 1 89 ? 2.066   -7.929  -4.048  1.00 14.36  ? 106 ASN A O   1 
ATOM   784 C  CB  . ASN A 1 89 ? 3.622   -6.635  -2.067  1.00 14.89  ? 106 ASN A CB  1 
ATOM   785 C  CG  . ASN A 1 89 ? 4.425   -6.792  -0.787  1.00 21.19  ? 106 ASN A CG  1 
ATOM   786 O  OD1 . ASN A 1 89 ? 4.526   -7.919  -0.236  1.00 22.94  ? 106 ASN A OD1 1 
ATOM   787 N  ND2 . ASN A 1 89 ? 5.178   -5.736  -0.420  1.00 18.85  ? 106 ASN A ND2 1 
ATOM   788 N  N   . LEU A 1 90 ? 3.617   -7.381  -5.607  1.00 15.46  ? 107 LEU A N   1 
ATOM   789 C  CA  . LEU A 1 90 ? 2.730   -7.590  -6.736  1.00 14.53  ? 107 LEU A CA  1 
ATOM   790 C  C   . LEU A 1 90 ? 3.457   -7.950  -7.978  1.00 12.98  ? 107 LEU A C   1 
ATOM   791 O  O   . LEU A 1 90 ? 4.729   -7.894  -8.045  1.00 13.65  ? 107 LEU A O   1 
ATOM   792 C  CB  . LEU A 1 90 ? 1.854   -6.349  -6.964  1.00 15.86  ? 107 LEU A CB  1 
ATOM   793 C  CG  . LEU A 1 90 ? 2.566   -5.013  -7.228  1.00 16.05  ? 107 LEU A CG  1 
ATOM   794 C  CD1 . LEU A 1 90 ? 3.080   -4.915  -8.661  1.00 17.59  ? 107 LEU A CD1 1 
ATOM   795 C  CD2 . LEU A 1 90 ? 1.612   -3.891  -6.852  1.00 15.56  ? 107 LEU A CD2 1 
ATOM   796 N  N   . VAL A 1 91 ? 2.684   -8.379  -8.967  1.00 13.11  ? 108 VAL A N   1 
ATOM   797 C  CA  . VAL A 1 91 ? 3.189   -8.654  -10.300 1.00 12.67  ? 108 VAL A CA  1 
ATOM   798 C  C   . VAL A 1 91 ? 2.476   -7.655  -11.217 1.00 13.39  ? 108 VAL A C   1 
ATOM   799 O  O   . VAL A 1 91 ? 1.256   -7.550  -11.207 1.00 13.20  ? 108 VAL A O   1 
ATOM   800 C  CB  . VAL A 1 91 ? 2.881   -10.115 -10.783 1.00 14.25  ? 108 VAL A CB  1 
ATOM   801 C  CG1 . VAL A 1 91 ? 3.177   -10.374 -12.268 1.00 15.57  ? 108 VAL A CG1 1 
ATOM   802 C  CG2 . VAL A 1 91 ? 3.644   -11.090 -9.876  1.00 16.66  ? 108 VAL A CG2 1 
ATOM   803 N  N   . VAL A 1 92 ? 3.231   -6.998  -12.089 1.00 13.08  ? 109 VAL A N   1 
ATOM   804 C  CA  . VAL A 1 92 ? 2.616   -6.156  -13.107 1.00 14.95  ? 109 VAL A CA  1 
ATOM   805 C  C   . VAL A 1 92 ? 2.102   -7.043  -14.256 1.00 12.79  ? 109 VAL A C   1 
ATOM   806 O  O   . VAL A 1 92 ? 2.803   -7.974  -14.755 1.00 11.35  ? 109 VAL A O   1 
ATOM   807 C  CB  . VAL A 1 92 ? 3.616   -5.057  -13.585 1.00 14.85  ? 109 VAL A CB  1 
ATOM   808 C  CG1 . VAL A 1 92 ? 3.033   -4.235  -14.729 1.00 15.81  ? 109 VAL A CG1 1 
ATOM   809 C  CG2 . VAL A 1 92 ? 4.015   -4.173  -12.411 1.00 13.29  ? 109 VAL A CG2 1 
ATOM   810 N  N   . VAL A 1 93 ? 0.877   -6.748  -14.711 1.00 12.54  ? 110 VAL A N   1 
ATOM   811 C  CA  . VAL A 1 93 ? 0.216   -7.443  -15.796 1.00 17.89  ? 110 VAL A CA  1 
ATOM   812 C  C   . VAL A 1 93 ? 0.265   -6.464  -17.031 1.00 23.69  ? 110 VAL A C   1 
ATOM   813 O  O   . VAL A 1 93 ? -0.042  -5.255  -16.911 1.00 31.69  ? 110 VAL A O   1 
ATOM   814 C  CB  . VAL A 1 93 ? -1.246  -7.910  -15.486 1.00 22.74  ? 110 VAL A CB  1 
ATOM   815 C  CG1 . VAL A 1 93 ? -1.515  -8.193  -14.009 1.00 22.64  ? 110 VAL A CG1 1 
ATOM   816 C  CG2 . VAL A 1 93 ? -2.290  -6.923  -15.987 1.00 33.48  ? 110 VAL A CG2 1 
ATOM   817 N  N   . ASN A 1 94 ? 0.684   -6.958  -18.177 1.00 33.53  ? 111 ASN A N   1 
ATOM   818 C  CA  . ASN A 1 94 ? 0.573   -6.208  -19.462 1.00 29.25  ? 111 ASN A CA  1 
ATOM   819 C  C   . ASN A 1 94 ? 0.251   -7.160  -20.612 1.00 31.33  ? 111 ASN A C   1 
ATOM   820 O  O   . ASN A 1 94 ? 0.272   -8.367  -20.406 1.00 34.56  ? 111 ASN A O   1 
ATOM   821 C  CB  . ASN A 1 94 ? 1.866   -5.399  -19.759 1.00 35.07  ? 111 ASN A CB  1 
ATOM   822 C  CG  . ASN A 1 94 ? 1.769   -3.931  -19.338 1.00 33.05  ? 111 ASN A CG  1 
ATOM   823 O  OD1 . ASN A 1 94 ? 2.544   -3.463  -18.511 1.00 25.52  ? 111 ASN A OD1 1 
ATOM   824 N  ND2 . ASN A 1 94 ? 0.808   -3.201  -19.911 1.00 29.09  ? 111 ASN A ND2 1 
HETATM 825 C  C2  . 6ST B 2 .  ? 3.169   16.268  2.736   1.00 15.95  ? 201 6ST A C2  1 
HETATM 826 C  C4  . 6ST B 2 .  ? 2.495   14.998  2.429   1.00 15.03  ? 201 6ST A C4  1 
HETATM 827 C  C5  . 6ST B 2 .  ? 1.399   14.603  3.208   1.00 11.63  ? 201 6ST A C5  1 
HETATM 828 C  C6  . 6ST B 2 .  ? 0.792   13.422  2.957   1.00 13.75  ? 201 6ST A C6  1 
HETATM 829 C  C7  . 6ST B 2 .  ? 1.257   12.605  1.942   1.00 13.79  ? 201 6ST A C7  1 
HETATM 830 C  C8  . 6ST B 2 .  ? 2.342   12.991  1.173   1.00 16.62  ? 201 6ST A C8  1 
HETATM 831 C  C12 . 6ST B 2 .  ? -0.798  11.089  2.247   1.00 14.99  ? 201 6ST A C12 1 
HETATM 832 C  C15 . 6ST B 2 .  ? -0.619  10.061  -0.008  1.00 14.81  ? 201 6ST A C15 1 
HETATM 833 C  C18 . 6ST B 2 .  ? 0.029   8.659   -0.140  1.00 13.95  ? 201 6ST A C18 1 
HETATM 834 C  C21 . 6ST B 2 .  ? -0.506  8.540   -2.679  1.00 14.54  ? 201 6ST A C21 1 
HETATM 835 C  C23 . 6ST B 2 .  ? 1.016   7.475   -4.159  1.00 17.33  ? 201 6ST A C23 1 
HETATM 836 C  C24 . 6ST B 2 .  ? 1.857   7.180   -3.106  1.00 15.27  ? 201 6ST A C24 1 
HETATM 837 C  C32 . 6ST B 2 .  ? -1.038  5.389   0.411   1.00 12.96  ? 201 6ST A C32 1 
HETATM 838 C  C33 . 6ST B 2 .  ? -0.640  4.073   0.606   1.00 13.71  ? 201 6ST A C33 1 
HETATM 839 C  C34 . 6ST B 2 .  ? 0.478   3.764   1.362   1.00 14.94  ? 201 6ST A C34 1 
HETATM 840 C  C36 . 6ST B 2 .  ? 1.215   4.759   1.930   1.00 13.85  ? 201 6ST A C36 1 
HETATM 841 C  C37 . 6ST B 2 .  ? 0.838   6.095   1.766   1.00 13.18  ? 201 6ST A C37 1 
HETATM 842 C  C38 . 6ST B 2 .  ? -0.293  6.430   1.033   1.00 13.69  ? 201 6ST A C38 1 
HETATM 843 C  C40 . 6ST B 2 .  ? -2.323  8.058   2.685   1.00 16.54  ? 201 6ST A C40 1 
HETATM 844 O  O1  . 6ST B 2 .  ? 2.604   17.129  3.588   1.00 20.97  ? 201 6ST A O1  1 
HETATM 845 O  O3  . 6ST B 2 .  ? 4.228   16.514  2.203   1.00 20.76  ? 201 6ST A O3  1 
HETATM 846 C  C9  . 6ST B 2 .  ? 2.982   14.169  1.421   1.00 14.69  ? 201 6ST A C9  1 
HETATM 847 C  C10 . 6ST B 2 .  ? 0.609   11.300  1.611   1.00 15.24  ? 201 6ST A C10 1 
HETATM 848 C  C13 . 6ST B 2 .  ? -1.398  9.950   1.331   1.00 14.60  ? 201 6ST A C13 1 
HETATM 849 N  N17 . 6ST B 2 .  ? 0.340   11.187  0.151   1.00 14.46  ? 201 6ST A N17 1 
HETATM 850 C  C20 . 6ST B 2 .  ? 0.339   8.256   -1.583  1.00 14.47  ? 201 6ST A C20 1 
HETATM 851 C  C22 . 6ST B 2 .  ? -0.156  8.186   -3.948  1.00 17.41  ? 201 6ST A C22 1 
HETATM 852 CL CL2 . 6ST B 2 .  ? 3.356   6.278   -3.352  1.00 17.40  ? 201 6ST A CL2 1 
HETATM 853 C  C26 . 6ST B 2 .  ? 1.482   7.520   -1.823  1.00 14.12  ? 201 6ST A C26 1 
HETATM 854 F  F27 . 6ST B 2 .  ? 2.320   7.186   -0.830  1.00 14.00  ? 201 6ST A F27 1 
HETATM 855 C  C28 . 6ST B 2 .  ? -0.937  7.725   0.643   1.00 13.76  ? 201 6ST A C28 1 
HETATM 856 C  C29 . 6ST B 2 .  ? -2.152  7.314   -0.177  1.00 13.30  ? 201 6ST A C29 1 
HETATM 857 O  O30 . 6ST B 2 .  ? -2.958  8.085   -0.682  1.00 16.08  ? 201 6ST A O30 1 
HETATM 858 N  N31 . 6ST B 2 .  ? -2.119  5.951   -0.262  1.00 15.06  ? 201 6ST A N31 1 
HETATM 859 CL CL3 . 6ST B 2 .  ? 0.938   2.142   1.571   1.00 18.60  ? 201 6ST A CL3 1 
HETATM 860 N  N39 . 6ST B 2 .  ? -1.199  8.606   1.847   1.00 14.45  ? 201 6ST A N39 1 
HETATM 861 C  C41 . 6ST B 2 .  ? -2.154  8.474   4.146   1.00 19.27  ? 201 6ST A C41 1 
HETATM 862 C  C42 . 6ST B 2 .  ? -2.744  7.468   5.118   1.00 23.49  ? 201 6ST A C42 1 
HETATM 863 C  C43 . 6ST B 2 .  ? -1.216  7.642   5.010   1.00 22.61  ? 201 6ST A C43 1 
HETATM 864 ZN ZN  . ZN  C 3 .  ? 4.233   18.739  8.390   0.50 92.23  2 202 ZN  A ZN  1 
HETATM 865 S  S   . SO4 D 4 .  ? 3.345   13.820  -15.575 0.50 38.73  ? 203 SO4 A S   1 
HETATM 866 O  O1  . SO4 D 4 .  ? 3.971   12.594  -16.088 0.50 38.98  ? 203 SO4 A O1  1 
HETATM 867 O  O2  . SO4 D 4 .  ? 4.375   14.742  -15.073 0.50 47.32  ? 203 SO4 A O2  1 
HETATM 868 O  O3  . SO4 D 4 .  ? 2.618   14.456  -16.696 0.50 39.28  ? 203 SO4 A O3  1 
HETATM 869 O  O4  . SO4 D 4 .  ? 2.433   13.448  -14.474 0.50 43.43  ? 203 SO4 A O4  1 
HETATM 870 O  O   . HOH E 5 .  ? -9.024  2.672   14.451  1.00 42.71  ? 301 HOH A O   1 
HETATM 871 O  O   . HOH E 5 .  ? 10.512  6.358   5.317   1.00 38.52  ? 302 HOH A O   1 
HETATM 872 O  O   . HOH E 5 .  ? 4.699   18.430  6.197   0.50 52.06  ? 303 HOH A O   1 
HETATM 873 O  O   . HOH E 5 .  ? -1.296  12.537  15.449  1.00 57.17  ? 304 HOH A O   1 
HETATM 874 O  O   . HOH E 5 .  ? 5.676   12.992  -17.953 1.00 40.40  ? 305 HOH A O   1 
HETATM 875 O  O   . HOH E 5 .  ? 3.815   0.264   15.475  1.00 31.82  ? 306 HOH A O   1 
HETATM 876 O  O   . HOH E 5 .  ? 1.675   -14.213 -10.856 1.00 46.77  ? 307 HOH A O   1 
HETATM 877 O  O   . HOH E 5 .  ? 1.072   0.794   14.598  1.00 38.06  ? 308 HOH A O   1 
HETATM 878 O  O   . HOH E 5 .  ? 5.377   11.504  18.381  1.00 31.00  ? 309 HOH A O   1 
HETATM 879 O  O   . HOH E 5 .  ? -11.195 -2.523  7.137   1.00 44.31  ? 310 HOH A O   1 
HETATM 880 O  O   . HOH E 5 .  ? 2.929   10.692  -6.256  1.00 49.10  ? 311 HOH A O   1 
HETATM 881 O  O   . HOH E 5 .  ? 2.449   10.419  -17.009 1.00 32.78  ? 312 HOH A O   1 
HETATM 882 O  O   . HOH E 5 .  ? -8.623  -10.624 4.000   1.00 38.43  ? 313 HOH A O   1 
HETATM 883 O  O   . HOH E 5 .  ? -4.377  7.504   11.251  1.00 43.83  ? 314 HOH A O   1 
HETATM 884 O  O   . HOH E 5 .  ? -4.000  -7.250  8.720   1.00 27.51  ? 315 HOH A O   1 
HETATM 885 O  O   . HOH E 5 .  ? 4.703   -6.691  11.608  1.00 41.34  ? 316 HOH A O   1 
HETATM 886 O  O   . HOH E 5 .  ? -4.578  -13.961 -0.015  1.00 38.92  ? 317 HOH A O   1 
HETATM 887 O  O   . HOH E 5 .  ? 10.116  5.961   9.789   1.00 47.43  ? 318 HOH A O   1 
HETATM 888 O  O   . HOH E 5 .  ? -7.096  6.286   0.649   1.00 28.66  ? 319 HOH A O   1 
HETATM 889 O  O   . HOH E 5 .  ? 6.070   -7.306  -12.501 1.00 39.23  ? 320 HOH A O   1 
HETATM 890 O  O   . HOH E 5 .  ? 0.946   -12.160 -8.238  1.00 35.93  ? 321 HOH A O   1 
HETATM 891 O  O   . HOH E 5 .  ? 2.240   -9.646  -0.671  1.00 25.50  ? 322 HOH A O   1 
HETATM 892 O  O   . HOH E 5 .  ? -5.361  6.424   -5.072  1.00 40.71  ? 323 HOH A O   1 
HETATM 893 O  O   . HOH E 5 .  ? 0.163   -2.010  -16.624 1.00 33.33  ? 324 HOH A O   1 
HETATM 894 O  O   . HOH E 5 .  ? -3.472  1.466   15.745  1.00 37.05  ? 325 HOH A O   1 
HETATM 895 O  O   . HOH E 5 .  ? 5.751   -8.158  -15.106 1.00 45.01  ? 326 HOH A O   1 
HETATM 896 O  O   . HOH E 5 .  ? -5.903  7.841   -1.215  1.00 37.78  ? 327 HOH A O   1 
HETATM 897 O  O   . HOH E 5 .  ? 6.853   -6.011  -9.521  1.00 35.84  ? 328 HOH A O   1 
HETATM 898 O  O   . HOH E 5 .  ? 9.831   -11.698 -5.259  1.00 44.65  ? 329 HOH A O   1 
HETATM 899 O  O   . HOH E 5 .  ? 9.421   10.480  -3.280  1.00 44.27  ? 330 HOH A O   1 
HETATM 900 O  O   . HOH E 5 .  ? -2.511  -6.906  11.566  0.50 6.99   ? 331 HOH A O   1 
HETATM 901 O  O   . HOH E 5 .  ? -1.159  0.725   16.266  1.00 35.79  ? 332 HOH A O   1 
HETATM 902 O  O   . HOH E 5 .  ? 10.922  8.554   -1.817  1.00 40.36  ? 333 HOH A O   1 
HETATM 903 O  O   . HOH E 5 .  ? 7.542   -9.698  -8.409  1.00 49.11  ? 334 HOH A O   1 
HETATM 904 O  O   . HOH E 5 .  ? -2.220  -0.802  -18.762 1.00 49.94  ? 335 HOH A O   1 
# 
